data_4RV8
#
_entry.id   4RV8
#
_cell.length_a   89.188
_cell.length_b   91.832
_cell.length_c   92.021
_cell.angle_alpha   90.00
_cell.angle_beta   103.75
_cell.angle_gamma   90.00
#
_symmetry.space_group_name_H-M   'P 1 21 1'
#
loop_
_entity.id
_entity.type
_entity.pdbx_description
1 polymer "Inosine-5'-monophosphate dehydrogenase"
2 non-polymer 'INOSINIC ACID'
3 non-polymer 1-(2-{3-[(1E)-N-(2-aminoethoxy)ethanimidoyl]phenyl}propan-2-yl)-3-(4-chloro-3-nitrophenyl)urea
4 non-polymer GLYCEROL
5 non-polymer DI(HYDROXYETHYL)ETHER
6 water water
#
_entity_poly.entity_id   1
_entity_poly.type   'polypeptide(L)'
_entity_poly.pdbx_seq_one_letter_code
;SNAMGTKNIGKGLTFEDILLVPNYSEVLPREVSLETKLTKNVSLKIPLISSAMDTVTEHLMAVGMARLGGIGIIHKNMDM
ESQVNEVLKVKNSGGLRVGAAIGVNEIERAKLLVEAGVDVIVLDSAHGHSLNIIRTLKEIKSKMNIDVIVGNVVTEEATK
ELIENGADGIKVGIGPGSI(OCS)TTRIVAGVGVPQITAIEKCSSVASKFGIPIIADGGIRYSGDIGKALAVGASSVMIG
SILAGTEESPGEKELIGDTVYKYYRGMGSVGAMKSGSGDRYFQEKRPENKMVPEGIEGRVKYKGEMEGVVYQLVGGLRSC
MGYLGSASIEELWKKSSYVEITTSGLRESHVHDVEIVKEVMNYSK
;
_entity_poly.pdbx_strand_id   A,B,C,D
#
loop_
_chem_comp.id
_chem_comp.type
_chem_comp.name
_chem_comp.formula
GOL non-polymer GLYCEROL 'C3 H8 O3'
I13 non-polymer 1-(2-{3-[(1E)-N-(2-aminoethoxy)ethanimidoyl]phenyl}propan-2-yl)-3-(4-chloro-3-nitrophenyl)urea 'C20 H24 Cl N5 O4'
IMP non-polymer 'INOSINIC ACID' 'C10 H13 N4 O8 P'
PEG non-polymer DI(HYDROXYETHYL)ETHER 'C4 H10 O3'
#
# COMPACT_ATOMS: atom_id res chain seq x y z
N MET A 4 9.93 7.95 15.78
CA MET A 4 9.43 7.92 17.16
C MET A 4 9.74 6.58 17.83
N GLY A 5 10.39 5.69 17.09
CA GLY A 5 10.86 4.43 17.63
C GLY A 5 12.36 4.49 17.85
N THR A 6 12.78 4.22 19.09
CA THR A 6 14.19 4.29 19.44
C THR A 6 15.01 3.28 18.63
N LYS A 7 14.41 2.12 18.37
CA LYS A 7 15.10 1.04 17.66
C LYS A 7 14.88 1.10 16.15
N ASN A 8 14.10 2.07 15.70
CA ASN A 8 13.80 2.27 14.29
C ASN A 8 14.99 2.93 13.58
N ILE A 9 15.69 2.19 12.74
CA ILE A 9 16.88 2.75 12.09
C ILE A 9 16.56 3.37 10.72
N GLY A 10 15.29 3.31 10.32
CA GLY A 10 14.89 3.96 9.08
C GLY A 10 14.06 3.10 8.16
N LYS A 11 13.74 3.66 7.00
CA LYS A 11 12.88 3.02 6.02
C LYS A 11 13.72 2.23 5.03
N GLY A 12 13.42 0.94 4.90
CA GLY A 12 14.15 0.09 3.98
C GLY A 12 13.44 -0.04 2.65
N LEU A 13 14.20 0.06 1.58
CA LEU A 13 13.63 -0.05 0.23
C LEU A 13 14.02 -1.35 -0.45
N THR A 14 13.07 -1.98 -1.11
CA THR A 14 13.38 -3.11 -1.96
C THR A 14 13.35 -2.66 -3.41
N PHE A 15 13.60 -3.58 -4.35
CA PHE A 15 13.64 -3.25 -5.78
C PHE A 15 12.35 -2.58 -6.24
N GLU A 16 11.20 -3.08 -5.76
CA GLU A 16 9.90 -2.57 -6.20
C GLU A 16 9.62 -1.15 -5.75
N ASP A 17 10.35 -0.69 -4.71
CA ASP A 17 10.12 0.62 -4.12
C ASP A 17 10.74 1.77 -4.92
N ILE A 18 11.60 1.44 -5.88
CA ILE A 18 12.37 2.49 -6.55
C ILE A 18 12.36 2.39 -8.08
N LEU A 19 12.71 3.50 -8.72
CA LEU A 19 12.95 3.55 -10.17
C LEU A 19 14.17 4.39 -10.44
N LEU A 20 15.01 3.95 -11.37
CA LEU A 20 16.19 4.70 -11.75
C LEU A 20 15.82 5.87 -12.67
N VAL A 21 16.40 7.03 -12.41
CA VAL A 21 16.16 8.24 -13.18
C VAL A 21 17.15 8.33 -14.35
N PRO A 22 16.65 8.61 -15.56
CA PRO A 22 17.48 8.75 -16.75
C PRO A 22 18.48 9.90 -16.67
N ASN A 23 19.66 9.70 -17.28
CA ASN A 23 20.67 10.74 -17.40
C ASN A 23 20.87 11.12 -18.87
N TYR A 24 21.50 12.26 -19.12
CA TYR A 24 22.03 12.54 -20.43
C TYR A 24 22.90 11.37 -20.91
N SER A 25 22.63 10.87 -22.10
CA SER A 25 23.35 9.70 -22.59
C SER A 25 24.00 9.92 -23.94
N GLU A 26 25.24 9.46 -24.07
CA GLU A 26 25.93 9.46 -25.35
C GLU A 26 26.26 8.03 -25.74
N VAL A 27 25.68 7.07 -25.03
CA VAL A 27 26.02 5.67 -25.30
C VAL A 27 24.77 4.85 -25.56
N LEU A 28 24.87 3.96 -26.55
CA LEU A 28 23.78 3.06 -26.90
C LEU A 28 23.86 1.80 -26.06
N PRO A 29 22.71 1.16 -25.81
CA PRO A 29 22.65 -0.11 -25.08
C PRO A 29 23.65 -1.16 -25.59
N ARG A 30 23.82 -1.25 -26.91
N ARG A 30 23.83 -1.24 -26.91
CA ARG A 30 24.71 -2.25 -27.48
CA ARG A 30 24.71 -2.24 -27.51
C ARG A 30 26.19 -1.93 -27.22
C ARG A 30 26.19 -1.91 -27.27
N GLU A 31 26.48 -0.67 -26.89
CA GLU A 31 27.87 -0.23 -26.72
C GLU A 31 28.40 -0.32 -25.29
N VAL A 32 27.52 -0.47 -24.31
CA VAL A 32 27.97 -0.47 -22.92
C VAL A 32 28.81 -1.72 -22.58
N SER A 33 29.81 -1.53 -21.74
CA SER A 33 30.60 -2.66 -21.24
C SER A 33 29.99 -3.21 -19.97
N LEU A 34 29.77 -4.53 -19.94
CA LEU A 34 29.21 -5.20 -18.77
C LEU A 34 30.26 -5.95 -17.96
N GLU A 35 31.53 -5.78 -18.31
CA GLU A 35 32.63 -6.39 -17.56
C GLU A 35 32.61 -5.93 -16.12
N THR A 36 32.86 -6.86 -15.19
CA THR A 36 32.83 -6.52 -13.77
C THR A 36 33.79 -7.41 -12.99
N LYS A 37 33.93 -7.13 -11.70
CA LYS A 37 34.72 -7.99 -10.83
C LYS A 37 33.79 -8.89 -10.04
N LEU A 38 34.10 -10.19 -10.01
CA LEU A 38 33.40 -11.13 -9.16
C LEU A 38 33.99 -11.05 -7.76
N THR A 39 35.30 -11.21 -7.69
CA THR A 39 36.07 -10.98 -6.47
C THR A 39 37.16 -10.00 -6.83
N LYS A 40 37.98 -9.61 -5.86
CA LYS A 40 39.02 -8.63 -6.15
C LYS A 40 40.09 -9.19 -7.10
N ASN A 41 40.12 -10.51 -7.28
CA ASN A 41 41.12 -11.13 -8.15
C ASN A 41 40.53 -11.88 -9.36
N VAL A 42 39.21 -11.92 -9.47
CA VAL A 42 38.56 -12.62 -10.58
C VAL A 42 37.53 -11.74 -11.30
N SER A 43 37.65 -11.66 -12.62
CA SER A 43 36.75 -10.84 -13.43
C SER A 43 35.68 -11.66 -14.15
N LEU A 44 34.62 -10.98 -14.58
CA LEU A 44 33.53 -11.59 -15.36
C LEU A 44 33.22 -10.71 -16.56
N LYS A 45 32.63 -11.31 -17.60
CA LYS A 45 32.25 -10.53 -18.79
C LYS A 45 30.85 -9.94 -18.62
N ILE A 46 29.98 -10.65 -17.91
CA ILE A 46 28.67 -10.13 -17.54
C ILE A 46 28.48 -10.34 -16.04
N PRO A 47 27.68 -9.48 -15.39
CA PRO A 47 27.60 -9.55 -13.93
C PRO A 47 26.49 -10.47 -13.41
N LEU A 48 26.45 -11.70 -13.92
CA LEU A 48 25.44 -12.68 -13.52
C LEU A 48 26.06 -13.94 -12.94
N ILE A 49 25.53 -14.38 -11.80
CA ILE A 49 25.97 -15.60 -11.13
C ILE A 49 24.77 -16.49 -10.83
N SER A 50 24.86 -17.79 -11.10
CA SER A 50 23.77 -18.70 -10.75
C SER A 50 23.91 -19.18 -9.30
N SER A 51 22.80 -19.21 -8.57
CA SER A 51 22.80 -19.54 -7.13
C SER A 51 23.30 -20.95 -6.80
N ALA A 52 23.94 -21.08 -5.64
CA ALA A 52 24.42 -22.38 -5.15
C ALA A 52 23.29 -23.20 -4.52
N MET A 53 22.34 -23.64 -5.34
CA MET A 53 21.20 -24.41 -4.86
C MET A 53 21.07 -25.71 -5.67
N ASP A 54 20.50 -26.75 -5.07
CA ASP A 54 20.47 -28.06 -5.73
C ASP A 54 19.35 -28.18 -6.77
N THR A 55 18.62 -27.09 -6.98
CA THR A 55 17.64 -27.05 -8.07
C THR A 55 18.04 -25.99 -9.09
N VAL A 56 19.25 -25.47 -8.98
CA VAL A 56 19.72 -24.40 -9.86
C VAL A 56 21.04 -24.71 -10.57
N THR A 57 22.08 -25.05 -9.82
CA THR A 57 23.42 -25.10 -10.41
C THR A 57 24.20 -26.40 -10.18
N GLU A 58 24.34 -27.19 -11.23
CA GLU A 58 25.37 -28.21 -11.29
C GLU A 58 26.20 -27.92 -12.54
N HIS A 59 26.95 -28.89 -13.06
CA HIS A 59 27.95 -28.56 -14.07
C HIS A 59 27.36 -27.97 -15.35
N LEU A 60 26.19 -28.44 -15.77
CA LEU A 60 25.61 -27.96 -17.02
C LEU A 60 25.23 -26.48 -16.93
N MET A 61 24.57 -26.11 -15.85
CA MET A 61 24.27 -24.70 -15.58
C MET A 61 25.55 -23.87 -15.44
N ALA A 62 26.54 -24.43 -14.77
CA ALA A 62 27.81 -23.73 -14.59
C ALA A 62 28.53 -23.52 -15.92
N VAL A 63 28.42 -24.50 -16.83
CA VAL A 63 29.02 -24.38 -18.15
C VAL A 63 28.27 -23.34 -18.98
N GLY A 64 26.94 -23.39 -18.90
CA GLY A 64 26.11 -22.41 -19.58
C GLY A 64 26.44 -20.99 -19.16
N MET A 65 26.52 -20.76 -17.85
CA MET A 65 26.79 -19.43 -17.31
C MET A 65 28.15 -18.89 -17.76
N ALA A 66 29.17 -19.74 -17.66
CA ALA A 66 30.54 -19.35 -17.99
C ALA A 66 30.69 -18.99 -19.48
N ARG A 67 30.08 -19.78 -20.35
CA ARG A 67 30.12 -19.52 -21.79
C ARG A 67 29.54 -18.16 -22.14
N LEU A 68 28.54 -17.72 -21.38
CA LEU A 68 27.89 -16.43 -21.65
C LEU A 68 28.61 -15.28 -20.95
N GLY A 69 29.68 -15.58 -20.22
CA GLY A 69 30.50 -14.56 -19.58
C GLY A 69 30.28 -14.43 -18.08
N GLY A 70 29.39 -15.24 -17.53
CA GLY A 70 29.09 -15.21 -16.11
C GLY A 70 29.80 -16.33 -15.39
N ILE A 71 29.19 -16.83 -14.32
CA ILE A 71 29.78 -17.93 -13.57
C ILE A 71 28.72 -18.68 -12.78
N GLY A 72 28.95 -19.97 -12.57
CA GLY A 72 28.03 -20.78 -11.78
C GLY A 72 28.67 -21.28 -10.51
N ILE A 73 27.92 -21.26 -9.41
CA ILE A 73 28.41 -21.77 -8.14
C ILE A 73 27.81 -23.15 -7.83
N ILE A 74 28.64 -24.19 -7.93
CA ILE A 74 28.22 -25.55 -7.63
C ILE A 74 27.77 -25.69 -6.17
N HIS A 75 26.54 -26.17 -5.96
CA HIS A 75 26.01 -26.29 -4.60
C HIS A 75 26.75 -27.38 -3.82
N LYS A 76 26.54 -27.38 -2.51
CA LYS A 76 27.30 -28.27 -1.63
C LYS A 76 26.44 -29.40 -1.07
N ASN A 77 25.20 -29.50 -1.54
CA ASN A 77 24.31 -30.55 -1.06
C ASN A 77 24.61 -31.88 -1.74
N MET A 78 25.85 -32.33 -1.55
CA MET A 78 26.35 -33.58 -2.13
C MET A 78 27.69 -33.86 -1.45
N ASP A 79 28.15 -35.11 -1.49
CA ASP A 79 29.45 -35.43 -0.87
C ASP A 79 30.56 -34.68 -1.60
N MET A 80 31.70 -34.54 -0.94
CA MET A 80 32.83 -33.77 -1.48
C MET A 80 33.28 -34.29 -2.84
N GLU A 81 33.28 -35.62 -3.00
CA GLU A 81 33.75 -36.24 -4.22
C GLU A 81 32.91 -35.81 -5.42
N SER A 82 31.59 -35.82 -5.26
CA SER A 82 30.69 -35.42 -6.34
C SER A 82 30.82 -33.95 -6.69
N GLN A 83 31.04 -33.11 -5.67
CA GLN A 83 31.20 -31.68 -5.90
C GLN A 83 32.48 -31.39 -6.67
N VAL A 84 33.56 -32.05 -6.29
CA VAL A 84 34.83 -31.96 -7.02
C VAL A 84 34.65 -32.39 -8.47
N ASN A 85 33.94 -33.49 -8.69
CA ASN A 85 33.67 -33.99 -10.03
C ASN A 85 32.85 -33.03 -10.90
N GLU A 86 31.91 -32.31 -10.29
CA GLU A 86 31.14 -31.33 -11.04
C GLU A 86 32.06 -30.18 -11.48
N VAL A 87 32.90 -29.72 -10.57
CA VAL A 87 33.89 -28.70 -10.86
C VAL A 87 34.82 -29.14 -11.99
N LEU A 88 35.28 -30.38 -11.93
CA LEU A 88 36.15 -30.92 -12.97
C LEU A 88 35.45 -31.00 -14.31
N LYS A 89 34.14 -31.27 -14.27
CA LYS A 89 33.34 -31.31 -15.49
C LYS A 89 33.34 -29.96 -16.20
N VAL A 90 33.21 -28.89 -15.41
CA VAL A 90 33.22 -27.55 -15.96
C VAL A 90 34.63 -27.19 -16.45
N LYS A 91 35.63 -27.54 -15.67
CA LYS A 91 37.01 -27.19 -15.97
C LYS A 91 37.53 -27.92 -17.21
N ASN A 92 37.10 -29.17 -17.38
CA ASN A 92 37.53 -29.96 -18.53
C ASN A 92 36.72 -29.63 -19.78
N SER A 93 35.84 -28.65 -19.67
CA SER A 93 35.06 -28.15 -20.80
C SER A 93 35.69 -26.87 -21.33
N GLY A 94 36.97 -26.92 -21.63
CA GLY A 94 37.72 -25.73 -22.02
C GLY A 94 38.07 -24.90 -20.79
N GLY A 95 38.79 -23.80 -21.01
CA GLY A 95 39.17 -22.92 -19.92
C GLY A 95 37.98 -22.09 -19.44
N LEU A 96 37.21 -22.65 -18.52
CA LEU A 96 36.00 -22.00 -18.05
C LEU A 96 36.00 -21.80 -16.52
N ARG A 97 35.75 -20.57 -16.09
CA ARG A 97 35.65 -20.26 -14.67
C ARG A 97 34.45 -20.94 -14.01
N VAL A 98 34.60 -21.27 -12.74
CA VAL A 98 33.54 -21.93 -11.98
C VAL A 98 33.76 -21.71 -10.49
N GLY A 99 32.67 -21.65 -9.72
CA GLY A 99 32.76 -21.50 -8.28
C GLY A 99 32.14 -22.69 -7.56
N ALA A 100 32.30 -22.74 -6.24
CA ALA A 100 31.75 -23.82 -5.43
C ALA A 100 31.46 -23.37 -4.00
N ALA A 101 30.33 -23.80 -3.47
CA ALA A 101 29.91 -23.38 -2.12
C ALA A 101 30.41 -24.32 -1.02
N ILE A 102 30.77 -23.75 0.12
CA ILE A 102 31.04 -24.53 1.32
C ILE A 102 30.29 -23.91 2.51
N GLY A 103 30.16 -24.66 3.59
CA GLY A 103 29.57 -24.15 4.82
C GLY A 103 30.60 -24.02 5.91
N VAL A 104 30.17 -23.61 7.10
CA VAL A 104 31.11 -23.38 8.21
C VAL A 104 31.91 -24.64 8.53
N ASN A 105 33.18 -24.43 8.88
CA ASN A 105 34.08 -25.51 9.30
C ASN A 105 34.33 -26.58 8.24
N GLU A 106 33.97 -26.29 6.98
CA GLU A 106 34.17 -27.28 5.91
C GLU A 106 35.50 -27.05 5.18
N ILE A 107 36.59 -27.10 5.96
CA ILE A 107 37.92 -26.85 5.45
C ILE A 107 38.42 -27.95 4.52
N GLU A 108 38.03 -29.19 4.82
CA GLU A 108 38.44 -30.31 3.99
C GLU A 108 37.81 -30.22 2.60
N ARG A 109 36.52 -29.91 2.57
CA ARG A 109 35.81 -29.73 1.30
C ARG A 109 36.46 -28.61 0.49
N ALA A 110 36.77 -27.50 1.15
CA ALA A 110 37.44 -26.38 0.50
C ALA A 110 38.76 -26.79 -0.15
N LYS A 111 39.57 -27.54 0.58
CA LYS A 111 40.87 -27.99 0.08
C LYS A 111 40.74 -28.78 -1.22
N LEU A 112 39.87 -29.78 -1.22
CA LEU A 112 39.67 -30.62 -2.40
C LEU A 112 39.17 -29.79 -3.58
N LEU A 113 38.23 -28.88 -3.31
CA LEU A 113 37.72 -28.00 -4.36
C LEU A 113 38.85 -27.18 -4.98
N VAL A 114 39.66 -26.54 -4.14
CA VAL A 114 40.79 -25.76 -4.61
C VAL A 114 41.75 -26.60 -5.45
N GLU A 115 42.04 -27.82 -4.98
CA GLU A 115 42.88 -28.75 -5.74
C GLU A 115 42.26 -29.09 -7.08
N ALA A 116 40.94 -29.13 -7.14
CA ALA A 116 40.23 -29.45 -8.37
C ALA A 116 40.19 -28.27 -9.35
N GLY A 117 40.65 -27.11 -8.90
CA GLY A 117 40.83 -25.97 -9.78
C GLY A 117 39.71 -24.93 -9.77
N VAL A 118 38.93 -24.91 -8.69
N VAL A 118 38.93 -24.91 -8.70
CA VAL A 118 37.86 -23.93 -8.59
CA VAL A 118 37.86 -23.91 -8.56
C VAL A 118 38.46 -22.52 -8.53
C VAL A 118 38.44 -22.52 -8.50
N ASP A 119 37.78 -21.57 -9.16
CA ASP A 119 38.27 -20.20 -9.23
C ASP A 119 37.89 -19.40 -7.99
N VAL A 120 36.77 -19.74 -7.37
CA VAL A 120 36.35 -19.02 -6.16
C VAL A 120 35.60 -19.96 -5.21
N ILE A 121 35.82 -19.76 -3.91
CA ILE A 121 35.06 -20.45 -2.89
C ILE A 121 33.98 -19.53 -2.33
N VAL A 122 32.75 -20.01 -2.26
CA VAL A 122 31.68 -19.23 -1.66
C VAL A 122 31.37 -19.81 -0.29
N LEU A 123 31.87 -19.12 0.74
CA LEU A 123 31.57 -19.49 2.12
C LEU A 123 30.24 -18.87 2.53
N ASP A 124 29.23 -19.71 2.70
CA ASP A 124 27.90 -19.20 2.98
C ASP A 124 27.33 -19.71 4.28
N SER A 125 26.43 -18.91 4.84
CA SER A 125 25.66 -19.26 6.02
C SER A 125 24.42 -18.37 6.02
N ALA A 126 23.37 -18.82 6.68
CA ALA A 126 22.18 -17.99 6.84
C ALA A 126 22.56 -16.67 7.49
N HIS A 127 23.57 -16.71 8.34
CA HIS A 127 24.01 -15.53 9.06
C HIS A 127 25.51 -15.35 8.96
N GLY A 128 25.95 -14.61 7.94
CA GLY A 128 27.36 -14.46 7.65
C GLY A 128 28.16 -13.72 8.70
N HIS A 129 27.50 -12.81 9.42
CA HIS A 129 28.21 -12.04 10.44
C HIS A 129 28.28 -12.80 11.76
N SER A 130 29.04 -13.89 11.78
CA SER A 130 29.10 -14.74 12.98
C SER A 130 30.49 -15.29 13.25
N LEU A 131 30.72 -15.64 14.51
CA LEU A 131 32.00 -16.17 14.97
C LEU A 131 32.48 -17.35 14.15
N ASN A 132 31.60 -18.33 13.92
CA ASN A 132 31.95 -19.53 13.17
C ASN A 132 32.38 -19.22 11.73
N ILE A 133 31.67 -18.30 11.09
CA ILE A 133 31.98 -17.94 9.72
C ILE A 133 33.36 -17.30 9.65
N ILE A 134 33.61 -16.34 10.53
CA ILE A 134 34.88 -15.63 10.56
C ILE A 134 36.04 -16.60 10.83
N ARG A 135 35.82 -17.53 11.76
CA ARG A 135 36.86 -18.52 12.05
C ARG A 135 37.14 -19.40 10.83
N THR A 136 36.09 -19.78 10.10
CA THR A 136 36.27 -20.60 8.90
C THR A 136 37.04 -19.82 7.85
N LEU A 137 36.68 -18.55 7.70
CA LEU A 137 37.34 -17.67 6.74
C LEU A 137 38.83 -17.54 7.01
N LYS A 138 39.19 -17.24 8.26
CA LYS A 138 40.58 -17.07 8.63
C LYS A 138 41.36 -18.36 8.43
N GLU A 139 40.69 -19.49 8.62
CA GLU A 139 41.34 -20.80 8.48
C GLU A 139 41.63 -21.11 7.01
N ILE A 140 40.67 -20.81 6.16
CA ILE A 140 40.84 -20.99 4.72
C ILE A 140 41.99 -20.13 4.18
N LYS A 141 41.95 -18.83 4.50
CA LYS A 141 42.93 -17.89 3.99
C LYS A 141 44.35 -18.25 4.41
N SER A 142 44.47 -18.96 5.53
CA SER A 142 45.78 -19.32 6.07
C SER A 142 46.27 -20.69 5.58
N LYS A 143 45.35 -21.55 5.16
CA LYS A 143 45.72 -22.90 4.75
C LYS A 143 45.85 -23.04 3.24
N MET A 144 45.11 -22.23 2.47
CA MET A 144 45.15 -22.36 1.02
C MET A 144 45.08 -21.02 0.29
N ASN A 145 45.38 -21.07 -1.00
CA ASN A 145 45.45 -19.88 -1.84
C ASN A 145 44.24 -19.80 -2.77
N ILE A 146 43.20 -19.09 -2.32
CA ILE A 146 41.96 -19.03 -3.07
C ILE A 146 41.19 -17.74 -2.72
N ASP A 147 40.49 -17.20 -3.72
CA ASP A 147 39.57 -16.09 -3.47
C ASP A 147 38.31 -16.59 -2.77
N VAL A 148 37.93 -15.93 -1.69
CA VAL A 148 36.74 -16.35 -0.95
C VAL A 148 35.67 -15.26 -0.90
N ILE A 149 34.50 -15.59 -1.41
CA ILE A 149 33.29 -14.79 -1.21
C ILE A 149 32.60 -15.23 0.07
N VAL A 150 32.26 -14.28 0.94
CA VAL A 150 31.57 -14.60 2.18
C VAL A 150 30.18 -13.94 2.27
N GLY A 151 29.19 -14.69 2.77
CA GLY A 151 27.86 -14.16 3.00
C GLY A 151 27.08 -15.07 3.93
N ASN A 152 25.81 -14.72 4.19
CA ASN A 152 25.21 -13.50 3.67
C ASN A 152 25.13 -12.44 4.76
N VAL A 153 25.38 -11.18 4.39
CA VAL A 153 25.32 -10.08 5.35
C VAL A 153 24.40 -8.96 4.85
N VAL A 154 24.02 -8.05 5.74
CA VAL A 154 23.20 -6.91 5.35
C VAL A 154 23.61 -5.60 6.03
N THR A 155 24.72 -5.60 6.76
CA THR A 155 25.11 -4.40 7.50
C THR A 155 26.54 -3.94 7.21
N GLU A 156 26.79 -2.66 7.48
CA GLU A 156 28.13 -2.06 7.38
C GLU A 156 29.14 -2.77 8.27
N GLU A 157 28.73 -3.05 9.50
CA GLU A 157 29.60 -3.67 10.49
C GLU A 157 30.04 -5.07 10.07
N ALA A 158 29.09 -5.85 9.58
CA ALA A 158 29.36 -7.18 9.06
C ALA A 158 30.34 -7.11 7.90
N THR A 159 30.07 -6.19 6.98
CA THR A 159 30.89 -6.03 5.80
C THR A 159 32.33 -5.69 6.18
N LYS A 160 32.46 -4.77 7.14
CA LYS A 160 33.77 -4.31 7.56
C LYS A 160 34.57 -5.45 8.21
N GLU A 161 33.91 -6.21 9.07
CA GLU A 161 34.60 -7.25 9.81
C GLU A 161 35.05 -8.39 8.89
N LEU A 162 34.20 -8.75 7.94
CA LEU A 162 34.55 -9.83 7.01
C LEU A 162 35.71 -9.45 6.10
N ILE A 163 35.70 -8.21 5.61
CA ILE A 163 36.80 -7.69 4.82
C ILE A 163 38.11 -7.68 5.63
N GLU A 164 38.03 -7.27 6.89
CA GLU A 164 39.20 -7.23 7.76
C GLU A 164 39.83 -8.61 7.94
N ASN A 165 38.98 -9.64 7.93
CA ASN A 165 39.46 -11.00 8.10
C ASN A 165 39.75 -11.72 6.78
N GLY A 166 39.75 -10.98 5.67
CA GLY A 166 40.25 -11.51 4.42
C GLY A 166 39.23 -11.86 3.34
N ALA A 167 38.00 -11.39 3.47
CA ALA A 167 36.99 -11.64 2.43
C ALA A 167 37.43 -10.99 1.11
N ASP A 168 37.31 -11.74 0.02
CA ASP A 168 37.67 -11.23 -1.30
C ASP A 168 36.44 -10.75 -2.06
N GLY A 169 35.28 -11.00 -1.48
CA GLY A 169 34.00 -10.61 -2.04
C GLY A 169 32.94 -10.76 -0.96
N ILE A 170 31.93 -9.90 -1.01
CA ILE A 170 30.90 -9.87 0.03
C ILE A 170 29.51 -10.12 -0.56
N LYS A 171 28.85 -11.17 -0.09
CA LYS A 171 27.52 -11.51 -0.62
C LYS A 171 26.40 -10.99 0.28
N VAL A 172 25.53 -10.18 -0.31
CA VAL A 172 24.50 -9.47 0.44
C VAL A 172 23.12 -10.06 0.20
N GLY A 173 22.39 -10.33 1.28
CA GLY A 173 21.02 -10.79 1.14
C GLY A 173 20.49 -11.62 2.29
N ILE A 174 19.70 -10.98 3.15
CA ILE A 174 18.94 -11.68 4.18
C ILE A 174 17.53 -11.11 4.13
N GLY A 175 16.57 -11.93 3.73
CA GLY A 175 15.24 -11.42 3.43
C GLY A 175 14.71 -11.53 2.00
N PRO A 176 15.56 -11.33 0.96
CA PRO A 176 14.90 -11.02 -0.31
C PRO A 176 14.61 -12.20 -1.24
N GLY A 177 15.11 -13.39 -0.94
CA GLY A 177 14.94 -14.53 -1.83
C GLY A 177 13.48 -14.88 -2.11
N SER A 178 13.18 -15.29 -3.34
CA SER A 178 11.81 -15.64 -3.71
C SER A 178 11.25 -16.78 -2.88
N ILE A 179 12.10 -17.72 -2.48
CA ILE A 179 11.65 -18.86 -1.67
C ILE A 179 12.00 -18.70 -0.20
N OCS A 180 12.35 -17.46 0.18
CA OCS A 180 12.81 -17.17 1.52
CB OCS A 180 13.67 -15.91 1.50
SG OCS A 180 14.01 -15.19 3.12
C OCS A 180 11.66 -17.00 2.52
O OCS A 180 10.69 -16.31 2.24
OD1 OCS A 180 14.43 -16.37 3.91
OD2 OCS A 180 12.86 -14.51 3.74
OD3 OCS A 180 15.21 -14.34 2.97
N THR A 181 11.79 -17.63 3.69
CA THR A 181 10.81 -17.40 4.75
C THR A 181 11.48 -17.01 6.07
N THR A 182 12.73 -16.57 5.98
CA THR A 182 13.44 -16.07 7.16
C THR A 182 12.68 -14.88 7.73
N ARG A 183 12.08 -14.07 6.87
N ARG A 183 12.10 -14.07 6.86
CA ARG A 183 11.36 -12.89 7.32
CA ARG A 183 11.32 -12.90 7.25
C ARG A 183 10.09 -13.23 8.12
C ARG A 183 10.11 -13.25 8.11
N ILE A 184 9.48 -14.38 7.85
CA ILE A 184 8.29 -14.76 8.58
C ILE A 184 8.58 -15.78 9.70
N VAL A 185 9.63 -16.56 9.55
CA VAL A 185 9.97 -17.55 10.58
C VAL A 185 10.75 -16.88 11.71
N ALA A 186 11.76 -16.09 11.34
CA ALA A 186 12.59 -15.41 12.33
C ALA A 186 12.22 -13.93 12.51
N GLY A 187 11.53 -13.35 11.54
CA GLY A 187 11.16 -11.94 11.62
C GLY A 187 12.31 -11.02 11.28
N VAL A 188 13.28 -11.58 10.56
CA VAL A 188 14.57 -10.92 10.32
C VAL A 188 14.76 -10.64 8.83
N GLY A 189 15.37 -9.50 8.52
CA GLY A 189 15.72 -9.19 7.14
C GLY A 189 15.97 -7.71 6.95
N VAL A 190 16.52 -7.36 5.78
CA VAL A 190 16.67 -5.97 5.34
C VAL A 190 16.36 -5.88 3.84
N PRO A 191 15.46 -4.96 3.44
CA PRO A 191 15.12 -4.76 2.02
C PRO A 191 16.38 -4.58 1.16
N GLN A 192 16.39 -5.16 -0.03
CA GLN A 192 17.66 -5.43 -0.70
C GLN A 192 18.39 -4.18 -1.20
N ILE A 193 17.65 -3.14 -1.59
CA ILE A 193 18.31 -1.92 -2.05
C ILE A 193 19.09 -1.32 -0.88
N THR A 194 18.43 -1.23 0.28
CA THR A 194 19.03 -0.67 1.49
C THR A 194 20.25 -1.48 1.94
N ALA A 195 20.16 -2.80 1.85
CA ALA A 195 21.25 -3.67 2.27
C ALA A 195 22.48 -3.50 1.35
N ILE A 196 22.25 -3.40 0.04
CA ILE A 196 23.35 -3.15 -0.90
C ILE A 196 24.00 -1.81 -0.60
N GLU A 197 23.18 -0.77 -0.39
CA GLU A 197 23.71 0.56 -0.10
C GLU A 197 24.63 0.57 1.12
N LYS A 198 24.18 -0.04 2.21
CA LYS A 198 24.94 -0.08 3.45
C LYS A 198 26.24 -0.85 3.28
N CYS A 199 26.18 -2.01 2.63
CA CYS A 199 27.37 -2.86 2.50
C CYS A 199 28.35 -2.31 1.47
N SER A 200 27.84 -1.71 0.39
N SER A 200 27.83 -1.73 0.39
CA SER A 200 28.71 -1.13 -0.63
CA SER A 200 28.68 -1.12 -0.63
C SER A 200 29.41 0.11 -0.10
C SER A 200 29.43 0.09 -0.07
N SER A 201 28.81 0.76 0.90
CA SER A 201 29.39 1.97 1.49
C SER A 201 30.73 1.66 2.18
N VAL A 202 30.87 0.44 2.68
CA VAL A 202 32.13 0.01 3.28
C VAL A 202 33.04 -0.69 2.26
N ALA A 203 32.49 -1.66 1.53
CA ALA A 203 33.26 -2.49 0.62
C ALA A 203 33.93 -1.72 -0.52
N SER A 204 33.23 -0.74 -1.08
CA SER A 204 33.78 -0.01 -2.23
C SER A 204 35.04 0.75 -1.83
N LYS A 205 35.09 1.18 -0.58
CA LYS A 205 36.26 1.88 -0.06
C LYS A 205 37.52 1.00 -0.10
N PHE A 206 37.34 -0.32 -0.12
CA PHE A 206 38.46 -1.24 -0.10
C PHE A 206 38.63 -2.02 -1.40
N GLY A 207 37.84 -1.68 -2.42
CA GLY A 207 37.93 -2.35 -3.70
C GLY A 207 37.38 -3.77 -3.65
N ILE A 208 36.49 -4.03 -2.70
CA ILE A 208 35.91 -5.35 -2.55
C ILE A 208 34.51 -5.41 -3.17
N PRO A 209 34.33 -6.28 -4.17
CA PRO A 209 33.05 -6.43 -4.89
C PRO A 209 31.89 -6.87 -4.00
N ILE A 210 30.73 -6.29 -4.22
CA ILE A 210 29.50 -6.71 -3.56
C ILE A 210 28.67 -7.59 -4.50
N ILE A 211 28.32 -8.80 -4.05
CA ILE A 211 27.37 -9.64 -4.79
C ILE A 211 25.95 -9.47 -4.24
N ALA A 212 25.02 -8.99 -5.06
CA ALA A 212 23.64 -8.83 -4.63
C ALA A 212 22.86 -10.14 -4.82
N ASP A 213 22.59 -10.83 -3.72
CA ASP A 213 22.02 -12.17 -3.75
C ASP A 213 20.55 -12.23 -3.35
N GLY A 214 19.69 -12.52 -4.33
CA GLY A 214 18.29 -12.77 -4.05
C GLY A 214 17.33 -11.66 -4.43
N GLY A 215 16.12 -12.04 -4.83
CA GLY A 215 15.05 -11.09 -5.06
C GLY A 215 14.98 -10.56 -6.48
N ILE A 216 15.90 -10.98 -7.34
CA ILE A 216 15.85 -10.59 -8.73
C ILE A 216 14.68 -11.30 -9.41
N ARG A 217 13.76 -10.53 -9.97
CA ARG A 217 12.58 -11.08 -10.64
C ARG A 217 12.56 -10.68 -12.11
N TYR A 218 13.06 -9.48 -12.40
CA TYR A 218 13.05 -8.93 -13.75
C TYR A 218 14.41 -8.36 -14.05
N SER A 219 14.72 -8.19 -15.33
CA SER A 219 15.99 -7.61 -15.74
C SER A 219 16.20 -6.24 -15.12
N GLY A 220 15.11 -5.49 -14.97
CA GLY A 220 15.17 -4.17 -14.36
C GLY A 220 15.79 -4.17 -12.97
N ASP A 221 15.59 -5.24 -12.22
CA ASP A 221 16.14 -5.36 -10.87
C ASP A 221 17.67 -5.47 -10.88
N ILE A 222 18.20 -6.09 -11.93
CA ILE A 222 19.66 -6.21 -12.06
C ILE A 222 20.27 -4.81 -12.15
N GLY A 223 19.70 -3.97 -12.99
CA GLY A 223 20.17 -2.61 -13.14
C GLY A 223 20.13 -1.85 -11.83
N LYS A 224 19.03 -2.00 -11.09
CA LYS A 224 18.87 -1.32 -9.81
C LYS A 224 19.93 -1.78 -8.81
N ALA A 225 20.18 -3.09 -8.75
CA ALA A 225 21.17 -3.64 -7.82
C ALA A 225 22.58 -3.11 -8.11
N LEU A 226 22.97 -3.17 -9.37
CA LEU A 226 24.28 -2.65 -9.77
C LEU A 226 24.37 -1.15 -9.54
N ALA A 227 23.29 -0.43 -9.83
CA ALA A 227 23.30 1.03 -9.73
C ALA A 227 23.58 1.52 -8.31
N VAL A 228 23.11 0.82 -7.30
CA VAL A 228 23.32 1.30 -5.94
C VAL A 228 24.55 0.70 -5.26
N GLY A 229 25.35 -0.06 -5.99
CA GLY A 229 26.67 -0.45 -5.49
C GLY A 229 27.13 -1.88 -5.67
N ALA A 230 26.27 -2.75 -6.18
CA ALA A 230 26.66 -4.14 -6.41
C ALA A 230 27.57 -4.24 -7.64
N SER A 231 28.45 -5.23 -7.63
CA SER A 231 29.31 -5.54 -8.79
C SER A 231 28.70 -6.66 -9.61
N SER A 232 27.86 -7.48 -8.98
CA SER A 232 27.16 -8.56 -9.66
C SER A 232 25.93 -8.99 -8.88
N VAL A 233 25.10 -9.81 -9.50
CA VAL A 233 23.90 -10.32 -8.83
C VAL A 233 23.86 -11.83 -8.96
N MET A 234 23.35 -12.47 -7.92
CA MET A 234 23.17 -13.91 -7.91
C MET A 234 21.69 -14.25 -8.07
N ILE A 235 21.40 -15.18 -8.96
CA ILE A 235 20.03 -15.44 -9.40
C ILE A 235 19.63 -16.92 -9.25
N GLY A 236 18.46 -17.14 -8.66
CA GLY A 236 17.98 -18.50 -8.44
C GLY A 236 16.74 -18.88 -9.22
N SER A 237 15.60 -18.32 -8.83
CA SER A 237 14.30 -18.75 -9.38
C SER A 237 14.22 -18.61 -10.89
N ILE A 238 14.80 -17.54 -11.43
CA ILE A 238 14.77 -17.30 -12.87
C ILE A 238 15.48 -18.42 -13.65
N LEU A 239 16.61 -18.88 -13.12
CA LEU A 239 17.39 -19.91 -13.81
C LEU A 239 16.88 -21.31 -13.53
N ALA A 240 16.19 -21.50 -12.42
CA ALA A 240 15.67 -22.81 -12.04
C ALA A 240 14.70 -23.37 -13.07
N GLY A 241 13.99 -22.49 -13.76
CA GLY A 241 13.03 -22.90 -14.78
C GLY A 241 13.63 -23.29 -16.12
N THR A 242 14.95 -23.19 -16.26
CA THR A 242 15.60 -23.47 -17.55
C THR A 242 15.99 -24.94 -17.68
N GLU A 243 16.16 -25.38 -18.92
CA GLU A 243 16.45 -26.79 -19.19
C GLU A 243 17.77 -27.22 -18.56
N GLU A 244 18.68 -26.28 -18.32
CA GLU A 244 20.01 -26.63 -17.82
C GLU A 244 20.05 -26.80 -16.30
N SER A 245 18.97 -26.44 -15.61
CA SER A 245 18.94 -26.63 -14.16
C SER A 245 18.74 -28.12 -13.84
N PRO A 246 19.28 -28.58 -12.71
CA PRO A 246 19.18 -30.01 -12.37
C PRO A 246 17.80 -30.43 -11.85
N GLY A 247 16.96 -29.47 -11.47
CA GLY A 247 15.66 -29.76 -10.89
C GLY A 247 14.76 -30.66 -11.73
N GLU A 248 13.95 -31.47 -11.05
CA GLU A 248 12.98 -32.33 -11.71
C GLU A 248 11.87 -31.52 -12.37
N LYS A 249 11.12 -32.14 -13.27
CA LYS A 249 9.99 -31.50 -13.93
C LYS A 249 8.69 -32.18 -13.54
N GLU A 250 7.61 -31.41 -13.52
CA GLU A 250 6.30 -31.96 -13.18
C GLU A 250 5.19 -31.22 -13.94
N LEU A 251 4.24 -31.98 -14.46
CA LEU A 251 3.09 -31.41 -15.15
C LEU A 251 1.98 -31.07 -14.18
N ILE A 252 1.85 -29.78 -13.86
CA ILE A 252 0.76 -29.33 -13.00
C ILE A 252 -0.40 -28.84 -13.88
N GLY A 253 -1.40 -29.69 -14.06
CA GLY A 253 -2.54 -29.36 -14.89
C GLY A 253 -2.17 -29.27 -16.36
N ASP A 254 -1.94 -28.04 -16.84
CA ASP A 254 -1.73 -27.81 -18.26
C ASP A 254 -0.27 -27.50 -18.62
N THR A 255 0.45 -26.86 -17.71
CA THR A 255 1.81 -26.40 -18.02
C THR A 255 2.89 -27.13 -17.23
N VAL A 256 4.09 -27.19 -17.81
CA VAL A 256 5.22 -27.86 -17.19
C VAL A 256 5.95 -26.95 -16.21
N TYR A 257 6.27 -27.50 -15.03
CA TYR A 257 7.00 -26.76 -14.01
C TYR A 257 8.30 -27.45 -13.63
N LYS A 258 9.27 -26.66 -13.18
CA LYS A 258 10.49 -27.18 -12.58
C LYS A 258 10.44 -27.03 -11.06
N TYR A 259 10.95 -28.02 -10.34
CA TYR A 259 11.05 -27.92 -8.89
C TYR A 259 12.04 -26.81 -8.53
N TYR A 260 11.74 -26.05 -7.48
CA TYR A 260 12.64 -25.03 -6.98
C TYR A 260 12.44 -24.90 -5.47
N ARG A 261 13.47 -25.23 -4.71
CA ARG A 261 13.34 -25.24 -3.25
C ARG A 261 14.49 -24.52 -2.56
N GLY A 262 14.19 -23.87 -1.44
CA GLY A 262 15.22 -23.26 -0.64
C GLY A 262 16.13 -24.32 -0.07
N MET A 263 17.39 -23.98 0.15
CA MET A 263 18.32 -24.90 0.76
C MET A 263 18.02 -25.05 2.24
N GLY A 264 17.17 -24.16 2.75
CA GLY A 264 16.69 -24.22 4.11
C GLY A 264 15.28 -24.79 4.21
N SER A 265 14.84 -25.45 3.15
CA SER A 265 13.55 -26.14 3.16
C SER A 265 13.69 -27.53 3.78
N VAL A 266 12.57 -28.08 4.23
CA VAL A 266 12.52 -29.43 4.79
C VAL A 266 13.12 -30.47 3.85
N GLY A 267 12.77 -30.37 2.57
CA GLY A 267 13.22 -31.33 1.59
C GLY A 267 14.71 -31.25 1.30
N ALA A 268 15.24 -30.03 1.20
CA ALA A 268 16.66 -29.83 0.96
C ALA A 268 17.49 -30.33 2.14
N MET A 269 16.98 -30.14 3.36
CA MET A 269 17.71 -30.52 4.56
C MET A 269 17.70 -32.02 4.80
N LYS A 270 16.70 -32.70 4.26
CA LYS A 270 16.64 -34.16 4.37
C LYS A 270 17.70 -34.81 3.50
N SER A 271 17.94 -34.22 2.33
CA SER A 271 18.94 -34.74 1.39
C SER A 271 20.33 -34.78 2.01
N LYS A 286 11.45 -32.10 13.69
CA LYS A 286 12.38 -31.39 14.57
C LYS A 286 13.07 -30.24 13.83
N MET A 287 12.96 -30.23 12.51
CA MET A 287 13.56 -29.18 11.71
C MET A 287 12.79 -27.86 11.87
N VAL A 288 13.50 -26.74 11.73
CA VAL A 288 12.86 -25.44 11.67
C VAL A 288 13.24 -24.77 10.35
N PRO A 289 12.47 -25.07 9.29
CA PRO A 289 12.75 -24.61 7.93
C PRO A 289 12.66 -23.09 7.78
N GLU A 290 13.51 -22.53 6.93
CA GLU A 290 13.49 -21.12 6.61
C GLU A 290 13.46 -20.92 5.10
N GLY A 291 12.93 -21.92 4.39
CA GLY A 291 12.73 -21.83 2.96
C GLY A 291 11.58 -22.74 2.55
N ILE A 292 10.92 -22.44 1.44
CA ILE A 292 9.82 -23.29 0.98
C ILE A 292 10.24 -24.16 -0.19
N GLU A 293 9.40 -25.16 -0.48
CA GLU A 293 9.55 -25.97 -1.67
C GLU A 293 8.51 -25.53 -2.69
N GLY A 294 8.96 -24.95 -3.79
CA GLY A 294 8.04 -24.39 -4.77
C GLY A 294 8.22 -24.91 -6.18
N ARG A 295 7.45 -24.33 -7.09
CA ARG A 295 7.47 -24.69 -8.50
C ARG A 295 7.59 -23.43 -9.35
N VAL A 296 8.41 -23.47 -10.39
CA VAL A 296 8.47 -22.37 -11.34
C VAL A 296 8.20 -22.89 -12.75
N LYS A 297 7.60 -22.04 -13.59
CA LYS A 297 7.25 -22.43 -14.95
C LYS A 297 8.51 -22.78 -15.75
N TYR A 298 8.43 -23.84 -16.54
CA TYR A 298 9.54 -24.23 -17.41
C TYR A 298 9.72 -23.20 -18.52
N LYS A 299 10.96 -22.73 -18.72
CA LYS A 299 11.20 -21.63 -19.64
C LYS A 299 12.14 -21.97 -20.81
N GLY A 300 12.62 -23.20 -20.87
CA GLY A 300 13.45 -23.63 -21.97
C GLY A 300 14.92 -23.34 -21.77
N GLU A 301 15.63 -23.09 -22.86
CA GLU A 301 17.08 -22.87 -22.81
C GLU A 301 17.43 -21.63 -22.00
N MET A 302 18.48 -21.73 -21.20
CA MET A 302 18.92 -20.59 -20.38
C MET A 302 19.47 -19.45 -21.23
N GLU A 303 19.99 -19.78 -22.41
CA GLU A 303 20.61 -18.75 -23.26
C GLU A 303 19.62 -17.64 -23.60
N GLY A 304 18.42 -18.03 -24.03
CA GLY A 304 17.37 -17.08 -24.31
C GLY A 304 17.00 -16.26 -23.08
N VAL A 305 17.00 -16.92 -21.92
CA VAL A 305 16.66 -16.26 -20.67
C VAL A 305 17.71 -15.21 -20.30
N VAL A 306 18.98 -15.59 -20.37
CA VAL A 306 20.09 -14.70 -20.02
C VAL A 306 20.19 -13.54 -21.00
N TYR A 307 19.90 -13.81 -22.27
CA TYR A 307 19.93 -12.76 -23.29
C TYR A 307 18.99 -11.60 -22.92
N GLN A 308 17.79 -11.93 -22.48
N GLN A 308 17.79 -11.93 -22.48
CA GLN A 308 16.81 -10.90 -22.12
CA GLN A 308 16.82 -10.90 -22.12
C GLN A 308 17.23 -10.15 -20.86
C GLN A 308 17.32 -10.12 -20.91
N LEU A 309 17.89 -10.84 -19.94
CA LEU A 309 18.39 -10.21 -18.72
C LEU A 309 19.51 -9.23 -19.04
N VAL A 310 20.48 -9.70 -19.82
CA VAL A 310 21.57 -8.84 -20.27
C VAL A 310 21.03 -7.69 -21.15
N GLY A 311 20.06 -7.99 -22.01
CA GLY A 311 19.42 -6.97 -22.81
C GLY A 311 18.79 -5.86 -21.97
N GLY A 312 18.11 -6.24 -20.90
CA GLY A 312 17.48 -5.26 -20.03
C GLY A 312 18.47 -4.37 -19.30
N LEU A 313 19.57 -4.96 -18.85
CA LEU A 313 20.63 -4.22 -18.17
C LEU A 313 21.31 -3.22 -19.10
N ARG A 314 21.58 -3.64 -20.33
CA ARG A 314 22.13 -2.76 -21.35
C ARG A 314 21.23 -1.55 -21.60
N SER A 315 19.93 -1.79 -21.71
CA SER A 315 18.93 -0.74 -21.87
C SER A 315 18.98 0.26 -20.71
N CYS A 316 19.01 -0.27 -19.49
CA CYS A 316 19.13 0.52 -18.27
C CYS A 316 20.35 1.42 -18.27
N MET A 317 21.50 0.86 -18.63
CA MET A 317 22.75 1.61 -18.60
C MET A 317 22.78 2.67 -19.70
N GLY A 318 22.08 2.39 -20.80
CA GLY A 318 21.89 3.38 -21.85
C GLY A 318 21.05 4.57 -21.36
N TYR A 319 19.96 4.29 -20.66
CA TYR A 319 19.13 5.35 -20.07
C TYR A 319 19.92 6.22 -19.11
N LEU A 320 20.86 5.62 -18.40
CA LEU A 320 21.63 6.35 -17.39
C LEU A 320 22.98 6.83 -17.93
N GLY A 321 23.16 6.74 -19.25
CA GLY A 321 24.34 7.27 -19.91
C GLY A 321 25.64 6.72 -19.35
N SER A 322 25.63 5.44 -18.97
CA SER A 322 26.79 4.85 -18.32
C SER A 322 27.38 3.72 -19.15
N ALA A 323 28.62 3.90 -19.60
CA ALA A 323 29.27 2.96 -20.49
C ALA A 323 29.94 1.79 -19.76
N SER A 324 29.85 1.81 -18.43
CA SER A 324 30.44 0.77 -17.58
C SER A 324 29.77 0.76 -16.22
N ILE A 325 30.00 -0.28 -15.43
CA ILE A 325 29.37 -0.40 -14.13
C ILE A 325 29.94 0.64 -13.17
N GLU A 326 31.25 0.87 -13.29
CA GLU A 326 31.92 1.89 -12.47
C GLU A 326 31.33 3.28 -12.71
N GLU A 327 30.98 3.56 -13.96
CA GLU A 327 30.36 4.83 -14.32
C GLU A 327 28.94 4.90 -13.77
N LEU A 328 28.21 3.80 -13.91
CA LEU A 328 26.87 3.66 -13.36
C LEU A 328 26.82 4.00 -11.86
N TRP A 329 27.83 3.56 -11.11
CA TRP A 329 27.90 3.86 -9.68
C TRP A 329 27.99 5.37 -9.44
N LYS A 330 28.69 6.06 -10.34
CA LYS A 330 28.92 7.49 -10.20
C LYS A 330 27.75 8.34 -10.67
N LYS A 331 27.02 7.84 -11.67
CA LYS A 331 25.97 8.63 -12.34
C LYS A 331 24.54 8.32 -11.90
N SER A 332 24.34 7.20 -11.22
CA SER A 332 22.97 6.73 -10.98
C SER A 332 22.27 7.49 -9.86
N SER A 333 20.96 7.64 -10.01
CA SER A 333 20.10 8.16 -8.96
C SER A 333 18.73 7.49 -9.07
N TYR A 334 17.94 7.50 -8.01
CA TYR A 334 16.62 6.89 -8.09
C TYR A 334 15.53 7.68 -7.40
N VAL A 335 14.28 7.36 -7.74
CA VAL A 335 13.10 7.93 -7.07
C VAL A 335 12.34 6.84 -6.32
N GLU A 336 11.80 7.18 -5.16
CA GLU A 336 10.88 6.29 -4.44
C GLU A 336 9.49 6.39 -5.03
N ILE A 337 8.85 5.25 -5.28
CA ILE A 337 7.50 5.26 -5.83
C ILE A 337 6.53 4.55 -4.91
N THR A 338 5.23 4.74 -5.16
CA THR A 338 4.18 4.09 -4.39
C THR A 338 3.94 2.67 -4.87
N THR A 339 3.69 1.75 -3.93
CA THR A 339 3.33 0.38 -4.28
C THR A 339 2.50 -0.23 -3.15
N ASP A 349 -6.35 -1.43 -17.28
CA ASP A 349 -7.46 -1.44 -18.23
C ASP A 349 -7.04 -2.00 -19.58
N VAL A 350 -5.83 -2.56 -19.63
CA VAL A 350 -5.32 -3.20 -20.85
C VAL A 350 -4.98 -4.65 -20.57
N GLU A 351 -5.76 -5.56 -21.14
CA GLU A 351 -5.51 -6.99 -20.97
C GLU A 351 -4.39 -7.46 -21.89
N ILE A 352 -3.32 -7.99 -21.30
CA ILE A 352 -2.18 -8.47 -22.06
C ILE A 352 -2.49 -9.81 -22.73
N VAL A 353 -2.01 -9.99 -23.95
CA VAL A 353 -2.21 -11.22 -24.69
C VAL A 353 -1.37 -12.35 -24.09
N MET B 4 17.49 7.93 3.98
CA MET B 4 18.40 6.88 4.40
C MET B 4 19.35 6.49 3.26
N GLY B 5 18.97 6.85 2.04
CA GLY B 5 19.77 6.55 0.87
C GLY B 5 20.25 7.79 0.16
N THR B 6 21.55 7.82 -0.14
CA THR B 6 22.18 9.02 -0.68
C THR B 6 21.76 9.34 -2.11
N LYS B 7 21.48 8.30 -2.90
CA LYS B 7 21.09 8.48 -4.30
C LYS B 7 19.60 8.72 -4.48
N ASN B 8 18.89 8.78 -3.35
CA ASN B 8 17.44 8.94 -3.32
C ASN B 8 17.06 10.41 -3.50
N ILE B 9 16.46 10.75 -4.63
CA ILE B 9 16.17 12.16 -4.89
C ILE B 9 14.78 12.55 -4.37
N GLY B 10 14.09 11.59 -3.77
CA GLY B 10 12.81 11.88 -3.14
C GLY B 10 11.68 10.97 -3.59
N LYS B 11 10.47 11.26 -3.12
CA LYS B 11 9.29 10.48 -3.44
C LYS B 11 8.66 10.93 -4.76
N GLY B 12 8.39 9.97 -5.64
CA GLY B 12 7.77 10.27 -6.91
C GLY B 12 6.27 10.06 -6.86
N LEU B 13 5.51 11.03 -7.36
CA LEU B 13 4.05 10.93 -7.36
C LEU B 13 3.51 10.68 -8.75
N THR B 14 2.61 9.71 -8.86
CA THR B 14 1.87 9.50 -10.10
C THR B 14 0.44 10.04 -9.92
N PHE B 15 -0.37 9.95 -10.96
CA PHE B 15 -1.73 10.50 -10.93
C PHE B 15 -2.55 10.00 -9.75
N GLU B 16 -2.46 8.71 -9.46
CA GLU B 16 -3.24 8.09 -8.38
C GLU B 16 -2.87 8.59 -6.99
N ASP B 17 -1.66 9.13 -6.87
CA ASP B 17 -1.13 9.57 -5.58
C ASP B 17 -1.69 10.93 -5.12
N ILE B 18 -2.38 11.64 -6.00
CA ILE B 18 -2.84 12.99 -5.65
C ILE B 18 -4.33 13.26 -5.95
N LEU B 19 -4.82 14.35 -5.38
CA LEU B 19 -6.14 14.89 -5.67
C LEU B 19 -6.04 16.41 -5.65
N LEU B 20 -6.73 17.06 -6.58
CA LEU B 20 -6.70 18.51 -6.65
C LEU B 20 -7.63 19.12 -5.61
N VAL B 21 -7.19 20.20 -4.98
CA VAL B 21 -7.95 20.88 -3.97
C VAL B 21 -8.79 22.00 -4.59
N PRO B 22 -10.10 22.05 -4.27
CA PRO B 22 -10.98 23.08 -4.83
C PRO B 22 -10.63 24.49 -4.35
N ASN B 23 -10.83 25.47 -5.23
CA ASN B 23 -10.64 26.88 -4.92
C ASN B 23 -11.97 27.59 -4.96
N TYR B 24 -12.02 28.81 -4.42
CA TYR B 24 -13.16 29.69 -4.67
C TYR B 24 -13.39 29.79 -6.18
N SER B 25 -14.63 29.63 -6.62
CA SER B 25 -14.92 29.65 -8.05
C SER B 25 -16.02 30.63 -8.40
N GLU B 26 -15.80 31.38 -9.46
CA GLU B 26 -16.81 32.25 -10.05
C GLU B 26 -17.06 31.83 -11.49
N VAL B 27 -16.63 30.63 -11.86
CA VAL B 27 -16.81 30.18 -13.24
C VAL B 27 -17.44 28.79 -13.29
N LEU B 28 -18.36 28.61 -14.23
CA LEU B 28 -19.01 27.32 -14.46
C LEU B 28 -18.15 26.46 -15.38
N PRO B 29 -18.28 25.14 -15.29
CA PRO B 29 -17.56 24.23 -16.19
C PRO B 29 -17.79 24.54 -17.67
N ARG B 30 -19.02 24.92 -18.04
N ARG B 30 -19.02 24.92 -18.04
CA ARG B 30 -19.32 25.20 -19.45
CA ARG B 30 -19.32 25.19 -19.45
C ARG B 30 -18.62 26.47 -19.93
C ARG B 30 -18.69 26.50 -19.93
N GLU B 31 -18.28 27.35 -19.00
CA GLU B 31 -17.71 28.65 -19.34
C GLU B 31 -16.19 28.67 -19.51
N VAL B 32 -15.50 27.64 -19.01
CA VAL B 32 -14.04 27.65 -19.05
C VAL B 32 -13.51 27.51 -20.47
N SER B 33 -12.38 28.18 -20.73
CA SER B 33 -11.69 28.02 -22.00
C SER B 33 -10.66 26.90 -21.90
N LEU B 34 -10.71 25.97 -22.86
CA LEU B 34 -9.77 24.87 -22.94
C LEU B 34 -8.64 25.13 -23.94
N GLU B 35 -8.62 26.33 -24.52
CA GLU B 35 -7.61 26.69 -25.52
C GLU B 35 -6.20 26.57 -24.95
N THR B 36 -5.26 26.08 -25.75
CA THR B 36 -3.91 25.86 -25.26
C THR B 36 -2.88 25.90 -26.39
N LYS B 37 -1.61 25.97 -25.99
N LYS B 37 -1.61 25.97 -26.00
CA LYS B 37 -0.50 25.90 -26.94
CA LYS B 37 -0.53 25.91 -26.96
C LYS B 37 -0.03 24.47 -27.08
C LYS B 37 -0.02 24.49 -27.08
N LEU B 38 0.10 23.99 -28.31
CA LEU B 38 0.64 22.67 -28.56
C LEU B 38 2.16 22.79 -28.61
N THR B 39 2.60 23.76 -29.40
CA THR B 39 4.00 24.16 -29.49
C THR B 39 4.02 25.67 -29.37
N LYS B 40 5.20 26.27 -29.40
CA LYS B 40 5.28 27.72 -29.23
C LYS B 40 4.64 28.49 -30.39
N ASN B 41 4.37 27.81 -31.51
CA ASN B 41 3.78 28.47 -32.68
C ASN B 41 2.47 27.84 -33.15
N VAL B 42 2.00 26.81 -32.45
CA VAL B 42 0.76 26.13 -32.83
C VAL B 42 -0.20 26.03 -31.66
N SER B 43 -1.43 26.52 -31.84
CA SER B 43 -2.45 26.47 -30.79
C SER B 43 -3.51 25.42 -31.08
N LEU B 44 -4.17 24.94 -30.02
CA LEU B 44 -5.25 23.95 -30.14
C LEU B 44 -6.48 24.43 -29.38
N LYS B 45 -7.65 23.91 -29.75
CA LYS B 45 -8.89 24.31 -29.07
C LYS B 45 -9.12 23.51 -27.79
N ILE B 46 -8.75 22.24 -27.78
CA ILE B 46 -8.73 21.43 -26.57
C ILE B 46 -7.34 20.84 -26.43
N PRO B 47 -6.92 20.52 -25.18
CA PRO B 47 -5.53 20.07 -24.98
C PRO B 47 -5.34 18.56 -25.08
N LEU B 48 -5.93 17.93 -26.08
CA LEU B 48 -5.81 16.49 -26.25
C LEU B 48 -5.09 16.13 -27.55
N ILE B 49 -4.14 15.19 -27.45
CA ILE B 49 -3.39 14.69 -28.59
C ILE B 49 -3.46 13.16 -28.62
N SER B 50 -3.71 12.58 -29.78
CA SER B 50 -3.70 11.12 -29.87
C SER B 50 -2.27 10.62 -30.14
N SER B 51 -1.89 9.52 -29.48
CA SER B 51 -0.53 8.99 -29.55
C SER B 51 -0.11 8.53 -30.94
N ALA B 52 1.18 8.66 -31.22
CA ALA B 52 1.75 8.18 -32.48
C ALA B 52 2.05 6.68 -32.43
N MET B 53 0.99 5.88 -32.48
CA MET B 53 1.12 4.42 -32.40
C MET B 53 0.29 3.78 -33.52
N ASP B 54 0.71 2.60 -34.00
CA ASP B 54 0.04 2.00 -35.14
C ASP B 54 -1.27 1.29 -34.77
N THR B 55 -1.66 1.37 -33.50
CA THR B 55 -2.99 0.89 -33.12
C THR B 55 -3.85 2.05 -32.59
N VAL B 56 -3.42 3.28 -32.86
CA VAL B 56 -4.12 4.45 -32.34
C VAL B 56 -4.41 5.50 -33.40
N THR B 57 -3.38 5.99 -34.09
CA THR B 57 -3.54 7.15 -34.96
C THR B 57 -3.08 6.97 -36.40
N GLU B 58 -4.04 6.88 -37.30
CA GLU B 58 -3.81 7.13 -38.71
C GLU B 58 -4.75 8.27 -39.11
N HIS B 59 -5.09 8.39 -40.39
CA HIS B 59 -5.76 9.61 -40.84
C HIS B 59 -7.16 9.78 -40.24
N LEU B 60 -7.91 8.70 -40.08
CA LEU B 60 -9.28 8.81 -39.58
C LEU B 60 -9.31 9.32 -38.13
N MET B 61 -8.42 8.78 -37.31
CA MET B 61 -8.28 9.25 -35.92
C MET B 61 -7.83 10.71 -35.90
N ALA B 62 -6.87 11.04 -36.77
CA ALA B 62 -6.32 12.39 -36.82
C ALA B 62 -7.36 13.42 -37.24
N VAL B 63 -8.28 13.04 -38.11
CA VAL B 63 -9.33 13.94 -38.57
C VAL B 63 -10.33 14.19 -37.44
N GLY B 64 -10.71 13.11 -36.77
CA GLY B 64 -11.59 13.19 -35.62
C GLY B 64 -11.03 14.08 -34.52
N MET B 65 -9.75 13.92 -34.21
CA MET B 65 -9.12 14.72 -33.15
C MET B 65 -9.10 16.19 -33.55
N ALA B 66 -8.77 16.47 -34.80
CA ALA B 66 -8.71 17.84 -35.31
C ALA B 66 -10.05 18.55 -35.26
N ARG B 67 -11.10 17.87 -35.73
CA ARG B 67 -12.42 18.47 -35.80
C ARG B 67 -12.98 18.77 -34.41
N LEU B 68 -12.53 18.03 -33.41
CA LEU B 68 -12.94 18.24 -32.04
C LEU B 68 -12.08 19.29 -31.33
N GLY B 69 -11.04 19.76 -32.01
CA GLY B 69 -10.22 20.85 -31.49
C GLY B 69 -8.83 20.43 -31.06
N GLY B 70 -8.55 19.13 -31.15
CA GLY B 70 -7.25 18.61 -30.76
C GLY B 70 -6.40 18.30 -31.97
N ILE B 71 -5.54 17.28 -31.86
CA ILE B 71 -4.69 16.92 -32.98
C ILE B 71 -4.23 15.47 -32.90
N GLY B 72 -3.98 14.88 -34.06
CA GLY B 72 -3.50 13.52 -34.10
C GLY B 72 -2.09 13.46 -34.64
N ILE B 73 -1.27 12.58 -34.06
CA ILE B 73 0.08 12.37 -34.56
C ILE B 73 0.17 11.05 -35.33
N ILE B 74 0.31 11.15 -36.64
CA ILE B 74 0.46 9.97 -37.49
C ILE B 74 1.71 9.19 -37.14
N HIS B 75 1.56 7.90 -36.85
CA HIS B 75 2.70 7.08 -36.43
C HIS B 75 3.67 6.86 -37.58
N LYS B 76 4.85 6.34 -37.27
CA LYS B 76 5.91 6.22 -38.27
C LYS B 76 6.19 4.77 -38.68
N ASN B 77 5.37 3.84 -38.20
CA ASN B 77 5.56 2.42 -38.54
C ASN B 77 4.99 2.12 -39.93
N MET B 78 5.44 2.90 -40.90
CA MET B 78 5.05 2.75 -42.29
C MET B 78 6.11 3.46 -43.13
N ASP B 79 6.12 3.20 -44.43
CA ASP B 79 7.10 3.84 -45.30
C ASP B 79 6.81 5.35 -45.40
N MET B 80 7.80 6.11 -45.84
CA MET B 80 7.68 7.57 -45.90
C MET B 80 6.50 8.01 -46.76
N GLU B 81 6.35 7.40 -47.93
CA GLU B 81 5.26 7.75 -48.83
C GLU B 81 3.91 7.49 -48.19
N SER B 82 3.80 6.39 -47.44
CA SER B 82 2.55 6.06 -46.77
C SER B 82 2.22 7.06 -45.67
N GLN B 83 3.25 7.51 -44.95
CA GLN B 83 3.02 8.47 -43.87
C GLN B 83 2.62 9.83 -44.46
N VAL B 84 3.32 10.24 -45.51
CA VAL B 84 2.97 11.44 -46.24
C VAL B 84 1.53 11.39 -46.74
N ASN B 85 1.13 10.25 -47.30
CA ASN B 85 -0.23 10.06 -47.79
C ASN B 85 -1.29 10.20 -46.69
N GLU B 86 -0.99 9.72 -45.48
CA GLU B 86 -1.91 9.88 -44.37
C GLU B 86 -2.05 11.36 -44.00
N VAL B 87 -0.92 12.07 -43.98
CA VAL B 87 -0.92 13.49 -43.67
C VAL B 87 -1.75 14.27 -44.70
N LEU B 88 -1.59 13.92 -45.98
CA LEU B 88 -2.32 14.59 -47.05
C LEU B 88 -3.81 14.31 -46.98
N LYS B 89 -4.18 13.11 -46.52
CA LYS B 89 -5.59 12.77 -46.34
C LYS B 89 -6.25 13.71 -45.33
N VAL B 90 -5.52 14.03 -44.26
CA VAL B 90 -6.06 14.91 -43.22
C VAL B 90 -6.13 16.36 -43.71
N LYS B 91 -5.08 16.78 -44.43
CA LYS B 91 -5.02 18.16 -44.92
C LYS B 91 -6.10 18.45 -45.96
N ASN B 92 -6.48 17.44 -46.73
CA ASN B 92 -7.49 17.60 -47.76
C ASN B 92 -8.91 17.49 -47.22
N SER B 93 -9.02 17.27 -45.91
CA SER B 93 -10.32 17.21 -45.24
C SER B 93 -10.65 18.56 -44.63
N GLY B 94 -10.27 19.63 -45.31
CA GLY B 94 -10.42 20.97 -44.79
C GLY B 94 -9.14 21.42 -44.12
N GLY B 95 -9.08 22.67 -43.70
CA GLY B 95 -7.91 23.19 -43.02
C GLY B 95 -7.78 22.63 -41.61
N LEU B 96 -7.29 21.41 -41.51
CA LEU B 96 -7.19 20.73 -40.21
C LEU B 96 -5.74 20.48 -39.81
N ARG B 97 -5.42 20.83 -38.56
CA ARG B 97 -4.10 20.56 -37.99
C ARG B 97 -3.81 19.05 -38.02
N VAL B 98 -2.54 18.71 -38.16
CA VAL B 98 -2.10 17.32 -38.10
C VAL B 98 -0.61 17.26 -37.76
N GLY B 99 -0.21 16.25 -37.00
CA GLY B 99 1.20 16.06 -36.68
C GLY B 99 1.72 14.76 -37.25
N ALA B 100 3.03 14.55 -37.14
CA ALA B 100 3.64 13.30 -37.61
C ALA B 100 4.94 13.00 -36.85
N ALA B 101 5.15 11.71 -36.57
CA ALA B 101 6.30 11.28 -35.79
C ALA B 101 7.46 10.81 -36.65
N ILE B 102 8.68 11.15 -36.22
CA ILE B 102 9.90 10.62 -36.81
C ILE B 102 10.81 10.10 -35.71
N GLY B 103 11.82 9.30 -36.08
CA GLY B 103 12.81 8.83 -35.13
C GLY B 103 14.13 9.53 -35.37
N VAL B 104 15.17 9.13 -34.63
CA VAL B 104 16.49 9.73 -34.79
C VAL B 104 17.04 9.54 -36.21
N ASN B 105 17.71 10.58 -36.71
CA ASN B 105 18.35 10.58 -38.02
C ASN B 105 17.38 10.45 -39.20
N GLU B 106 16.08 10.59 -38.96
CA GLU B 106 15.12 10.46 -40.06
C GLU B 106 14.83 11.83 -40.69
N ILE B 107 15.89 12.45 -41.21
CA ILE B 107 15.80 13.78 -41.80
C ILE B 107 15.03 13.76 -43.11
N GLU B 108 15.25 12.73 -43.93
CA GLU B 108 14.55 12.62 -45.20
C GLU B 108 13.04 12.52 -44.97
N ARG B 109 12.64 11.67 -44.04
CA ARG B 109 11.23 11.51 -43.69
C ARG B 109 10.62 12.84 -43.23
N ALA B 110 11.36 13.57 -42.39
CA ALA B 110 10.88 14.85 -41.87
C ALA B 110 10.66 15.87 -42.98
N LYS B 111 11.58 15.91 -43.94
CA LYS B 111 11.49 16.83 -45.07
C LYS B 111 10.24 16.57 -45.90
N LEU B 112 9.97 15.31 -46.20
CA LEU B 112 8.80 14.95 -46.99
C LEU B 112 7.51 15.29 -46.24
N LEU B 113 7.50 15.11 -44.93
CA LEU B 113 6.31 15.42 -44.14
C LEU B 113 6.06 16.94 -44.13
N VAL B 114 7.12 17.72 -43.95
CA VAL B 114 7.02 19.17 -43.95
C VAL B 114 6.51 19.68 -45.30
N GLU B 115 7.08 19.18 -46.38
CA GLU B 115 6.64 19.53 -47.73
C GLU B 115 5.18 19.14 -47.95
N ALA B 116 4.70 18.15 -47.20
CA ALA B 116 3.32 17.68 -47.33
C ALA B 116 2.35 18.49 -46.48
N GLY B 117 2.87 19.45 -45.73
CA GLY B 117 2.03 20.38 -44.98
C GLY B 117 1.72 20.00 -43.55
N VAL B 118 2.53 19.13 -42.94
CA VAL B 118 2.31 18.75 -41.55
C VAL B 118 2.56 19.99 -40.68
N ASP B 119 1.85 20.09 -39.57
CA ASP B 119 1.92 21.28 -38.73
C ASP B 119 2.99 21.17 -37.64
N VAL B 120 3.30 19.94 -37.25
CA VAL B 120 4.32 19.73 -36.24
C VAL B 120 5.02 18.40 -36.46
N ILE B 121 6.33 18.37 -36.25
CA ILE B 121 7.10 17.14 -36.25
C ILE B 121 7.33 16.67 -34.81
N VAL B 122 6.97 15.42 -34.53
CA VAL B 122 7.28 14.85 -33.22
C VAL B 122 8.51 13.96 -33.32
N LEU B 123 9.63 14.48 -32.84
CA LEU B 123 10.88 13.73 -32.79
C LEU B 123 10.91 12.91 -31.51
N ASP B 124 10.73 11.61 -31.63
CA ASP B 124 10.56 10.76 -30.47
C ASP B 124 11.61 9.68 -30.34
N SER B 125 11.94 9.37 -29.09
CA SER B 125 12.80 8.25 -28.77
C SER B 125 12.47 7.77 -27.37
N ALA B 126 12.85 6.54 -27.06
CA ALA B 126 12.68 6.00 -25.72
C ALA B 126 13.41 6.88 -24.71
N HIS B 127 14.56 7.41 -25.13
CA HIS B 127 15.38 8.27 -24.29
C HIS B 127 15.69 9.57 -25.01
N GLY B 128 14.85 10.58 -24.80
CA GLY B 128 14.99 11.85 -25.49
C GLY B 128 16.23 12.65 -25.15
N HIS B 129 16.73 12.50 -23.93
CA HIS B 129 17.92 13.23 -23.51
C HIS B 129 19.18 12.50 -23.96
N SER B 130 19.47 12.53 -25.25
CA SER B 130 20.62 11.82 -25.77
C SER B 130 21.29 12.58 -26.90
N LEU B 131 22.52 12.19 -27.22
CA LEU B 131 23.31 12.84 -28.25
C LEU B 131 22.64 12.73 -29.62
N ASN B 132 22.19 11.53 -29.97
CA ASN B 132 21.53 11.28 -31.24
C ASN B 132 20.29 12.15 -31.45
N ILE B 133 19.47 12.28 -30.41
CA ILE B 133 18.27 13.08 -30.49
C ILE B 133 18.61 14.55 -30.69
N ILE B 134 19.55 15.06 -29.90
CA ILE B 134 19.94 16.46 -29.98
C ILE B 134 20.49 16.81 -31.38
N ARG B 135 21.31 15.91 -31.93
CA ARG B 135 21.87 16.14 -33.26
C ARG B 135 20.79 16.13 -34.34
N THR B 136 19.81 15.22 -34.21
CA THR B 136 18.71 15.15 -35.16
C THR B 136 17.89 16.43 -35.10
N LEU B 137 17.66 16.93 -33.90
CA LEU B 137 16.91 18.15 -33.68
C LEU B 137 17.58 19.34 -34.37
N LYS B 138 18.86 19.55 -34.09
CA LYS B 138 19.60 20.66 -34.67
C LYS B 138 19.65 20.57 -36.20
N GLU B 139 19.65 19.35 -36.72
CA GLU B 139 19.69 19.14 -38.16
C GLU B 139 18.38 19.58 -38.81
N ILE B 140 17.27 19.23 -38.17
CA ILE B 140 15.94 19.61 -38.66
C ILE B 140 15.76 21.13 -38.64
N LYS B 141 15.99 21.74 -37.48
CA LYS B 141 15.82 23.18 -37.32
C LYS B 141 16.68 23.98 -38.31
N SER B 142 17.79 23.40 -38.74
CA SER B 142 18.70 24.09 -39.65
C SER B 142 18.35 23.90 -41.12
N LYS B 143 17.65 22.80 -41.44
CA LYS B 143 17.38 22.46 -42.83
C LYS B 143 15.96 22.77 -43.28
N MET B 144 15.03 22.84 -42.34
CA MET B 144 13.64 23.10 -42.69
C MET B 144 12.96 23.98 -41.64
N ASN B 145 11.78 24.48 -41.98
CA ASN B 145 11.06 25.42 -41.13
C ASN B 145 9.79 24.81 -40.55
N ILE B 146 9.89 24.25 -39.35
CA ILE B 146 8.73 23.67 -38.72
C ILE B 146 8.93 23.55 -37.21
N ASP B 147 7.81 23.55 -36.48
CA ASP B 147 7.83 23.33 -35.04
C ASP B 147 8.15 21.88 -34.70
N VAL B 148 9.11 21.69 -33.80
CA VAL B 148 9.52 20.34 -33.44
C VAL B 148 9.24 20.03 -31.97
N ILE B 149 8.42 19.00 -31.74
CA ILE B 149 8.21 18.48 -30.40
C ILE B 149 9.19 17.36 -30.14
N VAL B 150 9.98 17.48 -29.07
CA VAL B 150 10.98 16.47 -28.74
C VAL B 150 10.66 15.74 -27.44
N GLY B 151 10.83 14.42 -27.44
CA GLY B 151 10.62 13.62 -26.25
C GLY B 151 11.29 12.26 -26.42
N ASN B 152 11.19 11.40 -25.42
CA ASN B 152 10.54 11.71 -24.15
C ASN B 152 11.57 11.96 -23.04
N VAL B 153 11.30 12.93 -22.18
CA VAL B 153 12.22 13.25 -21.09
C VAL B 153 11.47 13.35 -19.75
N VAL B 154 12.21 13.32 -18.64
CA VAL B 154 11.60 13.39 -17.32
C VAL B 154 12.37 14.28 -16.36
N THR B 155 13.38 15.00 -16.83
CA THR B 155 14.21 15.79 -15.93
C THR B 155 14.35 17.25 -16.35
N GLU B 156 14.71 18.10 -15.39
CA GLU B 156 15.02 19.50 -15.63
C GLU B 156 16.15 19.69 -16.63
N GLU B 157 17.26 18.97 -16.40
CA GLU B 157 18.43 19.07 -17.26
C GLU B 157 18.09 18.73 -18.72
N ALA B 158 17.30 17.69 -18.91
CA ALA B 158 16.90 17.25 -20.24
C ALA B 158 16.06 18.32 -20.93
N THR B 159 15.10 18.85 -20.18
CA THR B 159 14.23 19.89 -20.67
C THR B 159 15.01 21.12 -21.10
N LYS B 160 15.95 21.54 -20.26
CA LYS B 160 16.72 22.74 -20.53
C LYS B 160 17.58 22.58 -21.78
N GLU B 161 18.20 21.42 -21.93
CA GLU B 161 19.11 21.19 -23.05
C GLU B 161 18.37 21.11 -24.39
N LEU B 162 17.26 20.38 -24.42
CA LEU B 162 16.46 20.29 -25.63
C LEU B 162 15.92 21.66 -26.05
N ILE B 163 15.49 22.46 -25.09
CA ILE B 163 15.00 23.81 -25.39
C ILE B 163 16.10 24.69 -25.97
N GLU B 164 17.28 24.63 -25.36
CA GLU B 164 18.42 25.42 -25.83
C GLU B 164 18.81 25.04 -27.26
N ASN B 165 18.58 23.78 -27.62
CA ASN B 165 18.92 23.31 -28.95
C ASN B 165 17.76 23.44 -29.95
N GLY B 166 16.66 24.08 -29.52
CA GLY B 166 15.63 24.50 -30.45
C GLY B 166 14.29 23.81 -30.40
N ALA B 167 14.05 23.03 -29.36
CA ALA B 167 12.77 22.34 -29.19
C ALA B 167 11.62 23.35 -29.06
N ASP B 168 10.52 23.08 -29.75
CA ASP B 168 9.37 23.98 -29.72
C ASP B 168 8.30 23.42 -28.79
N GLY B 169 8.52 22.18 -28.35
CA GLY B 169 7.64 21.53 -27.42
C GLY B 169 8.43 20.40 -26.77
N ILE B 170 8.06 20.05 -25.55
CA ILE B 170 8.77 19.02 -24.82
C ILE B 170 7.80 17.94 -24.37
N LYS B 171 8.04 16.70 -24.78
CA LYS B 171 7.15 15.60 -24.41
C LYS B 171 7.70 14.84 -23.21
N VAL B 172 6.89 14.75 -22.17
CA VAL B 172 7.30 14.20 -20.89
C VAL B 172 6.65 12.84 -20.64
N GLY B 173 7.46 11.85 -20.29
CA GLY B 173 6.92 10.53 -19.98
C GLY B 173 7.86 9.37 -20.23
N ILE B 174 8.42 8.85 -19.15
CA ILE B 174 9.21 7.62 -19.18
C ILE B 174 8.78 6.80 -17.98
N GLY B 175 8.11 5.67 -18.23
CA GLY B 175 7.45 4.96 -17.16
C GLY B 175 5.92 4.83 -17.16
N PRO B 176 5.17 5.90 -17.52
CA PRO B 176 3.75 5.84 -17.15
C PRO B 176 2.80 5.15 -18.12
N GLY B 177 3.22 4.85 -19.36
CA GLY B 177 2.30 4.30 -20.34
C GLY B 177 1.62 3.01 -19.91
N SER B 178 0.37 2.82 -20.34
CA SER B 178 -0.39 1.63 -19.94
C SER B 178 0.23 0.33 -20.43
N ILE B 179 0.94 0.39 -21.56
CA ILE B 179 1.53 -0.82 -22.14
C ILE B 179 3.04 -0.85 -21.94
N OCS B 180 3.53 0.03 -21.07
CA OCS B 180 4.95 0.23 -20.88
CB OCS B 180 5.18 1.64 -20.32
SG OCS B 180 6.84 1.98 -19.70
C OCS B 180 5.60 -0.82 -19.97
O OCS B 180 5.04 -1.18 -18.93
OD1 OCS B 180 7.12 1.26 -18.42
OD2 OCS B 180 7.04 3.43 -19.62
OD3 OCS B 180 7.74 1.53 -20.78
N THR B 181 6.77 -1.33 -20.36
CA THR B 181 7.52 -2.22 -19.48
C THR B 181 8.96 -1.76 -19.32
N THR B 182 9.26 -0.52 -19.72
CA THR B 182 10.57 0.07 -19.46
C THR B 182 10.87 0.01 -17.97
N ARG B 183 9.82 0.23 -17.17
N ARG B 183 9.84 0.19 -17.16
CA ARG B 183 9.90 0.12 -15.72
CA ARG B 183 9.98 0.14 -15.71
C ARG B 183 10.45 -1.22 -15.25
C ARG B 183 10.42 -1.24 -15.19
N ILE B 184 9.98 -2.30 -15.84
CA ILE B 184 10.35 -3.63 -15.37
C ILE B 184 11.50 -4.25 -16.17
N VAL B 185 11.67 -3.82 -17.42
CA VAL B 185 12.75 -4.34 -18.26
C VAL B 185 14.06 -3.62 -17.96
N ALA B 186 13.98 -2.30 -17.81
CA ALA B 186 15.17 -1.49 -17.58
C ALA B 186 15.27 -0.97 -16.14
N GLY B 187 14.16 -1.01 -15.40
CA GLY B 187 14.16 -0.51 -14.03
C GLY B 187 14.18 1.00 -13.98
N VAL B 188 13.71 1.62 -15.07
CA VAL B 188 13.85 3.04 -15.30
C VAL B 188 12.49 3.71 -15.40
N GLY B 189 12.37 4.91 -14.82
CA GLY B 189 11.16 5.68 -14.94
C GLY B 189 11.06 6.80 -13.92
N VAL B 190 10.08 7.67 -14.13
CA VAL B 190 9.72 8.68 -13.14
C VAL B 190 8.22 8.82 -13.12
N PRO B 191 7.61 8.74 -11.92
CA PRO B 191 6.17 8.98 -11.75
C PRO B 191 5.73 10.27 -12.43
N GLN B 192 4.59 10.23 -13.12
CA GLN B 192 4.27 11.28 -14.08
C GLN B 192 3.99 12.66 -13.49
N ILE B 193 3.37 12.74 -12.31
CA ILE B 193 3.13 14.05 -11.72
C ILE B 193 4.48 14.73 -11.43
N THR B 194 5.38 14.01 -10.77
CA THR B 194 6.71 14.51 -10.45
C THR B 194 7.48 14.90 -11.73
N ALA B 195 7.37 14.07 -12.76
CA ALA B 195 8.07 14.33 -14.02
C ALA B 195 7.59 15.63 -14.67
N ILE B 196 6.28 15.82 -14.69
CA ILE B 196 5.72 17.05 -15.26
C ILE B 196 6.18 18.26 -14.44
N GLU B 197 6.14 18.14 -13.12
CA GLU B 197 6.56 19.23 -12.23
C GLU B 197 8.00 19.69 -12.50
N LYS B 198 8.92 18.73 -12.59
CA LYS B 198 10.32 19.03 -12.83
C LYS B 198 10.51 19.69 -14.20
N CYS B 199 9.89 19.13 -15.24
CA CYS B 199 10.10 19.65 -16.58
C CYS B 199 9.42 21.00 -16.81
N SER B 200 8.27 21.22 -16.17
N SER B 200 8.28 21.22 -16.17
CA SER B 200 7.54 22.48 -16.30
CA SER B 200 7.54 22.49 -16.32
C SER B 200 8.25 23.62 -15.57
C SER B 200 8.23 23.62 -15.56
N SER B 201 8.96 23.28 -14.50
CA SER B 201 9.70 24.27 -13.72
C SER B 201 10.75 24.95 -14.60
N VAL B 202 11.25 24.23 -15.59
CA VAL B 202 12.21 24.79 -16.54
C VAL B 202 11.52 25.39 -17.77
N ALA B 203 10.62 24.63 -18.38
CA ALA B 203 10.04 25.00 -19.67
C ALA B 203 9.15 26.24 -19.60
N SER B 204 8.50 26.46 -18.45
CA SER B 204 7.59 27.59 -18.33
C SER B 204 8.36 28.92 -18.32
N LYS B 205 9.63 28.88 -17.93
CA LYS B 205 10.44 30.09 -17.94
C LYS B 205 10.75 30.54 -19.37
N PHE B 206 10.67 29.61 -20.32
CA PHE B 206 10.98 29.90 -21.72
C PHE B 206 9.72 30.01 -22.58
N GLY B 207 8.57 29.76 -21.98
CA GLY B 207 7.31 29.77 -22.71
C GLY B 207 7.19 28.60 -23.66
N ILE B 208 7.81 27.48 -23.28
CA ILE B 208 7.76 26.26 -24.09
C ILE B 208 6.78 25.25 -23.48
N PRO B 209 5.76 24.85 -24.25
CA PRO B 209 4.71 23.93 -23.81
C PRO B 209 5.23 22.54 -23.43
N ILE B 210 4.67 21.98 -22.35
CA ILE B 210 4.93 20.61 -21.94
C ILE B 210 3.78 19.70 -22.37
N ILE B 211 4.10 18.62 -23.08
CA ILE B 211 3.11 17.59 -23.40
C ILE B 211 3.25 16.42 -22.41
N ALA B 212 2.17 16.13 -21.67
CA ALA B 212 2.20 15.00 -20.74
C ALA B 212 1.78 13.70 -21.42
N ASP B 213 2.74 12.82 -21.64
CA ASP B 213 2.53 11.65 -22.49
C ASP B 213 2.50 10.31 -21.75
N GLY B 214 1.33 9.72 -21.65
CA GLY B 214 1.18 8.39 -21.09
C GLY B 214 0.53 8.37 -19.72
N GLY B 215 -0.20 7.29 -19.44
CA GLY B 215 -0.70 7.04 -18.10
C GLY B 215 -2.06 7.65 -17.81
N ILE B 216 -2.64 8.34 -18.78
CA ILE B 216 -3.99 8.85 -18.64
C ILE B 216 -4.99 7.71 -18.67
N ARG B 217 -5.73 7.52 -17.58
CA ARG B 217 -6.72 6.45 -17.53
C ARG B 217 -8.14 7.00 -17.41
N TYR B 218 -8.26 8.14 -16.73
CA TYR B 218 -9.55 8.77 -16.51
C TYR B 218 -9.47 10.26 -16.82
N SER B 219 -10.62 10.87 -17.07
CA SER B 219 -10.66 12.31 -17.35
C SER B 219 -10.01 13.13 -16.24
N GLY B 220 -10.14 12.66 -14.99
CA GLY B 220 -9.53 13.35 -13.86
C GLY B 220 -8.01 13.48 -13.98
N ASP B 221 -7.37 12.50 -14.62
CA ASP B 221 -5.93 12.53 -14.83
C ASP B 221 -5.50 13.70 -15.75
N ILE B 222 -6.37 14.09 -16.67
CA ILE B 222 -6.04 15.19 -17.57
C ILE B 222 -5.96 16.49 -16.78
N GLY B 223 -6.93 16.68 -15.89
CA GLY B 223 -6.95 17.84 -15.02
C GLY B 223 -5.70 17.92 -14.18
N LYS B 224 -5.28 16.80 -13.60
CA LYS B 224 -4.08 16.74 -12.78
C LYS B 224 -2.83 17.12 -13.56
N ALA B 225 -2.68 16.57 -14.77
CA ALA B 225 -1.50 16.84 -15.60
C ALA B 225 -1.37 18.31 -15.96
N LEU B 226 -2.46 18.90 -16.42
CA LEU B 226 -2.47 20.32 -16.80
C LEU B 226 -2.25 21.20 -15.56
N ALA B 227 -2.85 20.81 -14.44
CA ALA B 227 -2.76 21.62 -13.23
C ALA B 227 -1.31 21.75 -12.72
N VAL B 228 -0.50 20.71 -12.87
CA VAL B 228 0.87 20.78 -12.37
C VAL B 228 1.85 21.28 -13.43
N GLY B 229 1.35 21.72 -14.58
CA GLY B 229 2.21 22.42 -15.52
C GLY B 229 2.19 22.02 -16.99
N ALA B 230 1.51 20.93 -17.32
CA ALA B 230 1.42 20.53 -18.72
C ALA B 230 0.50 21.46 -19.50
N SER B 231 0.78 21.62 -20.79
CA SER B 231 -0.07 22.40 -21.69
C SER B 231 -1.03 21.50 -22.44
N SER B 232 -0.69 20.21 -22.53
CA SER B 232 -1.55 19.24 -23.19
C SER B 232 -1.21 17.82 -22.75
N VAL B 233 -2.07 16.88 -23.11
CA VAL B 233 -1.83 15.47 -22.80
C VAL B 233 -1.94 14.60 -24.04
N MET B 234 -1.07 13.60 -24.12
CA MET B 234 -1.11 12.62 -25.19
C MET B 234 -1.72 11.33 -24.68
N ILE B 235 -2.63 10.77 -25.46
CA ILE B 235 -3.46 9.65 -25.00
C ILE B 235 -3.44 8.49 -25.99
N GLY B 236 -3.24 7.28 -25.48
CA GLY B 236 -3.16 6.11 -26.32
C GLY B 236 -4.25 5.08 -26.10
N SER B 237 -4.22 4.42 -24.94
CA SER B 237 -5.12 3.29 -24.66
C SER B 237 -6.60 3.67 -24.75
N ILE B 238 -6.95 4.84 -24.23
CA ILE B 238 -8.33 5.31 -24.26
C ILE B 238 -8.88 5.41 -25.69
N LEU B 239 -8.04 5.82 -26.63
CA LEU B 239 -8.50 6.01 -28.01
C LEU B 239 -8.32 4.75 -28.86
N ALA B 240 -7.47 3.84 -28.40
CA ALA B 240 -7.23 2.58 -29.11
C ALA B 240 -8.51 1.76 -29.29
N GLY B 241 -9.41 1.85 -28.32
CA GLY B 241 -10.66 1.09 -28.36
C GLY B 241 -11.78 1.70 -29.19
N THR B 242 -11.50 2.83 -29.84
CA THR B 242 -12.55 3.51 -30.62
C THR B 242 -12.58 3.02 -32.06
N GLU B 243 -13.70 3.25 -32.73
N GLU B 243 -13.70 3.23 -32.73
CA GLU B 243 -13.90 2.77 -34.10
CA GLU B 243 -13.90 2.77 -34.10
C GLU B 243 -12.99 3.49 -35.10
C GLU B 243 -12.92 3.43 -35.07
N GLU B 244 -12.44 4.62 -34.69
CA GLU B 244 -11.54 5.38 -35.57
C GLU B 244 -10.06 4.96 -35.46
N SER B 245 -9.74 4.04 -34.55
CA SER B 245 -8.36 3.58 -34.45
C SER B 245 -8.09 2.54 -35.54
N PRO B 246 -6.82 2.41 -35.96
CA PRO B 246 -6.48 1.46 -37.02
C PRO B 246 -6.38 0.01 -36.53
N GLY B 247 -6.46 -0.19 -35.22
CA GLY B 247 -6.29 -1.52 -34.65
C GLY B 247 -7.27 -2.56 -35.17
N GLU B 248 -6.82 -3.82 -35.18
CA GLU B 248 -7.69 -4.93 -35.57
C GLU B 248 -8.69 -5.21 -34.44
N LYS B 249 -9.80 -5.86 -34.79
CA LYS B 249 -10.83 -6.19 -33.82
C LYS B 249 -10.90 -7.69 -33.60
N GLU B 250 -11.25 -8.10 -32.38
CA GLU B 250 -11.32 -9.51 -32.06
C GLU B 250 -12.34 -9.78 -30.95
N LEU B 251 -13.12 -10.84 -31.14
CA LEU B 251 -14.06 -11.27 -30.13
C LEU B 251 -13.38 -12.23 -29.16
N ILE B 252 -13.42 -11.89 -27.88
CA ILE B 252 -12.90 -12.78 -26.84
C ILE B 252 -13.99 -13.02 -25.81
N GLY B 253 -14.61 -14.19 -25.87
CA GLY B 253 -15.77 -14.47 -25.04
C GLY B 253 -17.00 -13.91 -25.70
N ASP B 254 -17.62 -12.93 -25.05
CA ASP B 254 -18.81 -12.28 -25.60
C ASP B 254 -18.64 -10.76 -25.68
N THR B 255 -17.39 -10.31 -25.64
CA THR B 255 -17.08 -8.89 -25.72
C THR B 255 -16.06 -8.60 -26.82
N VAL B 256 -16.23 -7.49 -27.52
CA VAL B 256 -15.34 -7.11 -28.61
C VAL B 256 -14.13 -6.32 -28.12
N TYR B 257 -12.95 -6.76 -28.51
CA TYR B 257 -11.70 -6.08 -28.17
C TYR B 257 -10.98 -5.56 -29.40
N LYS B 258 -10.23 -4.47 -29.20
CA LYS B 258 -9.33 -3.99 -30.24
C LYS B 258 -7.89 -4.23 -29.78
N TYR B 259 -6.99 -4.38 -30.76
CA TYR B 259 -5.59 -4.59 -30.46
C TYR B 259 -4.95 -3.29 -30.00
N TYR B 260 -4.10 -3.35 -28.98
CA TYR B 260 -3.33 -2.19 -28.57
C TYR B 260 -1.95 -2.65 -28.09
N ARG B 261 -0.92 -2.25 -28.82
CA ARG B 261 0.44 -2.70 -28.51
C ARG B 261 1.42 -1.53 -28.43
N GLY B 262 2.44 -1.66 -27.58
CA GLY B 262 3.48 -0.67 -27.53
C GLY B 262 4.27 -0.69 -28.82
N MET B 263 4.89 0.45 -29.17
CA MET B 263 5.71 0.51 -30.36
C MET B 263 7.04 -0.19 -30.12
N GLY B 264 7.32 -0.47 -28.85
CA GLY B 264 8.50 -1.22 -28.46
C GLY B 264 8.18 -2.66 -28.18
N SER B 265 6.99 -3.10 -28.58
CA SER B 265 6.62 -4.51 -28.47
C SER B 265 7.26 -5.29 -29.61
N VAL B 266 7.35 -6.61 -29.45
CA VAL B 266 7.96 -7.44 -30.49
C VAL B 266 7.10 -7.41 -31.76
N GLY B 267 5.79 -7.28 -31.59
CA GLY B 267 4.88 -7.23 -32.72
C GLY B 267 5.06 -5.98 -33.56
N ALA B 268 5.28 -4.86 -32.88
CA ALA B 268 5.46 -3.57 -33.56
C ALA B 268 6.80 -3.50 -34.27
N MET B 269 7.83 -4.06 -33.64
CA MET B 269 9.19 -3.97 -34.19
C MET B 269 9.41 -4.95 -35.34
N LYS B 270 8.54 -5.95 -35.45
CA LYS B 270 8.60 -6.87 -36.58
C LYS B 270 7.99 -6.23 -37.82
N SER B 271 6.99 -5.37 -37.61
CA SER B 271 6.33 -4.66 -38.70
C SER B 271 7.29 -3.70 -39.40
N LYS B 286 16.14 -11.98 -30.82
CA LYS B 286 17.20 -11.11 -30.35
C LYS B 286 16.68 -9.73 -29.96
N MET B 287 15.36 -9.58 -29.95
CA MET B 287 14.73 -8.32 -29.55
C MET B 287 14.67 -8.21 -28.03
N VAL B 288 14.82 -6.99 -27.52
CA VAL B 288 14.59 -6.74 -26.10
C VAL B 288 13.46 -5.70 -25.98
N PRO B 289 12.22 -6.19 -26.04
CA PRO B 289 11.02 -5.33 -26.06
C PRO B 289 10.85 -4.53 -24.76
N GLU B 290 10.23 -3.36 -24.88
CA GLU B 290 9.94 -2.53 -23.72
C GLU B 290 8.48 -2.08 -23.74
N GLY B 291 7.65 -2.87 -24.41
CA GLY B 291 6.21 -2.65 -24.44
C GLY B 291 5.51 -3.97 -24.64
N ILE B 292 4.24 -4.04 -24.26
CA ILE B 292 3.49 -5.29 -24.38
C ILE B 292 2.48 -5.21 -25.51
N GLU B 293 1.98 -6.37 -25.92
CA GLU B 293 0.87 -6.45 -26.85
C GLU B 293 -0.39 -6.78 -26.05
N GLY B 294 -1.36 -5.88 -26.09
CA GLY B 294 -2.55 -6.05 -25.28
C GLY B 294 -3.85 -5.91 -26.05
N ARG B 295 -4.95 -5.93 -25.30
CA ARG B 295 -6.28 -5.74 -25.85
C ARG B 295 -7.04 -4.72 -24.99
N VAL B 296 -7.87 -3.90 -25.62
CA VAL B 296 -8.74 -3.00 -24.88
C VAL B 296 -10.16 -3.19 -25.35
N LYS B 297 -11.13 -2.98 -24.45
CA LYS B 297 -12.53 -3.12 -24.81
C LYS B 297 -12.92 -2.09 -25.88
N TYR B 298 -13.71 -2.53 -26.84
CA TYR B 298 -14.22 -1.66 -27.90
C TYR B 298 -15.24 -0.68 -27.33
N LYS B 299 -15.05 0.61 -27.59
CA LYS B 299 -15.86 1.66 -26.96
C LYS B 299 -16.66 2.51 -27.94
N GLY B 300 -16.73 2.10 -29.21
CA GLY B 300 -17.52 2.81 -30.19
C GLY B 300 -16.83 4.07 -30.71
N GLU B 301 -17.64 5.06 -31.11
CA GLU B 301 -17.12 6.28 -31.71
C GLU B 301 -16.25 7.08 -30.74
N MET B 302 -15.21 7.72 -31.26
N MET B 302 -15.20 7.73 -31.25
CA MET B 302 -14.28 8.49 -30.44
CA MET B 302 -14.29 8.48 -30.41
C MET B 302 -14.93 9.77 -29.90
C MET B 302 -14.90 9.80 -29.93
N GLU B 303 -15.94 10.27 -30.61
CA GLU B 303 -16.58 11.53 -30.25
C GLU B 303 -17.18 11.49 -28.84
N GLY B 304 -17.96 10.45 -28.56
CA GLY B 304 -18.50 10.27 -27.22
C GLY B 304 -17.41 10.14 -26.17
N VAL B 305 -16.35 9.40 -26.50
CA VAL B 305 -15.23 9.22 -25.59
C VAL B 305 -14.56 10.56 -25.26
N VAL B 306 -14.24 11.34 -26.29
CA VAL B 306 -13.60 12.64 -26.10
C VAL B 306 -14.50 13.61 -25.35
N TYR B 307 -15.79 13.54 -25.60
CA TYR B 307 -16.74 14.41 -24.92
C TYR B 307 -16.65 14.25 -23.39
N GLN B 308 -16.57 13.00 -22.94
CA GLN B 308 -16.46 12.71 -21.50
C GLN B 308 -15.16 13.28 -20.91
N LEU B 309 -14.08 13.17 -21.66
CA LEU B 309 -12.77 13.62 -21.19
C LEU B 309 -12.74 15.14 -21.05
N VAL B 310 -13.23 15.82 -22.08
CA VAL B 310 -13.38 17.26 -22.07
C VAL B 310 -14.31 17.72 -20.93
N GLY B 311 -15.45 17.04 -20.80
CA GLY B 311 -16.39 17.34 -19.72
C GLY B 311 -15.76 17.19 -18.35
N GLY B 312 -14.94 16.15 -18.18
CA GLY B 312 -14.27 15.92 -16.92
C GLY B 312 -13.30 17.05 -16.61
N LEU B 313 -12.56 17.49 -17.63
CA LEU B 313 -11.59 18.57 -17.45
C LEU B 313 -12.29 19.89 -17.13
N ARG B 314 -13.39 20.17 -17.82
CA ARG B 314 -14.21 21.34 -17.52
C ARG B 314 -14.69 21.35 -16.06
N SER B 315 -15.21 20.21 -15.62
CA SER B 315 -15.63 20.06 -14.22
C SER B 315 -14.48 20.38 -13.27
N CYS B 316 -13.29 19.87 -13.57
CA CYS B 316 -12.09 20.11 -12.76
C CYS B 316 -11.76 21.58 -12.65
N MET B 317 -11.67 22.26 -13.79
CA MET B 317 -11.28 23.65 -13.81
C MET B 317 -12.33 24.51 -13.10
N GLY B 318 -13.59 24.08 -13.18
CA GLY B 318 -14.67 24.72 -12.44
C GLY B 318 -14.50 24.58 -10.93
N TYR B 319 -14.08 23.39 -10.48
CA TYR B 319 -13.77 23.18 -9.06
C TYR B 319 -12.63 24.08 -8.61
N LEU B 320 -11.67 24.27 -9.50
CA LEU B 320 -10.47 25.03 -9.17
C LEU B 320 -10.58 26.52 -9.52
N GLY B 321 -11.80 26.96 -9.85
CA GLY B 321 -12.08 28.35 -10.13
C GLY B 321 -11.20 28.94 -11.22
N SER B 322 -10.83 28.10 -12.18
CA SER B 322 -9.92 28.52 -13.25
C SER B 322 -10.63 28.60 -14.59
N ALA B 323 -10.64 29.80 -15.19
CA ALA B 323 -11.35 30.02 -16.45
C ALA B 323 -10.46 29.72 -17.65
N SER B 324 -9.19 29.40 -17.39
CA SER B 324 -8.26 29.06 -18.46
C SER B 324 -7.17 28.17 -17.90
N ILE B 325 -6.36 27.60 -18.77
CA ILE B 325 -5.29 26.71 -18.32
C ILE B 325 -4.20 27.53 -17.65
N GLU B 326 -3.95 28.71 -18.19
CA GLU B 326 -2.99 29.63 -17.59
C GLU B 326 -3.36 29.97 -16.15
N GLU B 327 -4.65 30.19 -15.91
CA GLU B 327 -5.14 30.50 -14.56
C GLU B 327 -5.03 29.26 -13.68
N LEU B 328 -5.28 28.09 -14.27
CA LEU B 328 -5.19 26.83 -13.57
C LEU B 328 -3.78 26.61 -13.03
N TRP B 329 -2.77 26.96 -13.82
CA TRP B 329 -1.38 26.85 -13.39
C TRP B 329 -1.13 27.71 -12.15
N LYS B 330 -1.77 28.86 -12.13
CA LYS B 330 -1.59 29.83 -11.06
C LYS B 330 -2.28 29.41 -9.75
N LYS B 331 -3.47 28.82 -9.86
CA LYS B 331 -4.31 28.57 -8.68
C LYS B 331 -4.25 27.16 -8.12
N SER B 332 -3.70 26.23 -8.88
CA SER B 332 -3.81 24.82 -8.51
C SER B 332 -2.94 24.44 -7.31
N SER B 333 -3.47 23.55 -6.49
CA SER B 333 -2.71 22.89 -5.44
C SER B 333 -3.24 21.47 -5.32
N TYR B 334 -2.49 20.58 -4.68
CA TYR B 334 -2.98 19.22 -4.52
C TYR B 334 -2.62 18.64 -3.16
N VAL B 335 -3.35 17.59 -2.77
CA VAL B 335 -3.05 16.83 -1.57
C VAL B 335 -2.55 15.45 -1.99
N GLU B 336 -1.55 14.95 -1.28
CA GLU B 336 -1.05 13.60 -1.47
C GLU B 336 -1.93 12.62 -0.68
N ILE B 337 -2.44 11.58 -1.33
CA ILE B 337 -3.35 10.65 -0.67
C ILE B 337 -2.76 9.25 -0.52
N THR B 338 -3.35 8.46 0.38
CA THR B 338 -2.98 7.06 0.58
C THR B 338 -3.56 6.18 -0.53
N THR B 339 -2.77 5.21 -1.01
CA THR B 339 -3.23 4.29 -2.05
C THR B 339 -2.26 3.13 -2.21
N ASP B 349 -19.12 -1.79 -0.26
CA ASP B 349 -20.45 -2.35 -0.06
C ASP B 349 -21.42 -1.91 -1.16
N VAL B 350 -20.92 -1.11 -2.09
CA VAL B 350 -21.75 -0.64 -3.20
C VAL B 350 -21.32 -1.27 -4.52
N GLU B 351 -22.08 -2.26 -4.98
CA GLU B 351 -21.79 -2.92 -6.25
C GLU B 351 -22.37 -2.12 -7.42
N ILE B 352 -21.50 -1.63 -8.30
CA ILE B 352 -21.93 -0.84 -9.44
C ILE B 352 -22.70 -1.69 -10.45
N VAL B 353 -23.77 -1.12 -10.99
CA VAL B 353 -24.59 -1.79 -11.99
C VAL B 353 -23.82 -2.01 -13.29
N ALA C 3 6.56 19.18 0.09
CA ALA C 3 7.11 17.83 -0.07
C ALA C 3 7.57 17.59 -1.50
N MET C 4 8.67 18.26 -1.89
CA MET C 4 9.29 18.17 -3.21
C MET C 4 8.49 18.88 -4.30
N GLY C 5 7.17 18.91 -4.16
CA GLY C 5 6.33 19.63 -5.10
C GLY C 5 5.78 20.90 -4.48
N THR C 6 5.86 22.01 -5.21
CA THR C 6 5.45 23.31 -4.69
C THR C 6 3.93 23.42 -4.49
N LYS C 7 3.17 22.63 -5.25
CA LYS C 7 1.72 22.66 -5.17
C LYS C 7 1.19 21.63 -4.17
N ASN C 8 2.11 20.86 -3.60
CA ASN C 8 1.79 19.84 -2.61
C ASN C 8 1.55 20.47 -1.25
N ILE C 9 0.30 20.49 -0.79
CA ILE C 9 0.01 21.13 0.49
C ILE C 9 0.06 20.13 1.65
N GLY C 10 0.39 18.88 1.34
CA GLY C 10 0.61 17.90 2.39
C GLY C 10 -0.16 16.60 2.21
N LYS C 11 -0.03 15.73 3.20
CA LYS C 11 -0.66 14.43 3.16
C LYS C 11 -2.12 14.48 3.62
N GLY C 12 -3.00 13.80 2.89
CA GLY C 12 -4.40 13.77 3.26
C GLY C 12 -4.79 12.42 3.84
N LEU C 13 -5.49 12.44 4.96
CA LEU C 13 -5.91 11.21 5.63
C LEU C 13 -7.40 10.95 5.51
N THR C 14 -7.78 9.72 5.20
CA THR C 14 -9.18 9.35 5.29
C THR C 14 -9.41 8.50 6.55
N PHE C 15 -10.66 8.09 6.75
CA PHE C 15 -11.04 7.29 7.92
C PHE C 15 -10.13 6.08 8.11
N GLU C 16 -9.85 5.37 7.02
CA GLU C 16 -9.11 4.12 7.08
C GLU C 16 -7.63 4.32 7.43
N ASP C 17 -7.15 5.55 7.28
CA ASP C 17 -5.75 5.89 7.54
C ASP C 17 -5.41 6.03 9.02
N ILE C 18 -6.42 6.14 9.88
CA ILE C 18 -6.18 6.45 11.29
C ILE C 18 -6.90 5.54 12.27
N LEU C 19 -6.44 5.56 13.51
CA LEU C 19 -7.10 4.88 14.63
C LEU C 19 -7.09 5.80 15.84
N LEU C 20 -8.20 5.84 16.55
CA LEU C 20 -8.28 6.67 17.74
C LEU C 20 -7.58 5.99 18.92
N VAL C 21 -6.83 6.78 19.69
CA VAL C 21 -6.07 6.26 20.83
C VAL C 21 -6.90 6.35 22.11
N PRO C 22 -6.98 5.24 22.86
CA PRO C 22 -7.73 5.22 24.13
C PRO C 22 -7.19 6.22 25.15
N ASN C 23 -8.09 6.83 25.92
CA ASN C 23 -7.70 7.68 27.04
C ASN C 23 -8.09 7.02 28.36
N TYR C 24 -7.56 7.53 29.47
CA TYR C 24 -8.12 7.18 30.77
C TYR C 24 -9.61 7.47 30.78
N SER C 25 -10.41 6.51 31.26
CA SER C 25 -11.85 6.65 31.19
C SER C 25 -12.56 6.37 32.52
N GLU C 26 -13.46 7.28 32.89
CA GLU C 26 -14.33 7.06 34.02
C GLU C 26 -15.78 6.93 33.57
N VAL C 27 -16.00 6.85 32.26
CA VAL C 27 -17.38 6.79 31.77
C VAL C 27 -17.64 5.53 30.96
N LEU C 28 -18.79 4.91 31.19
CA LEU C 28 -19.21 3.73 30.45
C LEU C 28 -19.88 4.11 29.14
N PRO C 29 -19.79 3.24 28.12
CA PRO C 29 -20.44 3.49 26.84
C PRO C 29 -21.92 3.85 26.97
N ARG C 30 -22.64 3.21 27.89
N ARG C 30 -22.63 3.22 27.90
CA ARG C 30 -24.07 3.50 28.05
CA ARG C 30 -24.06 3.47 28.08
C ARG C 30 -24.29 4.88 28.66
C ARG C 30 -24.33 4.76 28.85
N GLU C 31 -23.28 5.42 29.33
CA GLU C 31 -23.43 6.66 30.09
C GLU C 31 -23.15 7.92 29.28
N VAL C 32 -22.49 7.80 28.13
CA VAL C 32 -22.11 8.98 27.37
C VAL C 32 -23.32 9.69 26.77
N SER C 33 -23.26 11.02 26.72
CA SER C 33 -24.29 11.82 26.07
C SER C 33 -23.94 12.03 24.60
N LEU C 34 -24.89 11.74 23.71
CA LEU C 34 -24.67 11.90 22.29
C LEU C 34 -25.35 13.15 21.73
N GLU C 35 -25.90 13.96 22.63
CA GLU C 35 -26.55 15.22 22.25
C GLU C 35 -25.57 16.10 21.49
N THR C 36 -26.06 16.80 20.47
CA THR C 36 -25.18 17.62 19.65
C THR C 36 -25.97 18.70 18.94
N LYS C 37 -25.23 19.61 18.30
CA LYS C 37 -25.86 20.64 17.50
C LYS C 37 -25.86 20.23 16.04
N LEU C 38 -27.00 20.40 15.38
CA LEU C 38 -27.11 20.27 13.94
C LEU C 38 -26.71 21.58 13.28
N THR C 39 -27.33 22.65 13.74
CA THR C 39 -26.97 24.01 13.38
C THR C 39 -26.86 24.77 14.70
N LYS C 40 -26.47 26.04 14.65
CA LYS C 40 -26.30 26.78 15.89
C LYS C 40 -27.63 27.08 16.60
N ASN C 41 -28.75 26.84 15.92
CA ASN C 41 -30.06 27.00 16.55
C ASN C 41 -30.89 25.71 16.65
N VAL C 42 -30.39 24.63 16.07
CA VAL C 42 -31.09 23.34 16.12
C VAL C 42 -30.20 22.23 16.72
N SER C 43 -30.73 21.53 17.72
CA SER C 43 -30.00 20.44 18.37
C SER C 43 -30.58 19.07 18.02
N LEU C 44 -29.79 18.03 18.28
CA LEU C 44 -30.16 16.63 18.03
C LEU C 44 -29.83 15.76 19.23
N LYS C 45 -30.56 14.67 19.41
CA LYS C 45 -30.26 13.71 20.48
C LYS C 45 -29.09 12.79 20.11
N ILE C 46 -29.04 12.38 18.85
CA ILE C 46 -27.90 11.63 18.33
C ILE C 46 -27.34 12.35 17.09
N PRO C 47 -26.04 12.18 16.83
CA PRO C 47 -25.42 12.97 15.75
C PRO C 47 -25.46 12.28 14.37
N LEU C 48 -26.63 11.82 13.95
CA LEU C 48 -26.78 11.16 12.66
C LEU C 48 -27.83 11.84 11.79
N ILE C 49 -27.47 12.04 10.52
CA ILE C 49 -28.34 12.62 9.51
C ILE C 49 -28.42 11.69 8.31
N SER C 50 -29.61 11.46 7.78
CA SER C 50 -29.73 10.67 6.55
C SER C 50 -29.57 11.57 5.33
N SER C 51 -28.84 11.10 4.31
CA SER C 51 -28.49 11.89 3.13
C SER C 51 -29.68 12.35 2.30
N ALA C 52 -29.55 13.53 1.70
CA ALA C 52 -30.57 14.08 0.80
C ALA C 52 -30.51 13.45 -0.60
N MET C 53 -30.82 12.16 -0.69
CA MET C 53 -30.74 11.43 -1.95
C MET C 53 -32.04 10.69 -2.23
N ASP C 54 -32.36 10.47 -3.51
CA ASP C 54 -33.65 9.89 -3.85
C ASP C 54 -33.68 8.36 -3.66
N THR C 55 -32.58 7.79 -3.19
CA THR C 55 -32.57 6.38 -2.81
C THR C 55 -32.36 6.22 -1.31
N VAL C 56 -32.50 7.31 -0.56
CA VAL C 56 -32.22 7.27 0.87
C VAL C 56 -33.32 7.88 1.73
N THR C 57 -33.69 9.13 1.46
CA THR C 57 -34.55 9.85 2.40
C THR C 57 -35.80 10.45 1.79
N GLU C 58 -36.93 9.83 2.08
CA GLU C 58 -38.22 10.49 1.96
C GLU C 58 -38.85 10.46 3.36
N HIS C 59 -40.17 10.63 3.45
CA HIS C 59 -40.77 10.88 4.76
C HIS C 59 -40.59 9.72 5.74
N LEU C 60 -40.63 8.48 5.25
CA LEU C 60 -40.56 7.34 6.16
C LEU C 60 -39.16 7.23 6.79
N MET C 61 -38.14 7.48 5.99
CA MET C 61 -36.77 7.51 6.49
C MET C 61 -36.58 8.68 7.46
N ALA C 62 -37.17 9.82 7.12
CA ALA C 62 -37.05 11.02 7.95
C ALA C 62 -37.79 10.87 9.28
N VAL C 63 -38.90 10.13 9.27
CA VAL C 63 -39.63 9.84 10.50
C VAL C 63 -38.82 8.87 11.36
N GLY C 64 -38.24 7.86 10.71
CA GLY C 64 -37.37 6.92 11.38
C GLY C 64 -36.20 7.59 12.10
N MET C 65 -35.50 8.47 11.37
CA MET C 65 -34.34 9.17 11.92
C MET C 65 -34.70 10.05 13.11
N ALA C 66 -35.77 10.82 12.94
CA ALA C 66 -36.21 11.78 13.94
C ALA C 66 -36.61 11.08 15.25
N ARG C 67 -37.35 9.99 15.15
CA ARG C 67 -37.78 9.23 16.32
C ARG C 67 -36.59 8.71 17.12
N LEU C 68 -35.52 8.35 16.40
CA LEU C 68 -34.32 7.82 17.04
C LEU C 68 -33.40 8.91 17.58
N GLY C 69 -33.76 10.17 17.31
CA GLY C 69 -32.99 11.30 17.82
C GLY C 69 -32.19 12.05 16.76
N GLY C 70 -32.21 11.57 15.53
CA GLY C 70 -31.47 12.21 14.46
C GLY C 70 -32.36 13.11 13.62
N ILE C 71 -32.03 13.21 12.34
CA ILE C 71 -32.85 13.98 11.42
C ILE C 71 -32.66 13.48 9.98
N GLY C 72 -33.68 13.66 9.16
CA GLY C 72 -33.61 13.30 7.76
C GLY C 72 -33.77 14.52 6.86
N ILE C 73 -33.01 14.53 5.77
CA ILE C 73 -33.08 15.63 4.81
C ILE C 73 -33.79 15.14 3.56
N ILE C 74 -35.02 15.60 3.34
CA ILE C 74 -35.78 15.25 2.14
C ILE C 74 -35.05 15.75 0.89
N HIS C 75 -34.85 14.85 -0.08
CA HIS C 75 -34.12 15.21 -1.30
C HIS C 75 -34.95 16.14 -2.18
N LYS C 76 -34.32 16.70 -3.21
CA LYS C 76 -34.96 17.71 -4.04
C LYS C 76 -35.26 17.20 -5.45
N ASN C 77 -35.06 15.91 -5.69
CA ASN C 77 -35.35 15.34 -7.00
C ASN C 77 -36.84 15.04 -7.15
N MET C 78 -37.64 16.07 -6.93
CA MET C 78 -39.09 16.00 -7.05
C MET C 78 -39.61 17.43 -7.15
N ASP C 79 -40.84 17.60 -7.64
CA ASP C 79 -41.45 18.92 -7.74
C ASP C 79 -41.58 19.56 -6.36
N MET C 80 -41.68 20.88 -6.33
CA MET C 80 -41.76 21.63 -5.08
C MET C 80 -42.92 21.16 -4.19
N GLU C 81 -44.09 21.01 -4.79
CA GLU C 81 -45.27 20.57 -4.05
C GLU C 81 -45.03 19.22 -3.39
N SER C 82 -44.38 18.32 -4.11
CA SER C 82 -44.09 16.98 -3.59
C SER C 82 -43.17 17.05 -2.37
N GLN C 83 -42.15 17.90 -2.43
CA GLN C 83 -41.20 18.02 -1.33
C GLN C 83 -41.88 18.57 -0.08
N VAL C 84 -42.73 19.57 -0.27
CA VAL C 84 -43.51 20.15 0.82
C VAL C 84 -44.39 19.10 1.50
N ASN C 85 -45.03 18.27 0.68
CA ASN C 85 -45.89 17.19 1.19
C ASN C 85 -45.11 16.17 2.02
N GLU C 86 -43.86 15.89 1.63
CA GLU C 86 -43.03 14.98 2.41
C GLU C 86 -42.73 15.61 3.77
N VAL C 87 -42.30 16.88 3.76
CA VAL C 87 -42.04 17.62 4.98
C VAL C 87 -43.28 17.67 5.89
N LEU C 88 -44.45 17.84 5.29
CA LEU C 88 -45.69 17.89 6.05
C LEU C 88 -46.04 16.54 6.66
N LYS C 89 -45.69 15.46 5.95
CA LYS C 89 -45.92 14.12 6.47
C LYS C 89 -45.11 13.86 7.74
N VAL C 90 -43.88 14.35 7.76
CA VAL C 90 -43.03 14.19 8.94
C VAL C 90 -43.56 15.04 10.09
N LYS C 91 -43.97 16.27 9.80
CA LYS C 91 -44.41 17.19 10.84
C LYS C 91 -45.77 16.76 11.43
N ASN C 92 -46.61 16.13 10.62
CA ASN C 92 -47.92 15.69 11.07
C ASN C 92 -47.87 14.57 12.10
N SER C 93 -46.68 14.00 12.32
CA SER C 93 -46.54 12.88 13.23
C SER C 93 -45.62 13.22 14.41
N GLY C 94 -46.16 13.95 15.38
CA GLY C 94 -45.43 14.23 16.62
C GLY C 94 -44.62 15.51 16.62
N GLY C 95 -44.69 16.27 15.52
CA GLY C 95 -43.94 17.50 15.42
C GLY C 95 -42.44 17.27 15.32
N LEU C 96 -42.08 16.09 14.82
CA LEU C 96 -40.70 15.67 14.67
C LEU C 96 -39.91 16.63 13.76
N ARG C 97 -38.63 16.79 14.03
CA ARG C 97 -37.78 17.66 13.21
C ARG C 97 -37.48 17.01 11.86
N VAL C 98 -37.32 17.83 10.84
CA VAL C 98 -37.04 17.34 9.50
C VAL C 98 -36.32 18.45 8.71
N GLY C 99 -35.49 18.07 7.75
CA GLY C 99 -34.82 19.04 6.91
C GLY C 99 -35.21 18.84 5.46
N ALA C 100 -34.73 19.72 4.59
CA ALA C 100 -34.98 19.60 3.16
C ALA C 100 -33.87 20.26 2.36
N ALA C 101 -33.53 19.65 1.23
CA ALA C 101 -32.46 20.17 0.37
C ALA C 101 -32.98 21.08 -0.73
N ILE C 102 -32.23 22.13 -1.03
CA ILE C 102 -32.45 22.94 -2.21
C ILE C 102 -31.14 23.12 -2.96
N GLY C 103 -31.22 23.58 -4.21
CA GLY C 103 -30.04 23.87 -5.00
C GLY C 103 -29.84 25.37 -5.15
N VAL C 104 -28.84 25.78 -5.91
CA VAL C 104 -28.59 27.20 -6.14
C VAL C 104 -29.80 27.85 -6.80
N ASN C 105 -30.07 29.10 -6.42
CA ASN C 105 -31.13 29.92 -7.02
C ASN C 105 -32.56 29.41 -6.78
N GLU C 106 -32.71 28.37 -5.96
CA GLU C 106 -34.04 27.83 -5.73
C GLU C 106 -34.70 28.50 -4.54
N ILE C 107 -34.91 29.81 -4.66
CA ILE C 107 -35.49 30.63 -3.59
C ILE C 107 -36.96 30.33 -3.37
N GLU C 108 -37.71 30.10 -4.44
CA GLU C 108 -39.12 29.77 -4.33
C GLU C 108 -39.31 28.46 -3.57
N ARG C 109 -38.48 27.47 -3.87
CA ARG C 109 -38.55 26.18 -3.19
C ARG C 109 -38.26 26.32 -1.70
N ALA C 110 -37.22 27.07 -1.36
CA ALA C 110 -36.88 27.32 0.03
C ALA C 110 -38.04 27.98 0.78
N LYS C 111 -38.69 28.92 0.11
CA LYS C 111 -39.83 29.64 0.69
C LYS C 111 -40.96 28.69 1.08
N LEU C 112 -41.38 27.86 0.12
CA LEU C 112 -42.45 26.90 0.37
C LEU C 112 -42.10 25.94 1.50
N LEU C 113 -40.87 25.45 1.50
CA LEU C 113 -40.42 24.52 2.52
C LEU C 113 -40.48 25.13 3.91
N VAL C 114 -39.97 26.36 4.04
CA VAL C 114 -40.01 27.07 5.31
C VAL C 114 -41.45 27.28 5.80
N GLU C 115 -42.33 27.67 4.88
CA GLU C 115 -43.75 27.81 5.19
C GLU C 115 -44.36 26.48 5.64
N ALA C 116 -43.82 25.40 5.12
CA ALA C 116 -44.31 24.06 5.44
C ALA C 116 -43.83 23.60 6.82
N GLY C 117 -42.91 24.37 7.42
CA GLY C 117 -42.46 24.10 8.77
C GLY C 117 -41.17 23.30 8.87
N VAL C 118 -40.33 23.36 7.84
CA VAL C 118 -39.05 22.65 7.87
C VAL C 118 -38.16 23.29 8.94
N ASP C 119 -37.30 22.48 9.56
CA ASP C 119 -36.47 22.96 10.66
C ASP C 119 -35.13 23.50 10.18
N VAL C 120 -34.66 23.00 9.06
CA VAL C 120 -33.41 23.48 8.50
C VAL C 120 -33.43 23.33 6.99
N ILE C 121 -32.80 24.29 6.30
CA ILE C 121 -32.62 24.22 4.86
C ILE C 121 -31.19 23.77 4.57
N VAL C 122 -31.03 22.80 3.69
CA VAL C 122 -29.69 22.39 3.28
C VAL C 122 -29.41 22.84 1.85
N LEU C 123 -28.61 23.90 1.74
CA LEU C 123 -28.21 24.43 0.44
C LEU C 123 -27.00 23.64 -0.07
N ASP C 124 -27.23 22.80 -1.07
CA ASP C 124 -26.21 21.86 -1.52
C ASP C 124 -25.76 22.08 -2.96
N SER C 125 -24.47 21.94 -3.17
CA SER C 125 -23.88 21.94 -4.50
C SER C 125 -22.63 21.06 -4.48
N ALA C 126 -22.23 20.59 -5.66
CA ALA C 126 -20.98 19.87 -5.79
C ALA C 126 -19.81 20.73 -5.31
N HIS C 127 -19.91 22.03 -5.54
CA HIS C 127 -18.85 22.97 -5.17
C HIS C 127 -19.43 24.12 -4.35
N GLY C 128 -19.41 23.95 -3.03
CA GLY C 128 -20.01 24.91 -2.12
C GLY C 128 -19.33 26.26 -2.08
N HIS C 129 -18.03 26.29 -2.35
CA HIS C 129 -17.30 27.55 -2.30
C HIS C 129 -17.40 28.30 -3.62
N SER C 130 -18.61 28.72 -4.00
CA SER C 130 -18.80 29.38 -5.28
C SER C 130 -19.73 30.59 -5.19
N LEU C 131 -19.61 31.48 -6.18
CA LEU C 131 -20.38 32.72 -6.20
C LEU C 131 -21.89 32.46 -6.14
N ASN C 132 -22.36 31.52 -6.94
CA ASN C 132 -23.79 31.18 -6.98
C ASN C 132 -24.32 30.71 -5.65
N ILE C 133 -23.53 29.91 -4.94
CA ILE C 133 -23.91 29.44 -3.62
C ILE C 133 -23.99 30.59 -2.63
N ILE C 134 -22.97 31.44 -2.61
CA ILE C 134 -22.94 32.58 -1.72
C ILE C 134 -24.13 33.52 -1.97
N ARG C 135 -24.43 33.78 -3.24
CA ARG C 135 -25.55 34.64 -3.58
C ARG C 135 -26.88 34.06 -3.09
N THR C 136 -27.08 32.76 -3.33
CA THR C 136 -28.31 32.09 -2.89
C THR C 136 -28.44 32.12 -1.38
N LEU C 137 -27.33 31.89 -0.69
CA LEU C 137 -27.31 31.91 0.77
C LEU C 137 -27.73 33.27 1.30
N LYS C 138 -27.11 34.33 0.78
CA LYS C 138 -27.40 35.67 1.25
C LYS C 138 -28.85 36.04 0.97
N GLU C 139 -29.35 35.60 -0.19
CA GLU C 139 -30.72 35.92 -0.58
C GLU C 139 -31.73 35.20 0.30
N ILE C 140 -31.43 33.97 0.69
CA ILE C 140 -32.30 33.24 1.60
C ILE C 140 -32.39 33.92 2.96
N LYS C 141 -31.23 34.20 3.56
CA LYS C 141 -31.18 34.79 4.90
C LYS C 141 -31.92 36.13 4.98
N SER C 142 -32.08 36.80 3.84
CA SER C 142 -32.69 38.12 3.83
C SER C 142 -34.20 38.09 3.56
N LYS C 143 -34.68 36.98 3.01
CA LYS C 143 -36.09 36.88 2.64
C LYS C 143 -36.88 36.01 3.63
N MET C 144 -36.22 35.08 4.30
CA MET C 144 -36.93 34.19 5.21
C MET C 144 -36.14 33.88 6.48
N ASN C 145 -36.83 33.37 7.49
CA ASN C 145 -36.23 33.08 8.79
C ASN C 145 -36.00 31.58 8.99
N ILE C 146 -34.81 31.11 8.63
CA ILE C 146 -34.52 29.68 8.66
C ILE C 146 -33.03 29.42 8.84
N ASP C 147 -32.69 28.36 9.57
CA ASP C 147 -31.30 27.93 9.67
C ASP C 147 -30.85 27.27 8.37
N VAL C 148 -29.70 27.67 7.86
CA VAL C 148 -29.22 27.13 6.59
C VAL C 148 -27.87 26.45 6.72
N ILE C 149 -27.85 25.16 6.41
CA ILE C 149 -26.62 24.40 6.26
C ILE C 149 -26.13 24.54 4.83
N VAL C 150 -24.85 24.89 4.66
CA VAL C 150 -24.30 25.05 3.32
C VAL C 150 -23.17 24.05 3.07
N GLY C 151 -23.12 23.50 1.86
CA GLY C 151 -22.06 22.60 1.47
C GLY C 151 -22.05 22.37 -0.04
N ASN C 152 -21.09 21.60 -0.53
CA ASN C 152 -20.06 20.99 0.29
C ASN C 152 -18.72 21.70 0.13
N VAL C 153 -17.94 21.75 1.20
CA VAL C 153 -16.64 22.41 1.17
C VAL C 153 -15.56 21.57 1.85
N VAL C 154 -14.31 21.90 1.61
CA VAL C 154 -13.19 21.12 2.15
C VAL C 154 -12.05 22.01 2.63
N THR C 155 -12.22 23.33 2.58
CA THR C 155 -11.12 24.22 2.92
C THR C 155 -11.47 25.25 3.99
N GLU C 156 -10.44 25.77 4.64
CA GLU C 156 -10.57 26.82 5.63
C GLU C 156 -11.22 28.09 5.05
N GLU C 157 -10.73 28.51 3.89
CA GLU C 157 -11.21 29.74 3.27
C GLU C 157 -12.67 29.63 2.84
N ALA C 158 -13.08 28.44 2.42
CA ALA C 158 -14.46 28.19 2.05
C ALA C 158 -15.35 28.30 3.29
N THR C 159 -14.88 27.64 4.36
CA THR C 159 -15.61 27.62 5.62
C THR C 159 -15.82 29.03 6.16
N LYS C 160 -14.76 29.84 6.12
CA LYS C 160 -14.80 31.18 6.67
C LYS C 160 -15.77 32.07 5.89
N GLU C 161 -15.69 32.00 4.57
CA GLU C 161 -16.51 32.86 3.72
C GLU C 161 -17.99 32.51 3.84
N LEU C 162 -18.31 31.22 3.89
CA LEU C 162 -19.70 30.80 4.05
C LEU C 162 -20.27 31.28 5.38
N ILE C 163 -19.48 31.13 6.45
CA ILE C 163 -19.90 31.58 7.77
C ILE C 163 -20.10 33.10 7.79
N GLU C 164 -19.20 33.83 7.14
CA GLU C 164 -19.31 35.28 7.10
C GLU C 164 -20.55 35.75 6.34
N ASN C 165 -21.07 34.89 5.47
CA ASN C 165 -22.27 35.22 4.71
C ASN C 165 -23.54 34.61 5.29
N GLY C 166 -23.44 34.06 6.50
CA GLY C 166 -24.62 33.66 7.26
C GLY C 166 -24.93 32.18 7.40
N ALA C 167 -23.99 31.32 7.01
CA ALA C 167 -24.18 29.88 7.14
C ALA C 167 -24.38 29.49 8.60
N ASP C 168 -25.41 28.70 8.87
CA ASP C 168 -25.69 28.22 10.23
C ASP C 168 -25.05 26.86 10.48
N GLY C 169 -24.57 26.22 9.42
CA GLY C 169 -23.90 24.94 9.54
C GLY C 169 -23.12 24.68 8.27
N ILE C 170 -22.02 23.95 8.39
CA ILE C 170 -21.15 23.74 7.25
C ILE C 170 -21.00 22.26 6.92
N LYS C 171 -21.36 21.88 5.69
CA LYS C 171 -21.27 20.47 5.31
C LYS C 171 -19.98 20.17 4.55
N VAL C 172 -19.19 19.25 5.11
CA VAL C 172 -17.86 18.96 4.60
C VAL C 172 -17.85 17.65 3.82
N GLY C 173 -17.31 17.69 2.60
CA GLY C 173 -17.17 16.47 1.82
C GLY C 173 -17.14 16.65 0.31
N ILE C 174 -15.95 16.53 -0.26
CA ILE C 174 -15.77 16.45 -1.71
C ILE C 174 -14.79 15.33 -1.96
N GLY C 175 -15.27 14.24 -2.56
CA GLY C 175 -14.45 13.05 -2.67
C GLY C 175 -14.83 11.76 -1.91
N PRO C 176 -15.41 11.86 -0.70
CA PRO C 176 -15.43 10.63 0.09
C PRO C 176 -16.64 9.70 -0.08
N GLY C 177 -17.70 10.17 -0.74
CA GLY C 177 -18.91 9.36 -0.88
C GLY C 177 -18.70 7.99 -1.51
N SER C 178 -19.43 6.99 -1.04
CA SER C 178 -19.30 5.63 -1.56
C SER C 178 -19.57 5.53 -3.06
N ILE C 179 -20.51 6.33 -3.55
CA ILE C 179 -20.90 6.29 -4.96
C ILE C 179 -20.30 7.43 -5.76
N OCS C 180 -19.29 8.07 -5.18
CA OCS C 180 -18.74 9.29 -5.74
CB OCS C 180 -18.17 10.15 -4.61
SG OCS C 180 -17.05 11.46 -5.12
C OCS C 180 -17.67 9.03 -6.81
O OCS C 180 -16.81 8.17 -6.62
OD1 OCS C 180 -15.70 10.97 -5.48
OD2 OCS C 180 -17.75 12.06 -6.27
OD3 OCS C 180 -17.02 12.44 -4.00
N THR C 181 -17.72 9.75 -7.92
CA THR C 181 -16.67 9.64 -8.92
C THR C 181 -16.08 11.00 -9.28
N THR C 182 -16.31 12.00 -8.42
CA THR C 182 -15.69 13.30 -8.62
C THR C 182 -14.17 13.18 -8.62
N ARG C 183 -13.64 12.30 -7.78
N ARG C 183 -13.64 12.28 -7.80
CA ARG C 183 -12.21 12.01 -7.73
CA ARG C 183 -12.21 12.03 -7.73
C ARG C 183 -11.67 11.50 -9.06
C ARG C 183 -11.65 11.44 -9.02
N ILE C 184 -12.47 10.65 -9.71
CA ILE C 184 -12.06 10.01 -10.95
C ILE C 184 -12.38 10.86 -12.20
N VAL C 185 -13.54 11.52 -12.18
CA VAL C 185 -13.99 12.31 -13.33
C VAL C 185 -13.30 13.68 -13.38
N ALA C 186 -13.27 14.36 -12.24
CA ALA C 186 -12.68 15.69 -12.15
C ALA C 186 -11.25 15.69 -11.59
N GLY C 187 -10.88 14.64 -10.86
CA GLY C 187 -9.54 14.57 -10.28
C GLY C 187 -9.44 15.38 -9.00
N VAL C 188 -10.59 15.67 -8.41
CA VAL C 188 -10.71 16.64 -7.34
C VAL C 188 -11.17 15.97 -6.03
N GLY C 189 -10.66 16.46 -4.91
CA GLY C 189 -11.15 15.99 -3.62
C GLY C 189 -10.17 16.22 -2.50
N VAL C 190 -10.63 16.01 -1.27
CA VAL C 190 -9.75 16.00 -0.09
C VAL C 190 -10.17 14.87 0.85
N PRO C 191 -9.20 14.05 1.31
CA PRO C 191 -9.50 12.98 2.26
C PRO C 191 -10.27 13.49 3.48
N GLN C 192 -11.27 12.73 3.92
CA GLN C 192 -12.29 13.28 4.81
C GLN C 192 -11.80 13.67 6.20
N ILE C 193 -10.80 12.97 6.75
CA ILE C 193 -10.29 13.35 8.07
C ILE C 193 -9.64 14.72 7.98
N THR C 194 -8.76 14.89 7.00
CA THR C 194 -8.09 16.15 6.74
C THR C 194 -9.07 17.29 6.45
N ALA C 195 -10.12 17.00 5.70
CA ALA C 195 -11.12 18.01 5.36
C ALA C 195 -11.89 18.50 6.60
N ILE C 196 -12.29 17.58 7.47
CA ILE C 196 -12.96 17.94 8.73
C ILE C 196 -12.04 18.79 9.62
N GLU C 197 -10.78 18.38 9.72
CA GLU C 197 -9.81 19.12 10.54
C GLU C 197 -9.64 20.57 10.07
N LYS C 198 -9.43 20.75 8.77
CA LYS C 198 -9.26 22.07 8.19
C LYS C 198 -10.50 22.93 8.45
N CYS C 199 -11.66 22.39 8.12
CA CYS C 199 -12.90 23.18 8.20
C CYS C 199 -13.33 23.46 9.65
N SER C 200 -13.13 22.49 10.54
CA SER C 200 -13.50 22.70 11.93
C SER C 200 -12.56 23.67 12.63
N SER C 201 -11.31 23.74 12.17
CA SER C 201 -10.36 24.70 12.71
C SER C 201 -10.87 26.14 12.58
N VAL C 202 -11.66 26.42 11.54
CA VAL C 202 -12.27 27.74 11.38
C VAL C 202 -13.64 27.82 12.08
N ALA C 203 -14.49 26.83 11.83
CA ALA C 203 -15.87 26.86 12.29
C ALA C 203 -16.01 26.80 13.81
N SER C 204 -15.08 26.13 14.50
CA SER C 204 -15.19 26.00 15.95
C SER C 204 -15.00 27.35 16.64
N LYS C 205 -14.27 28.26 16.00
CA LYS C 205 -14.05 29.58 16.56
C LYS C 205 -15.32 30.43 16.55
N PHE C 206 -16.24 30.12 15.64
CA PHE C 206 -17.50 30.88 15.54
C PHE C 206 -18.68 30.10 16.11
N GLY C 207 -18.43 28.89 16.60
CA GLY C 207 -19.49 28.07 17.15
C GLY C 207 -20.42 27.55 16.08
N ILE C 208 -19.90 27.35 14.88
CA ILE C 208 -20.71 26.81 13.78
C ILE C 208 -20.43 25.32 13.59
N PRO C 209 -21.47 24.48 13.71
CA PRO C 209 -21.32 23.03 13.60
C PRO C 209 -20.84 22.56 12.22
N ILE C 210 -19.97 21.56 12.22
CA ILE C 210 -19.53 20.88 11.00
C ILE C 210 -20.31 19.58 10.79
N ILE C 211 -20.90 19.39 9.62
CA ILE C 211 -21.46 18.10 9.22
C ILE C 211 -20.49 17.33 8.33
N ALA C 212 -20.00 16.19 8.83
CA ALA C 212 -19.13 15.35 8.02
C ALA C 212 -19.95 14.48 7.07
N ASP C 213 -19.91 14.82 5.78
CA ASP C 213 -20.79 14.18 4.80
C ASP C 213 -20.06 13.22 3.86
N GLY C 214 -20.37 11.93 3.99
CA GLY C 214 -19.88 10.93 3.06
C GLY C 214 -18.75 10.06 3.59
N GLY C 215 -18.68 8.84 3.10
CA GLY C 215 -17.54 7.97 3.39
C GLY C 215 -17.69 7.05 4.58
N ILE C 216 -18.74 7.26 5.39
CA ILE C 216 -19.01 6.39 6.53
C ILE C 216 -19.31 4.97 6.05
N ARG C 217 -18.52 4.01 6.51
CA ARG C 217 -18.75 2.61 6.18
C ARG C 217 -19.10 1.80 7.41
N TYR C 218 -18.46 2.16 8.53
CA TYR C 218 -18.63 1.44 9.78
C TYR C 218 -18.89 2.43 10.89
N SER C 219 -19.49 1.94 11.99
CA SER C 219 -19.75 2.78 13.16
C SER C 219 -18.48 3.48 13.65
N GLY C 220 -17.34 2.80 13.52
CA GLY C 220 -16.06 3.37 13.93
C GLY C 220 -15.71 4.68 13.21
N ASP C 221 -16.14 4.82 11.96
CA ASP C 221 -15.91 6.04 11.19
C ASP C 221 -16.62 7.26 11.77
N ILE C 222 -17.78 7.00 12.36
CA ILE C 222 -18.56 8.07 12.99
C ILE C 222 -17.76 8.68 14.12
N GLY C 223 -17.22 7.81 14.96
CA GLY C 223 -16.40 8.24 16.09
C GLY C 223 -15.23 9.09 15.64
N LYS C 224 -14.54 8.63 14.58
CA LYS C 224 -13.37 9.33 14.06
C LYS C 224 -13.74 10.73 13.57
N ALA C 225 -14.83 10.83 12.81
CA ALA C 225 -15.27 12.11 12.24
C ALA C 225 -15.59 13.13 13.34
N LEU C 226 -16.36 12.70 14.33
CA LEU C 226 -16.71 13.56 15.44
C LEU C 226 -15.46 13.95 16.25
N ALA C 227 -14.55 13.00 16.40
CA ALA C 227 -13.36 13.22 17.21
C ALA C 227 -12.47 14.33 16.67
N VAL C 228 -12.42 14.48 15.34
CA VAL C 228 -11.53 15.47 14.75
C VAL C 228 -12.23 16.80 14.45
N GLY C 229 -13.50 16.93 14.86
CA GLY C 229 -14.13 18.23 14.85
C GLY C 229 -15.58 18.33 14.41
N ALA C 230 -16.13 17.26 13.85
CA ALA C 230 -17.49 17.27 13.34
C ALA C 230 -18.50 17.20 14.49
N SER C 231 -19.65 17.84 14.29
CA SER C 231 -20.75 17.82 15.25
C SER C 231 -21.73 16.71 14.90
N SER C 232 -21.77 16.36 13.62
CA SER C 232 -22.63 15.27 13.16
C SER C 232 -22.09 14.69 11.87
N VAL C 233 -22.68 13.58 11.46
CA VAL C 233 -22.29 12.91 10.23
C VAL C 233 -23.51 12.64 9.38
N MET C 234 -23.35 12.76 8.06
CA MET C 234 -24.40 12.44 7.12
C MET C 234 -24.11 11.10 6.47
N ILE C 235 -25.14 10.27 6.36
CA ILE C 235 -24.98 8.88 5.94
C ILE C 235 -25.94 8.50 4.83
N GLY C 236 -25.43 7.85 3.80
CA GLY C 236 -26.26 7.45 2.67
C GLY C 236 -26.33 5.95 2.43
N SER C 237 -25.20 5.34 2.03
CA SER C 237 -25.19 3.94 1.60
C SER C 237 -25.63 2.98 2.69
N ILE C 238 -25.26 3.27 3.93
CA ILE C 238 -25.64 2.41 5.05
C ILE C 238 -27.17 2.35 5.21
N LEU C 239 -27.82 3.50 5.07
CA LEU C 239 -29.27 3.58 5.26
C LEU C 239 -30.05 3.18 4.00
N ALA C 240 -29.41 3.28 2.84
CA ALA C 240 -30.04 2.97 1.57
C ALA C 240 -30.54 1.53 1.48
N GLY C 241 -29.92 0.62 2.22
CA GLY C 241 -30.30 -0.77 2.21
C GLY C 241 -31.44 -1.14 3.15
N THR C 242 -31.91 -0.17 3.94
CA THR C 242 -32.97 -0.43 4.90
C THR C 242 -34.36 -0.34 4.28
N GLU C 243 -35.35 -0.97 4.91
CA GLU C 243 -36.69 -1.03 4.37
C GLU C 243 -37.36 0.34 4.25
N GLU C 244 -36.93 1.28 5.08
CA GLU C 244 -37.55 2.60 5.10
C GLU C 244 -37.04 3.50 3.97
N SER C 245 -35.98 3.07 3.28
CA SER C 245 -35.46 3.85 2.16
C SER C 245 -36.43 3.74 0.98
N PRO C 246 -36.50 4.80 0.15
CA PRO C 246 -37.45 4.81 -0.97
C PRO C 246 -36.97 3.99 -2.18
N GLY C 247 -35.76 3.47 -2.13
CA GLY C 247 -35.22 2.72 -3.26
C GLY C 247 -35.97 1.45 -3.62
N GLU C 248 -35.95 1.10 -4.90
CA GLU C 248 -36.53 -0.14 -5.38
C GLU C 248 -35.70 -1.33 -4.92
N LYS C 249 -36.28 -2.52 -4.97
CA LYS C 249 -35.57 -3.74 -4.61
C LYS C 249 -35.44 -4.67 -5.80
N GLU C 250 -34.30 -5.35 -5.90
CA GLU C 250 -34.09 -6.30 -6.98
C GLU C 250 -33.40 -7.56 -6.49
N LEU C 251 -33.89 -8.70 -6.96
CA LEU C 251 -33.25 -9.98 -6.68
C LEU C 251 -32.12 -10.21 -7.67
N ILE C 252 -30.90 -10.33 -7.17
CA ILE C 252 -29.75 -10.62 -8.00
C ILE C 252 -29.02 -11.83 -7.45
N GLY C 253 -29.19 -12.97 -8.11
CA GLY C 253 -28.68 -14.23 -7.60
C GLY C 253 -29.62 -14.75 -6.54
N ASP C 254 -29.12 -14.84 -5.31
CA ASP C 254 -29.94 -15.32 -4.19
C ASP C 254 -30.05 -14.24 -3.11
N THR C 255 -29.64 -13.03 -3.44
CA THR C 255 -29.61 -11.93 -2.48
C THR C 255 -30.47 -10.76 -2.94
N VAL C 256 -31.25 -10.19 -2.02
CA VAL C 256 -32.05 -9.02 -2.30
C VAL C 256 -31.22 -7.75 -2.19
N TYR C 257 -31.27 -6.90 -3.21
CA TYR C 257 -30.54 -5.64 -3.20
C TYR C 257 -31.48 -4.44 -3.31
N LYS C 258 -31.05 -3.32 -2.74
CA LYS C 258 -31.71 -2.05 -2.92
C LYS C 258 -30.93 -1.19 -3.90
N TYR C 259 -31.61 -0.40 -4.71
CA TYR C 259 -30.93 0.54 -5.60
C TYR C 259 -30.30 1.65 -4.76
N TYR C 260 -29.12 2.09 -5.15
CA TYR C 260 -28.48 3.24 -4.50
C TYR C 260 -27.61 3.98 -5.51
N ARG C 261 -28.03 5.20 -5.85
CA ARG C 261 -27.34 5.95 -6.91
C ARG C 261 -26.94 7.35 -6.46
N GLY C 262 -25.81 7.82 -6.96
CA GLY C 262 -25.42 9.20 -6.74
C GLY C 262 -26.43 10.14 -7.38
N MET C 263 -26.61 11.31 -6.79
CA MET C 263 -27.48 12.32 -7.36
C MET C 263 -26.85 12.94 -8.60
N GLY C 264 -25.57 12.63 -8.82
CA GLY C 264 -24.87 13.07 -10.01
C GLY C 264 -24.73 11.96 -11.03
N SER C 265 -25.49 10.89 -10.87
CA SER C 265 -25.48 9.79 -11.83
C SER C 265 -26.38 10.10 -13.02
N VAL C 266 -26.20 9.35 -14.10
CA VAL C 266 -27.03 9.51 -15.30
C VAL C 266 -28.51 9.34 -14.97
N GLY C 267 -28.83 8.30 -14.21
CA GLY C 267 -30.21 7.98 -13.87
C GLY C 267 -30.87 9.05 -13.03
N ALA C 268 -30.15 9.57 -12.04
CA ALA C 268 -30.70 10.59 -11.16
C ALA C 268 -30.95 11.89 -11.92
N MET C 269 -30.06 12.21 -12.85
CA MET C 269 -30.17 13.46 -13.61
C MET C 269 -31.25 13.38 -14.70
N LYS C 270 -31.58 12.17 -15.13
CA LYS C 270 -32.64 11.97 -16.10
C LYS C 270 -34.00 12.22 -15.46
N MET C 287 -24.37 14.64 -20.96
CA MET C 287 -24.16 14.67 -19.52
C MET C 287 -22.77 14.19 -19.14
N VAL C 288 -22.21 14.76 -18.07
CA VAL C 288 -20.96 14.29 -17.51
C VAL C 288 -21.16 13.95 -16.03
N PRO C 289 -21.57 12.70 -15.75
CA PRO C 289 -21.91 12.24 -14.40
C PRO C 289 -20.72 12.26 -13.45
N GLU C 290 -21.00 12.46 -12.16
CA GLU C 290 -19.98 12.40 -11.13
C GLU C 290 -20.41 11.49 -9.99
N GLY C 291 -21.30 10.56 -10.30
CA GLY C 291 -21.70 9.52 -9.38
C GLY C 291 -22.10 8.27 -10.13
N ILE C 292 -22.09 7.13 -9.46
CA ILE C 292 -22.49 5.88 -10.10
C ILE C 292 -23.89 5.45 -9.68
N GLU C 293 -24.45 4.54 -10.45
CA GLU C 293 -25.67 3.85 -10.07
C GLU C 293 -25.29 2.48 -9.53
N GLY C 294 -25.61 2.25 -8.26
CA GLY C 294 -25.17 1.03 -7.60
C GLY C 294 -26.27 0.25 -6.91
N ARG C 295 -25.87 -0.85 -6.27
CA ARG C 295 -26.77 -1.71 -5.52
C ARG C 295 -26.16 -2.01 -4.16
N VAL C 296 -26.97 -1.95 -3.11
CA VAL C 296 -26.51 -2.32 -1.78
C VAL C 296 -27.38 -3.44 -1.25
N LYS C 297 -26.81 -4.31 -0.43
CA LYS C 297 -27.55 -5.43 0.12
C LYS C 297 -28.65 -4.95 1.06
N TYR C 298 -29.82 -5.59 0.97
CA TYR C 298 -30.96 -5.24 1.82
C TYR C 298 -30.70 -5.63 3.28
N LYS C 299 -30.93 -4.69 4.20
CA LYS C 299 -30.52 -4.86 5.60
C LYS C 299 -31.70 -4.97 6.58
N GLY C 300 -32.93 -4.82 6.09
CA GLY C 300 -34.09 -4.88 6.96
C GLY C 300 -34.42 -3.54 7.57
N GLU C 301 -34.95 -3.54 8.78
CA GLU C 301 -35.40 -2.29 9.42
C GLU C 301 -34.24 -1.42 9.87
N MET C 302 -34.39 -0.11 9.70
CA MET C 302 -33.32 0.84 10.01
C MET C 302 -33.01 0.95 11.50
N GLU C 303 -33.98 0.67 12.36
CA GLU C 303 -33.77 0.82 13.79
C GLU C 303 -32.60 -0.03 14.28
N GLY C 304 -32.54 -1.27 13.82
CA GLY C 304 -31.45 -2.17 14.16
C GLY C 304 -30.12 -1.67 13.64
N VAL C 305 -30.13 -1.14 12.42
CA VAL C 305 -28.92 -0.59 11.80
C VAL C 305 -28.41 0.62 12.58
N VAL C 306 -29.32 1.54 12.90
CA VAL C 306 -28.95 2.73 13.67
C VAL C 306 -28.52 2.36 15.09
N TYR C 307 -29.13 1.33 15.65
CA TYR C 307 -28.74 0.87 16.98
C TYR C 307 -27.27 0.49 17.03
N GLN C 308 -26.81 -0.22 16.00
N GLN C 308 -26.81 -0.23 16.01
CA GLN C 308 -25.42 -0.69 15.95
CA GLN C 308 -25.42 -0.68 15.96
C GLN C 308 -24.44 0.47 15.72
C GLN C 308 -24.49 0.52 15.82
N LEU C 309 -24.87 1.48 14.99
CA LEU C 309 -24.05 2.66 14.75
C LEU C 309 -23.87 3.45 16.03
N VAL C 310 -24.99 3.70 16.71
CA VAL C 310 -24.96 4.43 17.96
C VAL C 310 -24.17 3.66 19.02
N GLY C 311 -24.37 2.34 19.06
CA GLY C 311 -23.62 1.49 19.97
C GLY C 311 -22.11 1.58 19.77
N GLY C 312 -21.68 1.60 18.51
CA GLY C 312 -20.26 1.68 18.21
C GLY C 312 -19.66 3.01 18.62
N LEU C 313 -20.41 4.09 18.44
CA LEU C 313 -19.96 5.42 18.83
C LEU C 313 -19.86 5.55 20.35
N ARG C 314 -20.82 4.96 21.07
CA ARG C 314 -20.77 4.93 22.53
C ARG C 314 -19.52 4.22 23.01
N SER C 315 -19.24 3.07 22.41
CA SER C 315 -18.02 2.31 22.72
C SER C 315 -16.77 3.17 22.51
N CYS C 316 -16.73 3.87 21.38
CA CYS C 316 -15.62 4.78 21.06
C CYS C 316 -15.43 5.84 22.12
N MET C 317 -16.53 6.49 22.50
CA MET C 317 -16.46 7.58 23.47
C MET C 317 -16.07 7.05 24.85
N GLY C 318 -16.48 5.81 25.14
CA GLY C 318 -16.02 5.13 26.35
C GLY C 318 -14.51 4.90 26.35
N TYR C 319 -13.97 4.45 25.22
CA TYR C 319 -12.52 4.22 25.10
C TYR C 319 -11.75 5.52 25.27
N LEU C 320 -12.34 6.63 24.85
CA LEU C 320 -11.67 7.92 24.90
C LEU C 320 -12.06 8.75 26.13
N GLY C 321 -12.72 8.12 27.09
CA GLY C 321 -13.08 8.77 28.34
C GLY C 321 -13.83 10.08 28.17
N SER C 322 -14.67 10.15 27.14
CA SER C 322 -15.40 11.38 26.83
C SER C 322 -16.89 11.19 26.99
N ALA C 323 -17.49 11.94 27.91
CA ALA C 323 -18.90 11.78 28.24
C ALA C 323 -19.80 12.61 27.31
N SER C 324 -19.17 13.39 26.43
CA SER C 324 -19.92 14.22 25.48
C SER C 324 -19.06 14.48 24.25
N ILE C 325 -19.66 15.00 23.20
CA ILE C 325 -18.91 15.27 21.98
C ILE C 325 -17.93 16.39 22.23
N GLU C 326 -18.33 17.36 23.03
CA GLU C 326 -17.47 18.47 23.42
C GLU C 326 -16.19 17.97 24.08
N GLU C 327 -16.34 17.02 24.99
CA GLU C 327 -15.19 16.46 25.71
C GLU C 327 -14.34 15.65 24.73
N LEU C 328 -15.00 14.94 23.81
CA LEU C 328 -14.31 14.18 22.78
C LEU C 328 -13.39 15.08 21.95
N TRP C 329 -13.87 16.26 21.56
CA TRP C 329 -13.05 17.22 20.80
C TRP C 329 -11.79 17.61 21.55
N LYS C 330 -11.90 17.71 22.86
CA LYS C 330 -10.80 18.13 23.72
C LYS C 330 -9.80 17.01 23.99
N LYS C 331 -10.27 15.78 24.10
CA LYS C 331 -9.42 14.68 24.57
C LYS C 331 -8.90 13.76 23.47
N SER C 332 -9.47 13.86 22.29
CA SER C 332 -9.16 12.90 21.22
C SER C 332 -7.78 13.09 20.61
N SER C 333 -7.13 11.97 20.31
CA SER C 333 -5.91 11.95 19.51
C SER C 333 -5.98 10.73 18.61
N TYR C 334 -5.17 10.70 17.55
CA TYR C 334 -5.15 9.51 16.71
C TYR C 334 -3.75 9.16 16.25
N VAL C 335 -3.61 7.93 15.74
CA VAL C 335 -2.34 7.49 15.17
C VAL C 335 -2.57 7.10 13.72
N GLU C 336 -1.61 7.41 12.83
CA GLU C 336 -1.68 6.98 11.45
C GLU C 336 -1.27 5.52 11.31
N ILE C 337 -2.00 4.76 10.50
CA ILE C 337 -1.65 3.35 10.30
C ILE C 337 -1.37 3.02 8.84
N THR C 338 -0.79 1.85 8.60
CA THR C 338 -0.53 1.35 7.26
C THR C 338 -1.79 0.70 6.70
N THR C 339 -2.10 0.95 5.43
CA THR C 339 -3.24 0.32 4.79
C THR C 339 -2.88 -0.18 3.40
N ASP C 349 -5.53 -15.36 9.11
CA ASP C 349 -6.06 -16.59 8.54
C ASP C 349 -7.25 -17.12 9.33
N VAL C 350 -8.03 -16.21 9.91
CA VAL C 350 -9.27 -16.57 10.58
C VAL C 350 -10.43 -16.31 9.63
N GLU C 351 -11.12 -17.38 9.24
CA GLU C 351 -12.18 -17.30 8.26
C GLU C 351 -13.54 -17.11 8.92
N ILE C 352 -14.15 -15.94 8.70
CA ILE C 352 -15.43 -15.60 9.30
C ILE C 352 -16.54 -16.51 8.81
N VAL C 353 -17.46 -16.88 9.70
CA VAL C 353 -18.56 -17.77 9.35
C VAL C 353 -19.61 -17.03 8.52
N MET D 4 0.25 16.97 10.08
CA MET D 4 -0.68 17.96 9.54
C MET D 4 -1.78 18.26 10.54
N GLY D 5 -2.21 17.24 11.28
CA GLY D 5 -3.20 17.41 12.31
C GLY D 5 -2.57 17.53 13.68
N THR D 6 -3.13 18.41 14.51
CA THR D 6 -2.61 18.61 15.86
C THR D 6 -2.86 17.38 16.73
N LYS D 7 -3.90 16.61 16.39
CA LYS D 7 -4.25 15.41 17.14
C LYS D 7 -3.50 14.17 16.64
N ASN D 8 -2.66 14.37 15.62
CA ASN D 8 -1.89 13.28 15.04
C ASN D 8 -0.63 13.00 15.89
N ILE D 9 -0.60 11.87 16.58
CA ILE D 9 0.53 11.57 17.46
C ILE D 9 1.66 10.86 16.71
N GLY D 10 1.46 10.61 15.43
CA GLY D 10 2.50 10.00 14.62
C GLY D 10 2.08 8.70 13.96
N LYS D 11 3.05 8.02 13.35
CA LYS D 11 2.80 6.81 12.58
C LYS D 11 2.91 5.58 13.48
N GLY D 12 1.94 4.67 13.39
CA GLY D 12 1.95 3.46 14.18
C GLY D 12 2.34 2.24 13.36
N LEU D 13 3.20 1.41 13.93
CA LEU D 13 3.68 0.23 13.23
C LEU D 13 3.11 -1.05 13.81
N THR D 14 2.69 -1.97 12.94
CA THR D 14 2.35 -3.32 13.38
C THR D 14 3.48 -4.27 12.99
N PHE D 15 3.31 -5.56 13.27
CA PHE D 15 4.36 -6.56 13.01
C PHE D 15 4.78 -6.57 11.54
N GLU D 16 3.79 -6.47 10.64
CA GLU D 16 4.06 -6.52 9.20
C GLU D 16 4.92 -5.36 8.70
N ASP D 17 4.87 -4.25 9.42
CA ASP D 17 5.56 -3.03 9.01
C ASP D 17 7.08 -3.05 9.22
N ILE D 18 7.58 -4.02 9.99
CA ILE D 18 9.00 -3.98 10.37
C ILE D 18 9.74 -5.30 10.11
N LEU D 19 11.07 -5.22 10.11
CA LEU D 19 11.93 -6.40 10.03
C LEU D 19 13.12 -6.18 10.96
N LEU D 20 13.48 -7.23 11.69
CA LEU D 20 14.60 -7.12 12.61
C LEU D 20 15.93 -7.22 11.88
N VAL D 21 16.89 -6.37 12.28
CA VAL D 21 18.19 -6.29 11.67
C VAL D 21 19.18 -7.21 12.40
N PRO D 22 19.90 -8.06 11.65
CA PRO D 22 20.91 -8.97 12.22
C PRO D 22 22.08 -8.23 12.87
N ASN D 23 22.57 -8.77 13.98
CA ASN D 23 23.79 -8.28 14.63
C ASN D 23 24.90 -9.30 14.52
N TYR D 24 26.13 -8.88 14.85
CA TYR D 24 27.22 -9.84 15.08
C TYR D 24 26.78 -10.89 16.10
N SER D 25 26.95 -12.17 15.75
CA SER D 25 26.48 -13.24 16.62
C SER D 25 27.57 -14.26 16.95
N GLU D 26 27.68 -14.63 18.22
CA GLU D 26 28.53 -15.75 18.57
C GLU D 26 27.73 -16.75 19.40
N VAL D 27 26.42 -16.76 19.21
CA VAL D 27 25.59 -17.77 19.84
C VAL D 27 24.67 -18.43 18.80
N LEU D 28 24.48 -19.73 18.94
CA LEU D 28 23.63 -20.50 18.04
C LEU D 28 22.19 -20.50 18.53
N PRO D 29 21.22 -20.66 17.61
CA PRO D 29 19.80 -20.76 17.98
C PRO D 29 19.53 -21.78 19.09
N ARG D 30 20.15 -22.95 19.03
N ARG D 30 20.15 -22.95 19.04
CA ARG D 30 19.94 -23.99 20.03
CA ARG D 30 19.89 -23.98 20.05
C ARG D 30 20.45 -23.58 21.41
C ARG D 30 20.61 -23.71 21.38
N GLU D 31 21.36 -22.61 21.44
CA GLU D 31 22.04 -22.22 22.68
C GLU D 31 21.36 -21.10 23.46
N VAL D 32 20.47 -20.35 22.81
CA VAL D 32 19.86 -19.19 23.46
C VAL D 32 18.93 -19.61 24.60
N SER D 33 18.82 -18.75 25.61
CA SER D 33 17.89 -18.99 26.70
C SER D 33 16.61 -18.19 26.47
N LEU D 34 15.48 -18.89 26.54
CA LEU D 34 14.17 -18.29 26.32
C LEU D 34 13.43 -18.01 27.63
N GLU D 35 14.11 -18.20 28.75
N GLU D 35 14.12 -18.19 28.75
CA GLU D 35 13.52 -17.94 30.06
CA GLU D 35 13.54 -17.93 30.07
C GLU D 35 13.13 -16.47 30.20
C GLU D 35 13.13 -16.47 30.20
N THR D 36 12.02 -16.22 30.87
CA THR D 36 11.49 -14.87 30.98
C THR D 36 10.61 -14.72 32.22
N LYS D 37 10.19 -13.50 32.49
CA LYS D 37 9.27 -13.25 33.59
C LYS D 37 7.86 -13.07 33.03
N LEU D 38 6.93 -13.84 33.56
CA LEU D 38 5.51 -13.66 33.27
C LEU D 38 5.01 -12.45 34.03
N THR D 39 5.24 -12.49 35.34
CA THR D 39 4.99 -11.36 36.23
C THR D 39 6.27 -11.14 37.01
N LYS D 40 6.28 -10.14 37.89
CA LYS D 40 7.52 -9.84 38.62
C LYS D 40 7.87 -10.94 39.63
N ASN D 41 6.92 -11.80 39.97
CA ASN D 41 7.18 -12.90 40.90
C ASN D 41 6.98 -14.30 40.31
N VAL D 42 6.69 -14.38 39.01
CA VAL D 42 6.52 -15.66 38.35
C VAL D 42 7.32 -15.74 37.06
N SER D 43 8.14 -16.78 36.93
CA SER D 43 8.97 -16.97 35.73
C SER D 43 8.49 -18.12 34.85
N LEU D 44 8.86 -18.08 33.57
CA LEU D 44 8.53 -19.13 32.60
C LEU D 44 9.79 -19.60 31.88
N LYS D 45 9.75 -20.79 31.30
CA LYS D 45 10.89 -21.31 30.55
C LYS D 45 10.83 -20.87 29.09
N ILE D 46 9.62 -20.66 28.57
CA ILE D 46 9.45 -20.06 27.26
C ILE D 46 8.43 -18.94 27.39
N PRO D 47 8.51 -17.92 26.53
CA PRO D 47 7.66 -16.74 26.66
C PRO D 47 6.32 -16.84 25.93
N LEU D 48 5.63 -17.97 26.03
CA LEU D 48 4.36 -18.15 25.36
C LEU D 48 3.23 -18.37 26.38
N ILE D 49 2.13 -17.66 26.17
CA ILE D 49 0.92 -17.77 26.97
C ILE D 49 -0.27 -18.03 26.06
N SER D 50 -1.13 -18.98 26.41
CA SER D 50 -2.34 -19.18 25.60
C SER D 50 -3.47 -18.27 26.09
N SER D 51 -4.23 -17.72 25.15
CA SER D 51 -5.27 -16.73 25.46
C SER D 51 -6.41 -17.25 26.33
N ALA D 52 -6.93 -16.36 27.19
CA ALA D 52 -8.07 -16.66 28.04
C ALA D 52 -9.40 -16.57 27.27
N MET D 53 -9.60 -17.48 26.32
CA MET D 53 -10.81 -17.48 25.49
C MET D 53 -11.43 -18.88 25.52
N ASP D 54 -12.75 -18.98 25.34
CA ASP D 54 -13.42 -20.27 25.49
C ASP D 54 -13.26 -21.18 24.26
N THR D 55 -12.50 -20.73 23.27
CA THR D 55 -12.16 -21.61 22.15
C THR D 55 -10.67 -21.93 22.16
N VAL D 56 -9.97 -21.53 23.22
CA VAL D 56 -8.52 -21.68 23.26
C VAL D 56 -8.01 -22.42 24.50
N THR D 57 -8.35 -21.94 25.70
CA THR D 57 -7.70 -22.45 26.90
C THR D 57 -8.64 -22.97 27.99
N GLU D 58 -8.69 -24.29 28.12
CA GLU D 58 -9.20 -24.93 29.33
C GLU D 58 -8.06 -25.82 29.86
N HIS D 59 -8.36 -26.78 30.72
CA HIS D 59 -7.27 -27.43 31.47
C HIS D 59 -6.26 -28.15 30.58
N LEU D 60 -6.71 -28.79 29.50
CA LEU D 60 -5.80 -29.57 28.66
C LEU D 60 -4.79 -28.68 27.93
N MET D 61 -5.25 -27.53 27.44
CA MET D 61 -4.37 -26.56 26.83
C MET D 61 -3.37 -26.02 27.87
N ALA D 62 -3.89 -25.72 29.06
CA ALA D 62 -3.06 -25.19 30.14
C ALA D 62 -1.96 -26.17 30.56
N VAL D 63 -2.29 -27.46 30.61
CA VAL D 63 -1.30 -28.48 30.94
C VAL D 63 -0.24 -28.55 29.84
N GLY D 64 -0.70 -28.59 28.60
CA GLY D 64 0.19 -28.60 27.45
C GLY D 64 1.17 -27.45 27.47
N MET D 65 0.66 -26.24 27.67
CA MET D 65 1.50 -25.04 27.72
C MET D 65 2.51 -25.11 28.87
N ALA D 66 2.04 -25.54 30.04
CA ALA D 66 2.91 -25.62 31.22
C ALA D 66 4.03 -26.63 31.01
N ARG D 67 3.70 -27.78 30.43
CA ARG D 67 4.68 -28.84 30.20
C ARG D 67 5.79 -28.39 29.27
N LEU D 68 5.47 -27.49 28.35
CA LEU D 68 6.42 -27.01 27.36
C LEU D 68 7.18 -25.78 27.86
N GLY D 69 6.84 -25.30 29.05
CA GLY D 69 7.58 -24.22 29.67
C GLY D 69 6.84 -22.89 29.71
N GLY D 70 5.62 -22.88 29.18
CA GLY D 70 4.82 -21.66 29.12
C GLY D 70 3.72 -21.67 30.16
N ILE D 71 2.59 -21.04 29.83
CA ILE D 71 1.45 -21.08 30.74
C ILE D 71 0.15 -20.84 29.98
N GLY D 72 -0.94 -21.37 30.52
CA GLY D 72 -2.25 -21.14 29.95
C GLY D 72 -3.11 -20.36 30.91
N ILE D 73 -3.97 -19.48 30.40
CA ILE D 73 -4.90 -18.73 31.23
C ILE D 73 -6.31 -19.25 31.04
N ILE D 74 -6.85 -19.91 32.06
CA ILE D 74 -8.21 -20.44 32.00
C ILE D 74 -9.21 -19.29 31.81
N HIS D 75 -10.09 -19.43 30.84
CA HIS D 75 -11.04 -18.36 30.53
C HIS D 75 -12.13 -18.30 31.60
N LYS D 76 -12.91 -17.22 31.59
CA LYS D 76 -13.88 -16.99 32.64
C LYS D 76 -15.32 -17.21 32.20
N ASN D 77 -15.52 -17.56 30.93
CA ASN D 77 -16.86 -17.86 30.42
C ASN D 77 -17.42 -19.16 30.99
N MET D 78 -17.50 -19.22 32.32
CA MET D 78 -18.03 -20.37 33.03
C MET D 78 -18.24 -19.97 34.49
N ASP D 79 -19.06 -20.73 35.22
CA ASP D 79 -19.29 -20.45 36.63
C ASP D 79 -18.00 -20.56 37.43
N MET D 80 -17.98 -19.97 38.62
CA MET D 80 -16.77 -19.94 39.44
C MET D 80 -16.28 -21.34 39.78
N GLU D 81 -17.20 -22.21 40.17
CA GLU D 81 -16.87 -23.60 40.50
C GLU D 81 -16.17 -24.32 39.35
N SER D 82 -16.64 -24.08 38.13
CA SER D 82 -16.07 -24.74 36.96
C SER D 82 -14.66 -24.24 36.68
N GLN D 83 -14.45 -22.93 36.80
CA GLN D 83 -13.12 -22.36 36.58
C GLN D 83 -12.13 -22.89 37.61
N VAL D 84 -12.57 -22.92 38.87
CA VAL D 84 -11.77 -23.49 39.95
C VAL D 84 -11.35 -24.92 39.65
N ASN D 85 -12.31 -25.73 39.21
CA ASN D 85 -12.04 -27.13 38.89
C ASN D 85 -11.02 -27.30 37.76
N GLU D 86 -11.07 -26.42 36.76
CA GLU D 86 -10.10 -26.47 35.67
C GLU D 86 -8.70 -26.18 36.20
N VAL D 87 -8.60 -25.17 37.06
CA VAL D 87 -7.34 -24.85 37.73
C VAL D 87 -6.81 -26.04 38.53
N LEU D 88 -7.71 -26.69 39.26
CA LEU D 88 -7.34 -27.84 40.08
C LEU D 88 -6.87 -29.01 39.22
N LYS D 89 -7.46 -29.17 38.04
CA LYS D 89 -7.05 -30.21 37.11
C LYS D 89 -5.59 -30.03 36.68
N VAL D 90 -5.22 -28.78 36.39
CA VAL D 90 -3.85 -28.49 36.00
C VAL D 90 -2.92 -28.69 37.19
N LYS D 91 -3.36 -28.21 38.35
CA LYS D 91 -2.57 -28.29 39.58
C LYS D 91 -2.36 -29.73 40.05
N ASN D 92 -3.36 -30.58 39.87
CA ASN D 92 -3.28 -31.95 40.34
C ASN D 92 -2.43 -32.85 39.46
N SER D 93 -1.97 -32.33 38.32
CA SER D 93 -1.07 -33.09 37.46
C SER D 93 0.31 -32.46 37.48
N GLY D 94 1.08 -32.77 38.52
CA GLY D 94 2.39 -32.19 38.72
C GLY D 94 2.29 -30.77 39.23
N GLY D 95 3.40 -30.22 39.71
CA GLY D 95 3.42 -28.85 40.20
C GLY D 95 3.49 -27.86 39.05
N LEU D 96 2.47 -27.88 38.18
CA LEU D 96 2.47 -27.05 36.98
C LEU D 96 1.83 -25.70 37.23
N ARG D 97 2.40 -24.66 36.62
CA ARG D 97 1.85 -23.31 36.72
C ARG D 97 0.59 -23.16 35.88
N VAL D 98 -0.29 -22.26 36.31
CA VAL D 98 -1.52 -21.98 35.58
C VAL D 98 -2.04 -20.60 35.97
N GLY D 99 -2.71 -19.93 35.04
CA GLY D 99 -3.35 -18.66 35.32
C GLY D 99 -4.85 -18.73 35.12
N ALA D 100 -5.56 -17.71 35.55
CA ALA D 100 -7.01 -17.65 35.36
C ALA D 100 -7.47 -16.20 35.21
N ALA D 101 -8.43 -16.00 34.31
CA ALA D 101 -8.93 -14.65 34.02
C ALA D 101 -10.15 -14.30 34.86
N ILE D 102 -10.24 -13.04 35.27
CA ILE D 102 -11.44 -12.49 35.89
C ILE D 102 -11.75 -11.14 35.24
N GLY D 103 -12.98 -10.66 35.46
CA GLY D 103 -13.39 -9.36 34.95
C GLY D 103 -13.54 -8.35 36.07
N VAL D 104 -13.94 -7.13 35.73
CA VAL D 104 -14.11 -6.06 36.72
C VAL D 104 -15.06 -6.49 37.84
N ASN D 105 -14.69 -6.13 39.08
CA ASN D 105 -15.50 -6.38 40.26
C ASN D 105 -15.71 -7.85 40.62
N GLU D 106 -14.97 -8.75 39.98
CA GLU D 106 -15.14 -10.17 40.28
C GLU D 106 -14.19 -10.62 41.39
N ILE D 107 -14.37 -10.03 42.57
CA ILE D 107 -13.51 -10.30 43.71
C ILE D 107 -13.72 -11.71 44.26
N GLU D 108 -14.97 -12.14 44.32
CA GLU D 108 -15.28 -13.48 44.83
C GLU D 108 -14.63 -14.55 43.97
N ARG D 109 -14.75 -14.41 42.66
CA ARG D 109 -14.14 -15.35 41.72
C ARG D 109 -12.63 -15.41 41.93
N ALA D 110 -11.99 -14.23 42.03
CA ALA D 110 -10.55 -14.15 42.24
C ALA D 110 -10.14 -14.84 43.54
N LYS D 111 -10.87 -14.59 44.61
CA LYS D 111 -10.62 -15.21 45.90
C LYS D 111 -10.62 -16.73 45.82
N LEU D 112 -11.63 -17.28 45.15
CA LEU D 112 -11.75 -18.73 44.99
C LEU D 112 -10.63 -19.28 44.11
N LEU D 113 -10.24 -18.54 43.09
CA LEU D 113 -9.15 -18.96 42.23
C LEU D 113 -7.82 -18.99 43.00
N VAL D 114 -7.58 -17.98 43.83
CA VAL D 114 -6.37 -17.92 44.63
C VAL D 114 -6.31 -19.07 45.62
N GLU D 115 -7.43 -19.35 46.29
CA GLU D 115 -7.53 -20.47 47.21
C GLU D 115 -7.31 -21.80 46.48
N ALA D 116 -7.64 -21.84 45.19
CA ALA D 116 -7.46 -23.06 44.41
C ALA D 116 -6.01 -23.23 43.95
N GLY D 117 -5.17 -22.25 44.28
CA GLY D 117 -3.75 -22.35 44.02
C GLY D 117 -3.29 -21.80 42.68
N VAL D 118 -4.10 -20.96 42.05
CA VAL D 118 -3.72 -20.37 40.78
C VAL D 118 -2.46 -19.51 40.96
N ASP D 119 -1.58 -19.51 39.97
CA ASP D 119 -0.29 -18.82 40.10
C ASP D 119 -0.37 -17.35 39.75
N VAL D 120 -1.34 -16.98 38.92
CA VAL D 120 -1.52 -15.59 38.53
C VAL D 120 -2.97 -15.31 38.16
N ILE D 121 -3.45 -14.13 38.54
CA ILE D 121 -4.76 -13.67 38.12
C ILE D 121 -4.60 -12.69 36.96
N VAL D 122 -5.37 -12.90 35.89
CA VAL D 122 -5.40 -11.94 34.78
C VAL D 122 -6.69 -11.13 34.81
N LEU D 123 -6.57 -9.88 35.27
CA LEU D 123 -7.69 -8.95 35.28
C LEU D 123 -7.83 -8.31 33.91
N ASP D 124 -8.84 -8.73 33.16
CA ASP D 124 -9.02 -8.33 31.77
C ASP D 124 -10.18 -7.38 31.56
N SER D 125 -10.01 -6.50 30.58
CA SER D 125 -11.09 -5.64 30.10
C SER D 125 -10.75 -5.15 28.70
N ALA D 126 -11.77 -4.87 27.90
CA ALA D 126 -11.57 -4.24 26.60
C ALA D 126 -10.78 -2.94 26.76
N HIS D 127 -10.99 -2.26 27.89
CA HIS D 127 -10.36 -0.99 28.17
C HIS D 127 -9.73 -0.99 29.57
N GLY D 128 -8.47 -1.39 29.66
CA GLY D 128 -7.79 -1.51 30.93
C GLY D 128 -7.58 -0.21 31.69
N HIS D 129 -7.38 0.88 30.96
CA HIS D 129 -7.15 2.17 31.61
C HIS D 129 -8.46 2.84 32.03
N SER D 130 -9.09 2.28 33.06
CA SER D 130 -10.38 2.80 33.50
C SER D 130 -10.57 2.69 35.01
N LEU D 131 -11.50 3.50 35.52
CA LEU D 131 -11.78 3.59 36.94
C LEU D 131 -12.13 2.23 37.55
N ASN D 132 -13.07 1.53 36.93
CA ASN D 132 -13.50 0.22 37.42
C ASN D 132 -12.37 -0.81 37.51
N ILE D 133 -11.49 -0.81 36.51
CA ILE D 133 -10.36 -1.73 36.51
C ILE D 133 -9.40 -1.42 37.66
N ILE D 134 -9.02 -0.16 37.80
CA ILE D 134 -8.12 0.26 38.86
C ILE D 134 -8.69 -0.08 40.24
N ARG D 135 -9.98 0.16 40.42
CA ARG D 135 -10.64 -0.15 41.68
C ARG D 135 -10.57 -1.65 41.99
N THR D 136 -10.85 -2.48 40.99
CA THR D 136 -10.80 -3.92 41.17
C THR D 136 -9.39 -4.39 41.52
N LEU D 137 -8.40 -3.80 40.85
CA LEU D 137 -7.00 -4.12 41.10
C LEU D 137 -6.61 -3.81 42.55
N LYS D 138 -6.94 -2.61 43.00
CA LYS D 138 -6.60 -2.19 44.37
C LYS D 138 -7.31 -3.07 45.40
N GLU D 139 -8.51 -3.52 45.06
CA GLU D 139 -9.28 -4.34 45.97
C GLU D 139 -8.66 -5.73 46.09
N ILE D 140 -8.25 -6.30 44.96
CA ILE D 140 -7.58 -7.59 44.95
C ILE D 140 -6.28 -7.55 45.76
N LYS D 141 -5.43 -6.57 45.44
CA LYS D 141 -4.12 -6.44 46.09
C LYS D 141 -4.22 -6.27 47.60
N SER D 142 -5.37 -5.81 48.10
CA SER D 142 -5.53 -5.55 49.52
C SER D 142 -6.24 -6.70 50.25
N LYS D 143 -6.97 -7.53 49.50
CA LYS D 143 -7.73 -8.62 50.12
C LYS D 143 -7.01 -9.97 50.01
N MET D 144 -6.08 -10.09 49.07
CA MET D 144 -5.41 -11.36 48.87
C MET D 144 -3.98 -11.19 48.35
N ASN D 145 -3.18 -12.24 48.49
CA ASN D 145 -1.80 -12.22 48.05
C ASN D 145 -1.60 -13.02 46.76
N ILE D 146 -1.52 -12.31 45.65
CA ILE D 146 -1.28 -12.96 44.37
C ILE D 146 -0.81 -11.96 43.34
N ASP D 147 -0.08 -12.44 42.33
CA ASP D 147 0.32 -11.61 41.22
C ASP D 147 -0.85 -11.35 40.27
N VAL D 148 -1.05 -10.08 39.92
CA VAL D 148 -2.13 -9.71 39.03
C VAL D 148 -1.57 -9.11 37.74
N ILE D 149 -1.95 -9.68 36.61
CA ILE D 149 -1.72 -9.09 35.31
C ILE D 149 -2.95 -8.28 34.92
N VAL D 150 -2.76 -7.04 34.48
CA VAL D 150 -3.87 -6.17 34.09
C VAL D 150 -3.75 -5.70 32.64
N GLY D 151 -4.87 -5.71 31.93
CA GLY D 151 -4.92 -5.26 30.55
C GLY D 151 -6.36 -5.05 30.10
N ASN D 152 -6.56 -4.65 28.85
CA ASN D 152 -5.45 -4.35 27.95
C ASN D 152 -5.25 -2.84 27.81
N VAL D 153 -4.00 -2.42 27.68
CA VAL D 153 -3.67 -1.00 27.54
C VAL D 153 -2.73 -0.78 26.34
N VAL D 154 -2.61 0.46 25.89
CA VAL D 154 -1.71 0.76 24.76
C VAL D 154 -0.93 2.06 24.94
N THR D 155 -1.03 2.70 26.12
CA THR D 155 -0.36 3.98 26.33
C THR D 155 0.56 4.01 27.54
N GLU D 156 1.47 4.99 27.53
CA GLU D 156 2.41 5.20 28.63
C GLU D 156 1.69 5.56 29.93
N GLU D 157 0.66 6.41 29.82
CA GLU D 157 -0.09 6.85 30.99
C GLU D 157 -0.83 5.69 31.66
N ALA D 158 -1.36 4.80 30.85
CA ALA D 158 -2.08 3.63 31.34
C ALA D 158 -1.14 2.70 32.07
N THR D 159 0.00 2.44 31.46
CA THR D 159 1.01 1.56 32.02
C THR D 159 1.49 2.09 33.37
N LYS D 160 1.71 3.41 33.44
CA LYS D 160 2.21 4.00 34.68
C LYS D 160 1.18 3.90 35.79
N GLU D 161 -0.08 4.19 35.46
CA GLU D 161 -1.13 4.21 36.47
C GLU D 161 -1.39 2.80 37.02
N LEU D 162 -1.40 1.80 36.15
CA LEU D 162 -1.63 0.43 36.59
C LEU D 162 -0.50 -0.07 37.48
N ILE D 163 0.73 0.27 37.12
CA ILE D 163 1.89 -0.12 37.92
C ILE D 163 1.85 0.53 39.30
N GLU D 164 1.48 1.81 39.36
CA GLU D 164 1.39 2.54 40.61
C GLU D 164 0.35 1.94 41.54
N ASN D 165 -0.67 1.31 40.97
CA ASN D 165 -1.73 0.71 41.75
C ASN D 165 -1.52 -0.78 42.00
N GLY D 166 -0.32 -1.27 41.66
CA GLY D 166 0.10 -2.60 42.08
C GLY D 166 0.07 -3.72 41.05
N ALA D 167 -0.12 -3.39 39.77
CA ALA D 167 -0.11 -4.42 38.73
C ALA D 167 1.26 -5.11 38.72
N ASP D 168 1.25 -6.43 38.59
CA ASP D 168 2.50 -7.20 38.59
C ASP D 168 2.90 -7.55 37.16
N GLY D 169 2.03 -7.23 36.22
CA GLY D 169 2.32 -7.41 34.81
C GLY D 169 1.34 -6.55 34.02
N ILE D 170 1.75 -6.15 32.83
CA ILE D 170 0.93 -5.27 31.99
C ILE D 170 0.63 -5.94 30.67
N LYS D 171 -0.64 -6.11 30.34
CA LYS D 171 -1.00 -6.75 29.09
C LYS D 171 -1.37 -5.73 28.02
N VAL D 172 -0.66 -5.79 26.91
CA VAL D 172 -0.76 -4.76 25.88
C VAL D 172 -1.43 -5.27 24.62
N GLY D 173 -2.43 -4.53 24.14
CA GLY D 173 -3.08 -4.89 22.89
C GLY D 173 -4.52 -4.47 22.79
N ILE D 174 -4.76 -3.39 22.04
CA ILE D 174 -6.12 -3.00 21.66
C ILE D 174 -6.13 -2.75 20.16
N GLY D 175 -6.84 -3.60 19.42
CA GLY D 175 -6.76 -3.56 17.98
C GLY D 175 -6.16 -4.74 17.22
N PRO D 176 -5.16 -5.45 17.79
CA PRO D 176 -4.39 -6.32 16.89
C PRO D 176 -4.89 -7.77 16.74
N GLY D 177 -5.77 -8.23 17.63
CA GLY D 177 -6.24 -9.60 17.57
C GLY D 177 -6.86 -9.99 16.25
N SER D 178 -6.66 -11.24 15.85
CA SER D 178 -7.15 -11.72 14.55
C SER D 178 -8.67 -11.68 14.41
N ILE D 179 -9.37 -11.80 15.53
CA ILE D 179 -10.83 -11.80 15.52
C ILE D 179 -11.41 -10.49 16.03
N OCS D 180 -10.56 -9.47 16.09
CA OCS D 180 -10.92 -8.21 16.71
CB OCS D 180 -9.66 -7.56 17.29
SG OCS D 180 -9.84 -5.84 17.80
C OCS D 180 -11.62 -7.26 15.74
O OCS D 180 -11.17 -7.06 14.62
OD1 OCS D 180 -11.12 -5.80 18.53
OD2 OCS D 180 -9.86 -4.92 16.63
OD3 OCS D 180 -8.77 -5.58 18.78
N THR D 181 -12.73 -6.66 16.17
CA THR D 181 -13.40 -5.65 15.37
C THR D 181 -13.55 -4.34 16.12
N THR D 182 -12.81 -4.17 17.22
CA THR D 182 -12.82 -2.91 17.95
C THR D 182 -12.38 -1.78 17.02
N ARG D 183 -11.40 -2.09 16.17
N ARG D 183 -11.41 -2.08 16.16
CA ARG D 183 -10.87 -1.11 15.23
CA ARG D 183 -10.88 -1.09 15.23
C ARG D 183 -11.92 -0.60 14.24
C ARG D 183 -11.92 -0.59 14.24
N ILE D 184 -12.88 -1.44 13.89
CA ILE D 184 -13.91 -1.03 12.92
C ILE D 184 -15.22 -0.63 13.61
N VAL D 185 -15.51 -1.18 14.78
CA VAL D 185 -16.75 -0.87 15.49
C VAL D 185 -16.60 0.44 16.27
N ALA D 186 -15.49 0.60 16.96
CA ALA D 186 -15.24 1.78 17.76
C ALA D 186 -14.26 2.74 17.09
N GLY D 187 -13.51 2.25 16.10
CA GLY D 187 -12.51 3.06 15.42
C GLY D 187 -11.29 3.31 16.30
N VAL D 188 -11.08 2.40 17.24
CA VAL D 188 -10.06 2.57 18.28
C VAL D 188 -8.97 1.51 18.17
N GLY D 189 -7.73 1.92 18.41
CA GLY D 189 -6.63 0.98 18.47
C GLY D 189 -5.26 1.62 18.32
N VAL D 190 -4.23 0.83 18.59
CA VAL D 190 -2.85 1.23 18.35
C VAL D 190 -2.09 0.03 17.78
N PRO D 191 -1.41 0.22 16.64
CA PRO D 191 -0.60 -0.83 16.02
C PRO D 191 0.37 -1.45 17.04
N GLN D 192 0.50 -2.77 17.02
CA GLN D 192 1.06 -3.46 18.19
C GLN D 192 2.53 -3.19 18.47
N ILE D 193 3.35 -2.93 17.45
CA ILE D 193 4.77 -2.63 17.72
C ILE D 193 4.86 -1.31 18.49
N THR D 194 4.17 -0.30 17.99
CA THR D 194 4.11 1.01 18.63
C THR D 194 3.60 0.91 20.07
N ALA D 195 2.56 0.10 20.27
CA ALA D 195 1.95 -0.02 21.59
C ALA D 195 2.92 -0.68 22.58
N ILE D 196 3.64 -1.71 22.14
CA ILE D 196 4.61 -2.36 23.01
C ILE D 196 5.72 -1.37 23.39
N GLU D 197 6.18 -0.59 22.41
CA GLU D 197 7.24 0.39 22.66
C GLU D 197 6.84 1.46 23.67
N LYS D 198 5.65 2.01 23.51
CA LYS D 198 5.14 3.03 24.41
C LYS D 198 5.09 2.49 25.83
N CYS D 199 4.49 1.32 25.97
CA CYS D 199 4.27 0.75 27.30
C CYS D 199 5.58 0.26 27.94
N SER D 200 6.45 -0.32 27.13
N SER D 200 6.46 -0.33 27.12
CA SER D 200 7.76 -0.80 27.62
CA SER D 200 7.76 -0.79 27.59
C SER D 200 8.65 0.35 28.07
C SER D 200 8.63 0.36 28.09
N SER D 201 8.45 1.53 27.49
CA SER D 201 9.24 2.71 27.84
C SER D 201 8.98 3.13 29.30
N VAL D 202 7.82 2.76 29.83
CA VAL D 202 7.50 3.06 31.23
C VAL D 202 7.80 1.88 32.14
N ALA D 203 7.37 0.69 31.73
CA ALA D 203 7.39 -0.50 32.59
C ALA D 203 8.80 -1.07 32.83
N SER D 204 9.71 -0.87 31.88
CA SER D 204 11.02 -1.52 31.96
C SER D 204 11.82 -1.09 33.19
N LYS D 205 11.88 0.20 33.47
CA LYS D 205 12.61 0.67 34.65
C LYS D 205 11.97 0.17 35.95
N PHE D 206 10.65 -0.02 35.95
CA PHE D 206 9.97 -0.56 37.13
C PHE D 206 10.20 -2.06 37.27
N GLY D 207 10.74 -2.67 36.21
CA GLY D 207 10.97 -4.10 36.21
C GLY D 207 9.67 -4.87 36.08
N ILE D 208 8.66 -4.23 35.50
CA ILE D 208 7.34 -4.85 35.34
C ILE D 208 7.18 -5.38 33.92
N PRO D 209 6.96 -6.70 33.80
CA PRO D 209 6.83 -7.38 32.52
C PRO D 209 5.65 -6.90 31.67
N ILE D 210 5.89 -6.80 30.38
CA ILE D 210 4.86 -6.48 29.39
C ILE D 210 4.45 -7.74 28.64
N ILE D 211 3.15 -8.04 28.63
CA ILE D 211 2.65 -9.15 27.81
C ILE D 211 2.09 -8.59 26.50
N ALA D 212 2.69 -9.00 25.38
CA ALA D 212 2.19 -8.58 24.06
C ALA D 212 1.04 -9.47 23.62
N ASP D 213 -0.17 -8.94 23.64
CA ASP D 213 -1.38 -9.75 23.46
C ASP D 213 -2.10 -9.46 22.15
N GLY D 214 -2.10 -10.43 21.25
CA GLY D 214 -2.84 -10.34 20.01
C GLY D 214 -1.99 -10.07 18.79
N GLY D 215 -2.42 -10.59 17.64
CA GLY D 215 -1.80 -10.24 16.38
C GLY D 215 -0.69 -11.17 15.93
N ILE D 216 -0.26 -12.09 16.80
CA ILE D 216 0.77 -13.05 16.44
C ILE D 216 0.22 -14.01 15.39
N ARG D 217 0.85 -14.05 14.21
CA ARG D 217 0.44 -14.96 13.16
C ARG D 217 1.56 -15.95 12.79
N TYR D 218 2.79 -15.49 12.94
CA TYR D 218 3.97 -16.29 12.59
C TYR D 218 4.96 -16.24 13.72
N SER D 219 5.85 -17.23 13.78
CA SER D 219 6.90 -17.25 14.79
C SER D 219 7.73 -15.96 14.75
N GLY D 220 7.91 -15.41 13.54
CA GLY D 220 8.64 -14.16 13.38
C GLY D 220 8.08 -13.00 14.18
N ASP D 221 6.76 -13.00 14.38
CA ASP D 221 6.09 -11.94 15.15
C ASP D 221 6.46 -11.99 16.64
N ILE D 222 6.70 -13.19 17.14
CA ILE D 222 7.08 -13.32 18.54
C ILE D 222 8.43 -12.62 18.78
N GLY D 223 9.39 -12.91 17.91
CA GLY D 223 10.68 -12.22 17.96
C GLY D 223 10.54 -10.72 17.96
N LYS D 224 9.72 -10.20 17.05
CA LYS D 224 9.50 -8.76 16.93
C LYS D 224 8.95 -8.18 18.23
N ALA D 225 7.93 -8.84 18.77
CA ALA D 225 7.29 -8.39 20.01
C ALA D 225 8.28 -8.32 21.16
N LEU D 226 9.04 -9.39 21.36
CA LEU D 226 9.99 -9.44 22.45
C LEU D 226 11.11 -8.43 22.25
N ALA D 227 11.54 -8.26 21.00
CA ALA D 227 12.66 -7.38 20.68
C ALA D 227 12.41 -5.92 21.04
N VAL D 228 11.17 -5.47 20.91
CA VAL D 228 10.89 -4.06 21.19
C VAL D 228 10.41 -3.82 22.63
N GLY D 229 10.41 -4.85 23.47
CA GLY D 229 10.17 -4.61 24.89
C GLY D 229 9.35 -5.62 25.68
N ALA D 230 8.60 -6.48 24.99
CA ALA D 230 7.75 -7.44 25.68
C ALA D 230 8.57 -8.53 26.36
N SER D 231 8.02 -9.09 27.44
CA SER D 231 8.65 -10.22 28.12
C SER D 231 8.01 -11.55 27.69
N SER D 232 6.82 -11.46 27.10
CA SER D 232 6.10 -12.65 26.65
C SER D 232 4.99 -12.26 25.69
N VAL D 233 4.42 -13.25 25.03
CA VAL D 233 3.34 -13.00 24.08
C VAL D 233 2.17 -13.92 24.39
N MET D 234 0.96 -13.40 24.19
CA MET D 234 -0.24 -14.20 24.37
C MET D 234 -0.80 -14.55 23.01
N ILE D 235 -1.20 -15.81 22.84
CA ILE D 235 -1.57 -16.30 21.52
C ILE D 235 -2.92 -17.01 21.55
N GLY D 236 -3.77 -16.67 20.59
CA GLY D 236 -5.10 -17.25 20.51
C GLY D 236 -5.33 -18.12 19.29
N SER D 237 -5.47 -17.49 18.12
CA SER D 237 -5.89 -18.19 16.91
C SER D 237 -4.96 -19.34 16.51
N ILE D 238 -3.66 -19.17 16.73
CA ILE D 238 -2.71 -20.23 16.39
C ILE D 238 -2.99 -21.49 17.22
N LEU D 239 -3.34 -21.30 18.50
CA LEU D 239 -3.57 -22.45 19.36
C LEU D 239 -5.00 -22.99 19.27
N ALA D 240 -5.93 -22.14 18.84
CA ALA D 240 -7.32 -22.55 18.65
C ALA D 240 -7.47 -23.75 17.70
N GLY D 241 -6.58 -23.85 16.72
CA GLY D 241 -6.64 -24.93 15.75
C GLY D 241 -6.11 -26.27 16.22
N THR D 242 -5.56 -26.31 17.44
CA THR D 242 -4.93 -27.54 17.92
C THR D 242 -5.92 -28.45 18.63
N GLU D 243 -5.55 -29.73 18.77
CA GLU D 243 -6.43 -30.73 19.34
C GLU D 243 -6.69 -30.47 20.81
N GLU D 244 -5.79 -29.74 21.47
CA GLU D 244 -5.91 -29.49 22.90
C GLU D 244 -6.87 -28.35 23.23
N SER D 245 -7.29 -27.57 22.23
CA SER D 245 -8.20 -26.46 22.53
C SER D 245 -9.62 -26.99 22.67
N PRO D 246 -10.47 -26.26 23.42
CA PRO D 246 -11.83 -26.75 23.70
C PRO D 246 -12.84 -26.51 22.57
N GLY D 247 -12.43 -25.80 21.52
CA GLY D 247 -13.35 -25.50 20.43
C GLY D 247 -13.86 -26.73 19.70
N GLU D 248 -15.10 -26.66 19.24
CA GLU D 248 -15.70 -27.73 18.45
C GLU D 248 -15.06 -27.84 17.07
N LYS D 249 -15.27 -28.96 16.39
CA LYS D 249 -14.73 -29.20 15.05
C LYS D 249 -15.83 -29.22 14.00
N GLU D 250 -15.55 -28.61 12.85
CA GLU D 250 -16.52 -28.62 11.75
C GLU D 250 -15.82 -28.93 10.44
N LEU D 251 -16.42 -29.80 9.64
CA LEU D 251 -15.88 -30.13 8.33
C LEU D 251 -16.49 -29.24 7.25
N ILE D 252 -15.73 -28.25 6.80
CA ILE D 252 -16.20 -27.37 5.74
C ILE D 252 -15.67 -27.85 4.39
N GLY D 253 -16.51 -28.57 3.66
CA GLY D 253 -16.13 -29.09 2.35
C GLY D 253 -15.03 -30.12 2.39
N ASP D 254 -13.79 -29.66 2.32
CA ASP D 254 -12.65 -30.55 2.19
C ASP D 254 -11.89 -30.72 3.49
N THR D 255 -11.72 -29.63 4.24
CA THR D 255 -10.83 -29.64 5.40
C THR D 255 -11.55 -29.46 6.74
N VAL D 256 -10.91 -29.92 7.80
CA VAL D 256 -11.45 -29.80 9.15
C VAL D 256 -11.09 -28.46 9.78
N TYR D 257 -12.09 -27.78 10.33
CA TYR D 257 -11.88 -26.50 10.99
C TYR D 257 -12.28 -26.54 12.46
N LYS D 258 -11.63 -25.72 13.28
CA LYS D 258 -12.03 -25.53 14.66
C LYS D 258 -12.68 -24.16 14.84
N TYR D 259 -13.72 -24.10 15.66
CA TYR D 259 -14.36 -22.83 15.98
C TYR D 259 -13.37 -21.93 16.72
N TYR D 260 -13.39 -20.64 16.39
CA TYR D 260 -12.58 -19.65 17.10
C TYR D 260 -13.33 -18.32 17.08
N ARG D 261 -13.67 -17.82 18.27
CA ARG D 261 -14.51 -16.63 18.36
C ARG D 261 -13.98 -15.64 19.39
N GLY D 262 -14.16 -14.36 19.14
CA GLY D 262 -13.79 -13.34 20.11
C GLY D 262 -14.69 -13.45 21.33
N MET D 263 -14.17 -13.07 22.49
CA MET D 263 -14.97 -13.12 23.70
C MET D 263 -16.01 -11.99 23.69
N GLY D 264 -15.85 -11.09 22.73
CA GLY D 264 -16.79 -10.00 22.55
C GLY D 264 -17.70 -10.20 21.35
N SER D 265 -17.75 -11.44 20.85
CA SER D 265 -18.68 -11.79 19.78
C SER D 265 -20.06 -12.07 20.36
N VAL D 266 -21.06 -12.08 19.49
CA VAL D 266 -22.44 -12.35 19.91
C VAL D 266 -22.55 -13.71 20.60
N GLY D 267 -21.98 -14.74 19.98
CA GLY D 267 -22.07 -16.09 20.50
C GLY D 267 -21.40 -16.27 21.86
N ALA D 268 -20.26 -15.62 22.05
CA ALA D 268 -19.53 -15.71 23.31
C ALA D 268 -20.28 -14.99 24.42
N MET D 269 -20.95 -13.90 24.07
CA MET D 269 -21.70 -13.12 25.05
C MET D 269 -23.06 -13.72 25.38
N LYS D 270 -23.49 -14.69 24.56
CA LYS D 270 -24.73 -15.40 24.83
C LYS D 270 -24.50 -16.56 25.78
N SER D 271 -23.27 -17.09 25.77
CA SER D 271 -22.90 -18.19 26.66
C SER D 271 -23.00 -17.79 28.12
N LYS D 286 -29.63 -5.98 20.96
CA LYS D 286 -29.19 -5.07 22.02
C LYS D 286 -27.69 -5.14 22.22
N MET D 287 -27.07 -6.22 21.75
CA MET D 287 -25.62 -6.38 21.89
C MET D 287 -24.87 -5.54 20.86
N VAL D 288 -23.70 -5.05 21.25
CA VAL D 288 -22.80 -4.39 20.30
C VAL D 288 -21.46 -5.11 20.33
N PRO D 289 -21.33 -6.16 19.51
CA PRO D 289 -20.14 -7.01 19.49
C PRO D 289 -18.89 -6.29 19.01
N GLU D 290 -17.74 -6.66 19.58
CA GLU D 290 -16.45 -6.13 19.14
C GLU D 290 -15.51 -7.28 18.79
N GLY D 291 -16.08 -8.41 18.40
CA GLY D 291 -15.31 -9.55 17.95
C GLY D 291 -16.14 -10.42 17.02
N ILE D 292 -15.48 -11.22 16.19
CA ILE D 292 -16.18 -12.09 15.26
C ILE D 292 -16.18 -13.54 15.68
N GLU D 293 -17.06 -14.32 15.05
CA GLU D 293 -17.07 -15.76 15.21
C GLU D 293 -16.48 -16.38 13.95
N GLY D 294 -15.32 -17.00 14.07
CA GLY D 294 -14.62 -17.53 12.91
C GLY D 294 -14.23 -18.98 13.00
N ARG D 295 -13.53 -19.43 11.96
CA ARG D 295 -13.03 -20.80 11.88
C ARG D 295 -11.54 -20.76 11.57
N VAL D 296 -10.80 -21.72 12.11
CA VAL D 296 -9.39 -21.87 11.78
C VAL D 296 -9.11 -23.33 11.43
N LYS D 297 -8.21 -23.54 10.47
CA LYS D 297 -7.85 -24.89 10.05
C LYS D 297 -7.30 -25.70 11.22
N TYR D 298 -7.74 -26.95 11.32
CA TYR D 298 -7.25 -27.86 12.35
C TYR D 298 -5.77 -28.20 12.11
N LYS D 299 -4.95 -28.06 13.16
CA LYS D 299 -3.51 -28.21 13.03
C LYS D 299 -2.91 -29.41 13.77
N GLY D 300 -3.76 -30.16 14.48
CA GLY D 300 -3.30 -31.32 15.22
C GLY D 300 -2.69 -30.99 16.56
N GLU D 301 -1.67 -31.74 16.97
CA GLU D 301 -1.04 -31.56 18.27
C GLU D 301 -0.42 -30.18 18.48
N MET D 302 -0.68 -29.57 19.63
CA MET D 302 -0.10 -28.26 19.95
C MET D 302 1.42 -28.33 20.13
N GLU D 303 1.93 -29.51 20.47
CA GLU D 303 3.37 -29.65 20.72
C GLU D 303 4.18 -29.28 19.49
N GLY D 304 3.84 -29.86 18.35
CA GLY D 304 4.51 -29.55 17.11
C GLY D 304 4.37 -28.08 16.74
N VAL D 305 3.20 -27.51 16.98
CA VAL D 305 2.93 -26.11 16.69
C VAL D 305 3.82 -25.20 17.56
N VAL D 306 3.83 -25.46 18.86
CA VAL D 306 4.68 -24.72 19.79
C VAL D 306 6.16 -24.93 19.47
N TYR D 307 6.51 -26.13 19.00
CA TYR D 307 7.89 -26.41 18.62
C TYR D 307 8.37 -25.45 17.52
N GLN D 308 7.55 -25.23 16.50
N GLN D 308 7.55 -25.25 16.49
CA GLN D 308 7.92 -24.37 15.39
CA GLN D 308 7.92 -24.36 15.40
C GLN D 308 7.99 -22.90 15.80
C GLN D 308 8.06 -22.93 15.89
N LEU D 309 7.12 -22.49 16.71
CA LEU D 309 7.12 -21.12 17.23
C LEU D 309 8.38 -20.83 18.03
N VAL D 310 8.71 -21.73 18.94
CA VAL D 310 9.93 -21.65 19.73
C VAL D 310 11.16 -21.71 18.81
N GLY D 311 11.13 -22.62 17.84
CA GLY D 311 12.21 -22.72 16.87
C GLY D 311 12.45 -21.41 16.11
N GLY D 312 11.37 -20.74 15.71
CA GLY D 312 11.50 -19.48 14.99
C GLY D 312 12.08 -18.38 15.85
N LEU D 313 11.70 -18.36 17.12
CA LEU D 313 12.23 -17.37 18.05
C LEU D 313 13.71 -17.60 18.32
N ARG D 314 14.11 -18.86 18.46
CA ARG D 314 15.51 -19.20 18.61
C ARG D 314 16.32 -18.74 17.41
N SER D 315 15.78 -18.96 16.22
CA SER D 315 16.41 -18.49 14.98
C SER D 315 16.59 -16.97 15.00
N CYS D 316 15.56 -16.26 15.43
CA CYS D 316 15.60 -14.80 15.56
C CYS D 316 16.71 -14.32 16.49
N MET D 317 16.76 -14.88 17.69
CA MET D 317 17.72 -14.44 18.68
C MET D 317 19.14 -14.76 18.24
N GLY D 318 19.29 -15.83 17.48
CA GLY D 318 20.57 -16.17 16.86
C GLY D 318 21.03 -15.10 15.88
N TYR D 319 20.14 -14.67 14.98
CA TYR D 319 20.44 -13.60 14.04
C TYR D 319 20.84 -12.31 14.74
N LEU D 320 20.24 -12.07 15.91
CA LEU D 320 20.48 -10.82 16.62
C LEU D 320 21.55 -10.96 17.72
N GLY D 321 22.32 -12.04 17.66
CA GLY D 321 23.41 -12.29 18.60
C GLY D 321 23.00 -12.23 20.07
N SER D 322 21.76 -12.59 20.36
CA SER D 322 21.23 -12.41 21.71
C SER D 322 20.99 -13.75 22.42
N ALA D 323 21.75 -13.99 23.49
CA ALA D 323 21.69 -15.26 24.22
C ALA D 323 20.55 -15.33 25.22
N SER D 324 19.86 -14.20 25.42
CA SER D 324 18.74 -14.12 26.35
C SER D 324 17.82 -13.01 25.90
N ILE D 325 16.67 -12.87 26.57
CA ILE D 325 15.72 -11.81 26.18
C ILE D 325 16.24 -10.46 26.64
N GLU D 326 16.89 -10.43 27.81
CA GLU D 326 17.53 -9.20 28.29
C GLU D 326 18.52 -8.67 27.26
N GLU D 327 19.27 -9.57 26.66
CA GLU D 327 20.24 -9.22 25.62
C GLU D 327 19.53 -8.73 24.36
N LEU D 328 18.44 -9.40 24.01
CA LEU D 328 17.65 -9.02 22.84
C LEU D 328 17.14 -7.58 22.96
N TRP D 329 16.62 -7.20 24.13
CA TRP D 329 16.16 -5.83 24.37
C TRP D 329 17.27 -4.83 24.16
N LYS D 330 18.48 -5.24 24.55
CA LYS D 330 19.64 -4.38 24.49
C LYS D 330 20.14 -4.20 23.06
N LYS D 331 20.12 -5.27 22.27
CA LYS D 331 20.80 -5.27 20.98
C LYS D 331 19.89 -5.07 19.76
N SER D 332 18.59 -5.18 19.95
CA SER D 332 17.68 -5.22 18.82
C SER D 332 17.52 -3.86 18.16
N SER D 333 17.41 -3.89 16.84
CA SER D 333 17.01 -2.72 16.07
C SER D 333 16.15 -3.22 14.93
N TYR D 334 15.35 -2.35 14.34
CA TYR D 334 14.53 -2.78 13.22
C TYR D 334 14.48 -1.75 12.10
N VAL D 335 14.07 -2.22 10.93
CA VAL D 335 13.92 -1.38 9.76
C VAL D 335 12.44 -1.41 9.35
N GLU D 336 11.94 -0.25 8.95
CA GLU D 336 10.56 -0.11 8.52
C GLU D 336 10.46 -0.46 7.04
N ILE D 337 9.53 -1.34 6.67
CA ILE D 337 9.41 -1.77 5.27
C ILE D 337 8.07 -1.38 4.64
N THR D 338 8.01 -1.47 3.31
CA THR D 338 6.78 -1.24 2.55
C THR D 338 5.91 -2.50 2.53
N THR D 339 4.60 -2.32 2.62
CA THR D 339 3.66 -3.43 2.52
C THR D 339 2.54 -3.11 1.54
N ASP D 349 6.00 -15.50 -8.99
CA ASP D 349 6.75 -16.35 -9.90
C ASP D 349 6.96 -17.76 -9.33
N VAL D 350 7.02 -17.86 -8.01
CA VAL D 350 7.21 -19.15 -7.35
C VAL D 350 5.96 -19.60 -6.60
N GLU D 351 5.34 -20.68 -7.08
CA GLU D 351 4.16 -21.23 -6.41
C GLU D 351 4.56 -22.32 -5.42
N ILE D 352 4.26 -22.10 -4.15
CA ILE D 352 4.59 -23.06 -3.11
C ILE D 352 3.81 -24.37 -3.32
N VAL D 353 4.46 -25.48 -3.04
CA VAL D 353 3.84 -26.80 -3.17
C VAL D 353 2.85 -27.05 -2.03
P IMP E . 15.92 -15.86 -5.81
O1P IMP E . 16.73 -15.61 -7.07
O2P IMP E . 15.07 -14.63 -5.53
O3P IMP E . 15.20 -17.17 -5.97
O5' IMP E . 16.92 -15.96 -4.58
C5' IMP E . 17.94 -16.96 -4.53
C4' IMP E . 18.75 -16.82 -3.26
O4' IMP E . 17.96 -17.19 -2.12
C3' IMP E . 19.98 -17.70 -3.14
O3' IMP E . 21.09 -17.19 -3.87
C2' IMP E . 20.22 -17.72 -1.62
O2' IMP E . 20.95 -16.57 -1.22
C1' IMP E . 18.80 -17.60 -1.07
N9 IMP E . 18.30 -18.86 -0.50
C8 IMP E . 18.51 -20.14 -0.94
N7 IMP E . 17.84 -20.98 -0.11
C5 IMP E . 17.21 -20.25 0.85
C6 IMP E . 16.40 -20.60 1.93
O6 IMP E . 16.03 -21.76 2.11
N1 IMP E . 15.90 -19.59 2.74
C2 IMP E . 16.19 -18.28 2.47
N3 IMP E . 16.99 -17.95 1.40
C4 IMP E . 17.49 -18.91 0.60
C1 I13 F . 18.37 -23.45 8.40
C2 I13 F . 19.21 -24.60 8.96
C3 I13 F . 16.95 -23.91 8.18
C4 I13 F . 19.41 -21.59 9.70
C5 I13 F . 20.02 -19.84 11.26
C6 I13 F . 21.37 -20.14 11.34
C7 I13 F . 22.22 -19.40 12.16
N1 I13 F . 18.36 -22.32 9.34
N2 I13 F . 19.14 -20.54 10.49
N3 I13 F . 23.58 -19.71 12.22
C9 I13 F . 20.38 -18.02 12.83
C8 I13 F . 21.73 -18.34 12.90
O1 I13 F . 24.21 -20.32 11.14
O2 I13 F . 24.31 -19.43 13.38
CL I13 F . 22.84 -17.41 13.94
C10 I13 F . 19.53 -18.78 12.02
O I13 F . 20.54 -21.86 9.30
C12 I13 F . 18.92 -23.07 7.06
C17 I13 F . 18.76 -21.76 6.57
C16 I13 F . 19.25 -21.40 5.32
C15 I13 F . 19.91 -22.35 4.54
C14 I13 F . 20.07 -23.65 5.01
C13 I13 F . 19.56 -24.01 6.27
C18 I13 F . 19.09 -20.00 4.84
C19 I13 F . 18.12 -19.06 5.47
N4 I13 F . 19.81 -19.56 3.89
O3 I13 F . 19.69 -18.38 3.49
C47 I13 F . 20.66 -17.82 2.60
C48 I13 F . 20.65 -16.30 2.72
N5 I13 F . 19.29 -15.80 2.52
C1 GOL G . 42.85 -16.59 -6.78
O1 GOL G . 42.33 -15.54 -7.56
C2 GOL G . 42.18 -17.91 -7.17
O2 GOL G . 40.79 -17.79 -6.93
C3 GOL G . 42.41 -18.18 -8.65
O3 GOL G . 42.08 -17.05 -9.41
C1 PEG H . 19.39 -23.67 13.97
O1 PEG H . 20.30 -24.15 12.97
C2 PEG H . 17.95 -23.87 13.53
O2 PEG H . 17.78 -25.20 13.08
C3 PEG H . 16.62 -25.81 13.64
C4 PEG H . 16.43 -27.20 13.05
O4 PEG H . 16.03 -27.06 11.68
P IMP I . -1.20 5.34 -22.56
O1P IMP I . -1.16 5.34 -21.05
O2P IMP I . -1.55 4.05 -23.28
O3P IMP I . -2.15 6.41 -23.03
O5' IMP I . 0.26 5.76 -23.03
C5' IMP I . 0.62 5.86 -24.40
C4' IMP I . 2.05 6.30 -24.54
O4' IMP I . 2.93 5.21 -24.19
C3' IMP I . 2.52 6.71 -25.93
O3' IMP I . 2.10 8.03 -26.28
C2' IMP I . 4.04 6.56 -25.82
O2' IMP I . 4.62 7.71 -25.21
C1' IMP I . 4.18 5.40 -24.84
N9 IMP I . 4.55 4.14 -25.51
C8 IMP I . 4.15 3.68 -26.74
N7 IMP I . 4.73 2.48 -26.95
C5 IMP I . 5.51 2.17 -25.87
C6 IMP I . 6.31 1.08 -25.57
O6 IMP I . 6.40 0.12 -26.34
N1 IMP I . 6.97 1.06 -24.37
C2 IMP I . 6.85 2.11 -23.48
N3 IMP I . 6.04 3.18 -23.78
C4 IMP I . 5.39 3.21 -24.97
C1 I13 J . 13.09 -0.43 -28.04
C2 I13 J . 13.85 -0.57 -29.36
C3 I13 J . 12.46 -1.76 -27.68
C4 I13 J . 14.63 1.13 -26.88
C5 I13 J . 16.31 2.21 -25.50
C6 I13 J . 16.76 3.11 -26.45
C7 I13 J . 17.79 4.00 -26.15
N1 I13 J . 13.99 -0.04 -26.97
N2 I13 J . 15.31 1.32 -25.74
N3 I13 J . 18.23 4.92 -27.11
C9 I13 J . 17.92 3.07 -23.93
C8 I13 J . 18.37 3.98 -24.89
O1 I13 J . 17.51 6.09 -27.33
O2 I13 J . 19.38 4.66 -27.85
CL I13 J . 19.70 5.10 -24.48
C10 I13 J . 16.89 2.19 -24.24
O I13 J . 14.60 1.95 -27.78
C12 I13 J . 11.97 0.56 -28.20
C17 I13 J . 11.46 1.25 -27.11
C16 I13 J . 10.41 2.15 -27.27
C15 I13 J . 9.87 2.37 -28.53
C14 I13 J . 10.36 1.67 -29.62
C13 I13 J . 11.41 0.76 -29.46
C18 I13 J . 9.87 2.90 -26.09
C19 I13 J . 10.23 2.52 -24.68
N4 I13 J . 9.11 3.89 -26.27
O3 I13 J . 8.65 4.55 -25.30
C47 I13 J . 7.91 5.75 -25.56
C48 I13 J . 8.02 6.68 -24.36
N5 I13 J . 7.74 5.94 -23.13
C1 GOL K . 4.80 26.85 -38.32
O1 GOL K . 5.69 27.07 -37.24
C2 GOL K . 4.80 25.36 -38.64
O2 GOL K . 5.04 24.64 -37.46
C3 GOL K . 3.43 24.97 -39.18
O3 GOL K . 3.60 24.06 -40.27
C1 PEG L . 18.12 -0.80 -27.76
O1 PEG L . 18.51 0.38 -28.46
C2 PEG L . 18.35 -2.02 -28.65
O2 PEG L . 17.18 -2.84 -28.62
C3 PEG L . 17.43 -4.15 -29.15
C4 PEG L . 16.14 -4.73 -29.68
O4 PEG L . 15.14 -4.72 -28.67
C1 I13 M . -23.20 17.06 -11.69
C2 I13 M . -24.21 17.91 -12.46
C3 I13 M . -23.06 15.70 -12.37
C4 I13 M . -21.61 18.89 -11.11
C5 I13 M . -19.80 20.50 -10.96
C6 I13 M . -20.57 21.63 -10.67
C7 I13 M . -19.96 22.87 -10.44
N1 I13 M . -21.88 17.70 -11.66
N2 I13 M . -20.33 19.27 -11.20
N3 I13 M . -20.74 23.99 -10.15
C9 I13 M . -17.81 21.85 -10.80
C8 I13 M . -18.58 22.97 -10.51
O1 I13 M . -22.11 23.84 -9.93
O2 I13 M . -20.17 25.26 -10.09
CL I13 M . -17.77 24.55 -10.23
C10 I13 M . -18.42 20.62 -11.02
O I13 M . -22.46 19.55 -10.57
C12 I13 M . -23.70 16.79 -10.31
C17 I13 M . -22.80 16.54 -9.28
C16 I13 M . -23.25 16.28 -8.00
C15 I13 M . -24.61 16.26 -7.73
C14 I13 M . -25.53 16.51 -8.75
C13 I13 M . -25.07 16.78 -10.04
C18 I13 M . -22.27 16.01 -6.91
C19 I13 M . -20.81 15.78 -7.20
N4 I13 M . -22.64 16.01 -5.71
O3 I13 M . -21.83 15.80 -4.76
C47 I13 M . -22.26 16.02 -3.42
C48 I13 M . -21.05 16.25 -2.53
N5 I13 M . -20.08 15.15 -2.75
P IMP N . -22.01 7.69 1.53
O1P IMP N . -20.55 7.34 1.71
O2P IMP N . -22.81 6.84 0.57
O3P IMP N . -22.69 7.63 2.88
O5' IMP N . -22.03 9.19 1.00
C5' IMP N . -23.25 9.90 0.82
C4' IMP N . -22.96 11.31 0.36
O4' IMP N . -22.41 11.30 -0.98
C3' IMP N . -24.15 12.26 0.24
O3' IMP N . -24.59 12.77 1.49
C2' IMP N . -23.60 13.34 -0.70
O2' IMP N . -22.80 14.27 0.02
C1' IMP N . -22.66 12.53 -1.61
N9 IMP N . -23.22 12.30 -2.95
C8 IMP N . -24.51 11.99 -3.31
N7 IMP N . -24.55 11.85 -4.67
C5 IMP N . -23.31 12.07 -5.16
C6 IMP N . -22.78 12.06 -6.46
O6 IMP N . -23.44 11.65 -7.41
N1 IMP N . -21.43 12.32 -6.63
C2 IMP N . -20.63 12.60 -5.55
N3 IMP N . -21.15 12.60 -4.28
C4 IMP N . -22.47 12.34 -4.08
C1 GOL O . -34.44 28.83 12.95
O1 GOL O . -34.26 29.24 14.29
C2 GOL O . -34.64 27.32 12.91
O2 GOL O . -34.43 26.86 11.59
C3 GOL O . -36.06 26.97 13.35
O3 GOL O . -36.00 26.23 14.55
C1 I13 P . -17.88 -6.01 24.80
C2 I13 P . -18.83 -6.14 25.99
C3 I13 P . -18.57 -6.43 23.53
C4 I13 P . -16.82 -3.86 25.52
C5 I13 P . -16.13 -1.57 25.87
C6 I13 P . -16.18 -1.56 27.27
C7 I13 P . -15.77 -0.45 27.98
N1 I13 P . -17.44 -4.63 24.61
N2 I13 P . -16.54 -2.63 25.10
N3 I13 P . -15.82 -0.46 29.37
C9 I13 P . -15.25 0.67 25.91
C8 I13 P . -15.30 0.67 27.30
O1 I13 P . -16.37 -1.55 30.04
O2 I13 P . -15.32 0.61 30.11
CL I13 P . -14.77 2.12 28.21
C10 I13 P . -15.68 -0.45 25.20
O I13 P . -16.53 -4.29 26.63
C12 I13 P . -16.71 -6.93 24.99
C17 I13 P . -15.47 -6.63 24.41
C16 I13 P . -14.40 -7.48 24.57
C15 I13 P . -14.54 -8.65 25.31
C14 I13 P . -15.76 -8.96 25.90
C13 I13 P . -16.85 -8.11 25.73
C18 I13 P . -13.08 -7.13 23.95
C19 I13 P . -12.99 -6.13 22.83
N4 I13 P . -12.02 -7.66 24.37
O3 I13 P . -10.90 -7.36 23.87
C47 I13 P . -9.72 -7.90 24.45
C48 I13 P . -8.54 -6.94 24.21
N5 I13 P . -8.32 -6.80 22.76
P IMP Q . -4.95 -13.52 18.27
O1P IMP Q . -3.87 -14.37 18.87
O2P IMP Q . -4.32 -12.59 17.24
O3P IMP Q . -6.06 -14.42 17.81
O5' IMP Q . -5.54 -12.58 19.40
C5' IMP Q . -6.01 -13.11 20.64
C4' IMP Q . -6.33 -11.99 21.60
O4' IMP Q . -7.45 -11.22 21.10
C3' IMP Q . -6.77 -12.40 23.00
O3' IMP Q . -5.68 -12.77 23.82
C2' IMP Q . -7.51 -11.15 23.49
O2' IMP Q . -6.59 -10.19 23.98
C1' IMP Q . -8.11 -10.60 22.19
N9 IMP Q . -9.56 -10.84 22.07
C8 IMP Q . -10.29 -11.92 22.47
N7 IMP Q . -11.59 -11.69 22.15
C5 IMP Q . -11.69 -10.49 21.53
C6 IMP Q . -12.76 -9.78 20.99
O6 IMP Q . -13.90 -10.26 20.94
N1 IMP Q . -12.52 -8.56 20.42
C2 IMP Q . -11.24 -8.05 20.38
N3 IMP Q . -10.19 -8.75 20.91
C4 IMP Q . -10.41 -9.95 21.47
C1 GOL R . 21.83 -1.38 17.91
O1 GOL R . 21.17 -1.52 19.16
C2 GOL R . 22.39 -2.74 17.49
O2 GOL R . 23.00 -2.64 16.23
C3 GOL R . 23.42 -3.19 18.53
O3 GOL R . 23.67 -4.57 18.38
#